data_8YXS
#
_entry.id   8YXS
#
_cell.length_a   256.987
_cell.length_b   109.736
_cell.length_c   179.891
_cell.angle_alpha   90.000
_cell.angle_beta   93.390
_cell.angle_gamma   90.000
#
_symmetry.space_group_name_H-M   'C 1 2 1'
#
loop_
_entity.id
_entity.type
_entity.pdbx_description
1 polymer 'Oxidoreductase AflY'
2 non-polymer 'FE (III) ION'
3 water water
#
_entity_poly.entity_id   1
_entity_poly.type   'polypeptide(L)'
_entity_poly.pdbx_seq_one_letter_code
;MGSTATATETVTLNSQIGLSDEHVGLLGDAVVDRASIQEANRLLQKNHEEWHMFFRDRAGHNHIAHSILTCLALGAGPAD
IQRAYDDGVGIQRPIPAVDGATVERLTDEAFFLETLGAITQYTSFLVFFQRQMDAHGWQAVVNKYVFSRNAIAEKMLARL
YEGAYHPVIHLGLGIEFQQPSLIAEALAQAAAHDDSHISRLFEACEAQAAIAYPPAHPKPLVQLLREARATEAIRSAPRW
EDFGNKMRDGVVGRALLEMAAIGSQFTVKPDERELQRRTAEMISVCAYMAGASQRPGRKRKIDFFYMHTLTSSLFFSVLI
RQDWISLADRVRLVEWKGRLDLAWYVVSGSAELHDDAITDYHDDFSADMGWKELYAAVNKEHDDGHVA(KCX)MIRALKN
GQEAARPFEAEYPDAFPVKGDMWLKIARMALDTTKDWPTDQKFVMFTGFDMGWKIRPDLA
;
_entity_poly.pdbx_strand_id   A,B,C,D,E
#
# COMPACT_ATOMS: atom_id res chain seq x y z
N VAL A 11 -4.28 -48.85 5.76
CA VAL A 11 -4.27 -47.44 6.12
C VAL A 11 -3.52 -47.21 7.44
N THR A 12 -2.27 -46.75 7.34
CA THR A 12 -1.43 -46.45 8.48
C THR A 12 -1.11 -44.95 8.51
N LEU A 13 -0.78 -44.46 9.71
CA LEU A 13 -0.46 -43.04 9.88
C LEU A 13 0.77 -42.63 9.06
N ASN A 14 1.66 -43.56 8.76
CA ASN A 14 2.78 -43.25 7.89
C ASN A 14 2.35 -43.15 6.44
N SER A 15 1.57 -44.12 5.96
CA SER A 15 1.27 -44.18 4.54
C SER A 15 0.29 -43.09 4.15
N GLN A 16 -0.15 -42.30 5.13
CA GLN A 16 -0.97 -41.12 4.87
C GLN A 16 -0.06 -39.91 4.79
N ILE A 17 -0.22 -39.12 3.73
CA ILE A 17 0.60 -37.94 3.53
C ILE A 17 -0.12 -36.75 4.15
N GLY A 18 0.33 -36.32 5.32
CA GLY A 18 -0.26 -35.18 6.00
C GLY A 18 0.71 -34.06 6.30
N LEU A 19 0.55 -32.93 5.61
CA LEU A 19 1.42 -31.77 5.81
C LEU A 19 1.00 -30.99 7.05
N SER A 20 1.99 -30.44 7.75
CA SER A 20 1.77 -29.66 8.96
C SER A 20 2.42 -28.30 8.81
N ASP A 21 1.80 -27.28 9.40
CA ASP A 21 2.34 -25.92 9.38
C ASP A 21 3.46 -25.73 10.39
N GLU A 22 4.34 -26.72 10.52
CA GLU A 22 5.42 -26.67 11.50
C GLU A 22 6.79 -26.79 10.84
N HIS A 23 7.01 -27.81 10.02
CA HIS A 23 8.25 -27.95 9.24
C HIS A 23 7.86 -27.94 7.77
N VAL A 24 7.63 -26.74 7.24
CA VAL A 24 7.19 -26.59 5.86
C VAL A 24 8.20 -25.76 5.09
N GLY A 25 9.24 -26.41 4.58
CA GLY A 25 10.21 -25.75 3.76
C GLY A 25 11.53 -25.49 4.45
N LEU A 26 12.61 -26.00 3.87
CA LEU A 26 13.94 -25.70 4.39
C LEU A 26 14.21 -24.21 4.35
N LEU A 27 13.92 -23.57 3.22
CA LEU A 27 14.11 -22.13 3.06
C LEU A 27 13.27 -21.36 4.07
N GLY A 28 11.95 -21.38 3.90
CA GLY A 28 11.05 -20.67 4.78
C GLY A 28 10.87 -19.21 4.48
N ASP A 29 11.31 -18.74 3.31
CA ASP A 29 11.22 -17.33 2.94
C ASP A 29 9.96 -16.99 2.15
N ALA A 30 8.86 -17.70 2.39
CA ALA A 30 7.62 -17.45 1.67
C ALA A 30 6.45 -17.91 2.52
N VAL A 31 5.35 -17.16 2.45
CA VAL A 31 4.12 -17.54 3.14
C VAL A 31 3.36 -18.53 2.28
N VAL A 32 2.74 -19.51 2.93
CA VAL A 32 2.05 -20.59 2.24
C VAL A 32 0.55 -20.41 2.46
N ASP A 33 -0.18 -20.20 1.37
CA ASP A 33 -1.64 -20.17 1.44
C ASP A 33 -2.14 -21.48 2.01
N ARG A 34 -2.81 -21.40 3.16
CA ARG A 34 -3.15 -22.61 3.91
C ARG A 34 -4.14 -23.51 3.18
N ALA A 35 -4.90 -22.97 2.22
CA ALA A 35 -5.76 -23.83 1.43
C ALA A 35 -4.97 -24.77 0.53
N SER A 36 -3.71 -24.42 0.23
CA SER A 36 -2.87 -25.30 -0.58
C SER A 36 -2.54 -26.58 0.17
N ILE A 37 -2.27 -26.48 1.47
CA ILE A 37 -1.86 -27.64 2.26
C ILE A 37 -2.95 -28.71 2.25
N GLN A 38 -4.21 -28.29 2.40
CA GLN A 38 -5.32 -29.24 2.27
C GLN A 38 -5.52 -29.66 0.82
N GLU A 39 -5.21 -28.78 -0.13
CA GLU A 39 -5.28 -29.15 -1.54
C GLU A 39 -4.11 -30.04 -1.94
N ALA A 40 -2.94 -29.85 -1.32
CA ALA A 40 -1.78 -30.65 -1.67
C ALA A 40 -1.91 -32.08 -1.18
N ASN A 41 -2.22 -32.25 0.10
CA ASN A 41 -2.37 -33.59 0.67
C ASN A 41 -3.38 -34.41 -0.13
N ARG A 42 -4.46 -33.78 -0.58
CA ARG A 42 -5.46 -34.49 -1.35
C ARG A 42 -4.86 -35.04 -2.65
N LEU A 43 -4.02 -34.25 -3.31
CA LEU A 43 -3.38 -34.70 -4.53
C LEU A 43 -2.17 -35.58 -4.22
N LEU A 44 -1.43 -35.27 -3.15
CA LEU A 44 -0.30 -36.11 -2.79
C LEU A 44 -0.76 -37.53 -2.48
N GLN A 45 -1.97 -37.69 -1.95
CA GLN A 45 -2.46 -39.03 -1.66
C GLN A 45 -2.82 -39.78 -2.94
N LYS A 46 -3.31 -39.08 -3.96
CA LYS A 46 -3.57 -39.72 -5.24
C LYS A 46 -2.28 -40.25 -5.86
N ASN A 47 -1.27 -39.38 -5.97
CA ASN A 47 0.01 -39.79 -6.51
C ASN A 47 0.64 -40.92 -5.69
N HIS A 48 0.21 -41.10 -4.44
CA HIS A 48 0.81 -42.09 -3.55
C HIS A 48 0.22 -43.48 -3.74
N GLU A 49 -0.96 -43.59 -4.36
CA GLU A 49 -1.63 -44.89 -4.48
C GLU A 49 -2.40 -45.02 -5.79
N GLU A 50 -2.08 -44.23 -6.82
CA GLU A 50 -2.73 -44.35 -8.11
C GLU A 50 -1.76 -44.49 -9.27
N TRP A 51 -0.62 -43.80 -9.22
CA TRP A 51 0.25 -43.66 -10.38
C TRP A 51 1.62 -44.28 -10.15
N HIS A 52 2.19 -44.83 -11.21
CA HIS A 52 3.49 -45.48 -11.12
C HIS A 52 4.60 -44.46 -10.92
N MET A 53 5.54 -44.77 -10.04
CA MET A 53 6.71 -43.91 -9.87
C MET A 53 7.49 -43.79 -11.17
N PHE A 54 7.78 -44.92 -11.81
CA PHE A 54 8.42 -44.95 -13.12
C PHE A 54 7.34 -45.06 -14.18
N PHE A 55 7.14 -44.01 -14.97
CA PHE A 55 6.20 -44.14 -16.07
C PHE A 55 6.84 -44.80 -17.29
N ARG A 56 8.17 -44.78 -17.39
CA ARG A 56 8.91 -45.60 -18.34
C ARG A 56 10.01 -46.34 -17.60
N ASP A 57 10.60 -47.33 -18.27
CA ASP A 57 11.68 -48.08 -17.65
C ASP A 57 12.96 -47.26 -17.57
N ARG A 58 13.20 -46.39 -18.54
CA ARG A 58 14.37 -45.53 -18.57
C ARG A 58 13.94 -44.08 -18.71
N ALA A 59 14.62 -43.19 -17.96
CA ALA A 59 14.27 -41.77 -17.88
C ALA A 59 12.80 -41.59 -17.47
N GLY A 60 12.33 -42.44 -16.57
CA GLY A 60 10.97 -42.36 -16.10
C GLY A 60 10.86 -41.99 -14.64
N HIS A 61 10.32 -40.81 -14.35
CA HIS A 61 10.21 -40.35 -12.97
C HIS A 61 8.92 -39.55 -12.80
N ASN A 62 8.19 -39.83 -11.71
CA ASN A 62 6.89 -39.22 -11.45
C ASN A 62 7.10 -37.89 -10.72
N HIS A 63 7.33 -36.84 -11.51
CA HIS A 63 7.61 -35.52 -10.95
C HIS A 63 6.38 -34.85 -10.35
N ILE A 64 5.22 -35.54 -10.26
CA ILE A 64 4.01 -34.87 -9.78
C ILE A 64 4.18 -34.41 -8.34
N ALA A 65 4.76 -35.28 -7.50
CA ALA A 65 4.97 -34.92 -6.09
C ALA A 65 6.01 -33.83 -5.95
N HIS A 66 7.09 -33.88 -6.74
CA HIS A 66 8.15 -32.90 -6.64
C HIS A 66 7.67 -31.51 -7.01
N SER A 67 6.82 -31.41 -8.02
CA SER A 67 6.28 -30.12 -8.41
C SER A 67 5.28 -29.60 -7.39
N ILE A 68 4.46 -30.50 -6.82
CA ILE A 68 3.48 -30.05 -5.83
C ILE A 68 4.19 -29.56 -4.57
N LEU A 69 5.27 -30.22 -4.16
CA LEU A 69 5.95 -29.82 -2.94
C LEU A 69 6.75 -28.54 -3.12
N THR A 70 7.55 -28.46 -4.18
CA THR A 70 8.42 -27.30 -4.35
C THR A 70 7.63 -26.03 -4.64
N CYS A 71 6.59 -26.13 -5.47
CA CYS A 71 5.74 -24.97 -5.73
C CYS A 71 5.13 -24.44 -4.44
N LEU A 72 4.77 -25.34 -3.52
CA LEU A 72 4.17 -24.92 -2.26
C LEU A 72 5.13 -24.06 -1.45
N ALA A 73 6.38 -24.48 -1.34
CA ALA A 73 7.37 -23.76 -0.54
C ALA A 73 7.75 -22.42 -1.14
N LEU A 74 7.29 -22.10 -2.35
CA LEU A 74 7.54 -20.82 -2.99
C LEU A 74 6.32 -19.90 -2.95
N GLY A 75 5.31 -20.24 -2.16
CA GLY A 75 4.12 -19.43 -2.02
C GLY A 75 3.03 -19.77 -3.01
N ALA A 76 2.76 -21.06 -3.18
CA ALA A 76 1.77 -21.48 -4.18
C ALA A 76 0.36 -21.20 -3.70
N GLY A 77 -0.51 -20.86 -4.65
CA GLY A 77 -1.92 -20.73 -4.37
C GLY A 77 -2.62 -22.07 -4.40
N PRO A 78 -3.94 -22.05 -4.23
CA PRO A 78 -4.72 -23.30 -4.30
C PRO A 78 -4.74 -23.86 -5.71
N ALA A 79 -5.15 -23.04 -6.68
CA ALA A 79 -5.19 -23.49 -8.06
C ALA A 79 -3.80 -23.78 -8.61
N ASP A 80 -2.78 -23.11 -8.07
CA ASP A 80 -1.41 -23.36 -8.51
C ASP A 80 -0.92 -24.75 -8.10
N ILE A 81 -1.48 -25.29 -7.01
CA ILE A 81 -1.15 -26.65 -6.61
C ILE A 81 -1.84 -27.65 -7.52
N GLN A 82 -3.10 -27.39 -7.87
CA GLN A 82 -3.77 -28.22 -8.87
C GLN A 82 -3.05 -28.14 -10.21
N ARG A 83 -2.38 -27.01 -10.48
CA ARG A 83 -1.67 -26.84 -11.74
C ARG A 83 -0.58 -27.90 -11.90
N ALA A 84 0.10 -28.24 -10.81
CA ALA A 84 1.20 -29.20 -10.90
C ALA A 84 0.69 -30.62 -11.11
N TYR A 85 -0.45 -30.96 -10.53
CA TYR A 85 -0.98 -32.31 -10.71
C TYR A 85 -1.54 -32.50 -12.11
N ASP A 86 -2.14 -31.47 -12.69
CA ASP A 86 -2.74 -31.62 -14.01
C ASP A 86 -1.70 -31.74 -15.10
N ASP A 87 -0.53 -31.12 -14.92
CA ASP A 87 0.49 -31.16 -15.97
C ASP A 87 1.18 -32.52 -16.03
N GLY A 88 1.56 -33.07 -14.88
CA GLY A 88 2.33 -34.29 -14.95
C GLY A 88 1.55 -35.58 -14.91
N VAL A 89 0.22 -35.52 -15.02
CA VAL A 89 -0.61 -36.72 -14.95
C VAL A 89 -0.94 -37.21 -16.35
N GLY A 90 -0.85 -36.31 -17.34
CA GLY A 90 -1.09 -36.68 -18.73
C GLY A 90 -0.11 -37.73 -19.23
N ILE A 91 1.09 -37.78 -18.65
CA ILE A 91 2.06 -38.79 -19.01
C ILE A 91 2.14 -39.92 -17.99
N GLN A 92 1.38 -39.86 -16.91
CA GLN A 92 1.53 -40.79 -15.81
C GLN A 92 0.84 -42.11 -16.11
N ARG A 93 1.51 -43.23 -15.78
CA ARG A 93 0.94 -44.54 -16.00
C ARG A 93 0.59 -45.20 -14.66
N PRO A 94 -0.36 -46.13 -14.66
CA PRO A 94 -0.83 -46.71 -13.40
C PRO A 94 0.25 -47.49 -12.66
N ILE A 95 0.04 -47.64 -11.35
CA ILE A 95 0.97 -48.27 -10.42
C ILE A 95 0.79 -49.79 -10.44
N PRO A 96 1.85 -50.58 -10.41
CA PRO A 96 1.70 -52.04 -10.45
C PRO A 96 1.00 -52.57 -9.20
N ALA A 97 0.57 -53.83 -9.29
CA ALA A 97 0.02 -54.48 -8.12
C ALA A 97 1.14 -54.87 -7.16
N VAL A 98 0.74 -55.26 -5.95
CA VAL A 98 1.67 -55.68 -4.91
C VAL A 98 1.64 -57.19 -4.83
N ASP A 99 2.76 -57.83 -5.12
CA ASP A 99 2.89 -59.27 -4.95
C ASP A 99 3.24 -59.52 -3.49
N GLY A 100 2.27 -60.01 -2.72
CA GLY A 100 2.47 -60.22 -1.30
C GLY A 100 3.53 -61.24 -0.97
N ALA A 101 3.82 -62.16 -1.88
CA ALA A 101 4.91 -63.12 -1.65
C ALA A 101 6.25 -62.40 -1.58
N THR A 102 6.49 -61.48 -2.50
CA THR A 102 7.71 -60.68 -2.46
C THR A 102 7.79 -59.88 -1.17
N VAL A 103 6.65 -59.34 -0.71
CA VAL A 103 6.64 -58.51 0.49
C VAL A 103 7.17 -59.31 1.68
N GLU A 104 6.51 -60.44 1.98
CA GLU A 104 6.94 -61.24 3.13
C GLU A 104 8.35 -61.80 2.94
N ARG A 105 8.78 -61.96 1.68
CA ARG A 105 10.12 -62.46 1.41
C ARG A 105 11.20 -61.38 1.48
N LEU A 106 10.81 -60.10 1.35
CA LEU A 106 11.79 -59.02 1.33
C LEU A 106 12.52 -58.88 2.66
N THR A 107 12.11 -59.63 3.68
CA THR A 107 12.83 -59.59 4.95
C THR A 107 14.11 -60.40 4.91
N ASP A 108 14.16 -61.44 4.08
CA ASP A 108 15.38 -62.23 3.94
C ASP A 108 16.39 -61.47 3.09
N GLU A 109 17.62 -61.38 3.61
CA GLU A 109 18.66 -60.61 2.92
C GLU A 109 18.95 -61.17 1.53
N ALA A 110 18.83 -62.48 1.35
CA ALA A 110 19.10 -63.07 0.03
C ALA A 110 18.05 -62.66 -1.00
N PHE A 111 16.79 -62.47 -0.58
CA PHE A 111 15.74 -62.15 -1.54
C PHE A 111 15.75 -60.68 -1.92
N PHE A 112 16.04 -59.80 -0.96
CA PHE A 112 16.00 -58.36 -1.23
C PHE A 112 16.98 -57.98 -2.34
N LEU A 113 18.17 -58.59 -2.33
CA LEU A 113 19.19 -58.26 -3.33
C LEU A 113 18.79 -58.77 -4.72
N GLU A 114 18.27 -60.00 -4.79
CA GLU A 114 17.87 -60.56 -6.07
C GLU A 114 16.64 -59.85 -6.66
N THR A 115 15.91 -59.10 -5.84
CA THR A 115 14.75 -58.36 -6.33
C THR A 115 15.11 -56.96 -6.82
N LEU A 116 16.29 -56.46 -6.48
CA LEU A 116 16.67 -55.11 -6.87
C LEU A 116 16.73 -54.97 -8.38
N GLY A 117 16.19 -53.86 -8.87
CA GLY A 117 16.15 -53.58 -10.30
C GLY A 117 14.86 -53.94 -10.98
N ALA A 118 13.80 -54.23 -10.22
CA ALA A 118 12.52 -54.65 -10.77
C ALA A 118 11.59 -53.44 -10.74
N ILE A 119 11.42 -52.80 -11.90
CA ILE A 119 10.53 -51.65 -11.99
C ILE A 119 9.10 -52.05 -11.68
N THR A 120 8.69 -53.25 -12.11
CA THR A 120 7.31 -53.72 -11.91
C THR A 120 7.01 -54.06 -10.45
N GLN A 121 8.03 -54.15 -9.60
CA GLN A 121 7.86 -54.47 -8.19
C GLN A 121 7.91 -53.23 -7.29
N TYR A 122 7.73 -52.04 -7.85
CA TYR A 122 7.80 -50.84 -7.03
C TYR A 122 6.73 -50.85 -5.94
N THR A 123 5.51 -51.31 -6.28
CA THR A 123 4.44 -51.34 -5.30
C THR A 123 4.80 -52.22 -4.12
N SER A 124 5.43 -53.36 -4.39
CA SER A 124 5.81 -54.27 -3.32
C SER A 124 6.82 -53.62 -2.39
N PHE A 125 7.85 -52.98 -2.94
CA PHE A 125 8.87 -52.35 -2.10
C PHE A 125 8.26 -51.25 -1.23
N LEU A 126 7.30 -50.51 -1.78
CA LEU A 126 6.65 -49.44 -1.01
C LEU A 126 5.92 -50.03 0.20
N VAL A 127 5.16 -51.11 -0.01
CA VAL A 127 4.47 -51.77 1.09
C VAL A 127 5.47 -52.23 2.15
N PHE A 128 6.63 -52.72 1.72
CA PHE A 128 7.62 -53.23 2.66
C PHE A 128 8.19 -52.11 3.51
N PHE A 129 8.66 -51.03 2.87
CA PHE A 129 9.26 -49.94 3.63
C PHE A 129 8.23 -49.23 4.50
N GLN A 130 6.98 -49.15 4.06
CA GLN A 130 5.96 -48.56 4.92
C GLN A 130 5.71 -49.43 6.14
N ARG A 131 5.57 -50.74 5.93
CA ARG A 131 5.33 -51.65 7.05
C ARG A 131 6.53 -51.70 8.00
N GLN A 132 7.74 -51.55 7.47
CA GLN A 132 8.90 -51.49 8.34
C GLN A 132 9.02 -50.16 9.05
N MET A 133 8.47 -49.10 8.45
CA MET A 133 8.47 -47.81 9.14
C MET A 133 7.44 -47.78 10.27
N ASP A 134 6.36 -48.54 10.13
CA ASP A 134 5.39 -48.65 11.23
C ASP A 134 5.97 -49.36 12.43
N ALA A 135 7.13 -50.00 12.30
CA ALA A 135 7.71 -50.78 13.38
C ALA A 135 8.75 -49.98 14.14
N HIS A 136 9.88 -49.69 13.49
CA HIS A 136 11.00 -49.03 14.13
C HIS A 136 11.08 -47.53 13.84
N GLY A 137 10.31 -47.04 12.88
CA GLY A 137 10.27 -45.62 12.58
C GLY A 137 11.03 -45.27 11.32
N TRP A 138 10.71 -44.09 10.78
CA TRP A 138 11.36 -43.65 9.55
C TRP A 138 12.85 -43.41 9.74
N GLN A 139 13.26 -42.97 10.94
CA GLN A 139 14.69 -42.75 11.16
C GLN A 139 15.45 -44.07 11.26
N ALA A 140 14.83 -45.10 11.84
CA ALA A 140 15.52 -46.38 11.98
C ALA A 140 15.62 -47.12 10.66
N VAL A 141 14.61 -46.97 9.78
CA VAL A 141 14.64 -47.63 8.48
C VAL A 141 15.78 -47.09 7.64
N VAL A 142 15.91 -45.77 7.57
CA VAL A 142 16.93 -45.17 6.72
C VAL A 142 18.33 -45.46 7.24
N ASN A 143 18.53 -45.40 8.55
CA ASN A 143 19.83 -45.70 9.13
C ASN A 143 20.10 -47.19 9.28
N LYS A 144 19.33 -48.04 8.60
CA LYS A 144 19.70 -49.44 8.46
C LYS A 144 19.56 -49.97 7.04
N TYR A 145 18.92 -49.22 6.14
CA TYR A 145 18.87 -49.54 4.72
C TYR A 145 19.70 -48.59 3.86
N VAL A 146 20.30 -47.56 4.46
CA VAL A 146 21.09 -46.58 3.73
C VAL A 146 22.44 -46.39 4.41
N PHE A 147 22.43 -45.87 5.64
CA PHE A 147 23.65 -45.68 6.41
C PHE A 147 23.80 -46.84 7.40
N SER A 148 24.37 -47.94 6.91
CA SER A 148 24.63 -49.08 7.78
C SER A 148 25.87 -49.85 7.38
N ARG A 149 26.50 -49.53 6.25
CA ARG A 149 27.77 -50.09 5.81
C ARG A 149 27.72 -51.58 5.55
N ASN A 150 26.53 -52.19 5.55
CA ASN A 150 26.42 -53.59 5.15
C ASN A 150 26.08 -53.66 3.65
N ALA A 151 25.88 -54.88 3.15
CA ALA A 151 25.76 -55.09 1.71
C ALA A 151 24.58 -54.33 1.13
N ILE A 152 23.40 -54.44 1.77
CA ILE A 152 22.23 -53.76 1.23
C ILE A 152 22.39 -52.25 1.29
N ALA A 153 23.03 -51.75 2.36
CA ALA A 153 23.23 -50.31 2.48
C ALA A 153 24.15 -49.79 1.39
N GLU A 154 25.32 -50.43 1.23
CA GLU A 154 26.27 -50.01 0.22
C GLU A 154 25.73 -50.18 -1.19
N LYS A 155 24.58 -50.84 -1.35
CA LYS A 155 23.90 -50.87 -2.63
C LYS A 155 22.83 -49.79 -2.72
N MET A 156 21.91 -49.77 -1.74
CA MET A 156 20.83 -48.79 -1.76
C MET A 156 21.34 -47.36 -1.70
N LEU A 157 22.52 -47.16 -1.11
CA LEU A 157 23.06 -45.80 -0.98
C LEU A 157 23.45 -45.24 -2.34
N ALA A 158 24.15 -46.05 -3.15
CA ALA A 158 24.48 -45.62 -4.50
C ALA A 158 23.23 -45.47 -5.36
N ARG A 159 22.22 -46.32 -5.12
CA ARG A 159 20.99 -46.23 -5.89
C ARG A 159 20.16 -45.00 -5.57
N LEU A 160 20.48 -44.30 -4.48
CA LEU A 160 19.83 -43.01 -4.24
C LEU A 160 20.34 -41.95 -5.20
N TYR A 161 21.57 -42.08 -5.68
CA TYR A 161 22.14 -41.16 -6.65
C TYR A 161 21.80 -41.54 -8.09
N GLU A 162 21.06 -42.62 -8.30
CA GLU A 162 20.78 -43.11 -9.64
C GLU A 162 19.85 -42.17 -10.40
N GLY A 163 19.93 -42.25 -11.73
CA GLY A 163 19.02 -41.53 -12.61
C GLY A 163 19.03 -40.03 -12.38
N ALA A 164 20.22 -39.45 -12.34
CA ALA A 164 20.41 -38.02 -12.10
C ALA A 164 19.87 -37.60 -10.72
N TYR A 165 20.27 -38.35 -9.70
CA TYR A 165 19.95 -38.05 -8.29
C TYR A 165 18.45 -37.89 -8.06
N HIS A 166 17.65 -38.77 -8.65
CA HIS A 166 16.20 -38.59 -8.47
C HIS A 166 15.68 -39.29 -7.22
N PRO A 167 16.15 -40.49 -6.87
CA PRO A 167 15.76 -41.04 -5.56
C PRO A 167 16.21 -40.18 -4.38
N VAL A 168 17.42 -39.62 -4.41
CA VAL A 168 17.89 -38.78 -3.31
C VAL A 168 17.22 -37.42 -3.28
N ILE A 169 16.50 -37.05 -4.34
CA ILE A 169 15.64 -35.86 -4.28
C ILE A 169 14.32 -36.21 -3.62
N HIS A 170 13.79 -37.39 -3.94
CA HIS A 170 12.61 -37.90 -3.24
C HIS A 170 12.91 -38.04 -1.74
N LEU A 171 14.10 -38.56 -1.41
CA LEU A 171 14.45 -38.78 -0.01
C LEU A 171 14.58 -37.46 0.74
N GLY A 172 15.14 -36.44 0.09
CA GLY A 172 15.34 -35.17 0.77
C GLY A 172 14.03 -34.46 1.07
N LEU A 173 13.05 -34.56 0.17
CA LEU A 173 11.77 -33.89 0.39
C LEU A 173 11.02 -34.52 1.56
N GLY A 174 11.05 -35.84 1.67
CA GLY A 174 10.39 -36.51 2.78
C GLY A 174 11.00 -36.16 4.12
N ILE A 175 12.27 -35.78 4.13
CA ILE A 175 12.90 -35.33 5.37
C ILE A 175 12.62 -33.84 5.62
N GLU A 176 12.42 -33.06 4.56
CA GLU A 176 12.19 -31.63 4.70
C GLU A 176 10.83 -31.34 5.32
N PHE A 177 9.78 -31.99 4.83
CA PHE A 177 8.43 -31.82 5.34
C PHE A 177 8.02 -32.92 6.32
N GLN A 178 8.92 -33.85 6.64
CA GLN A 178 8.65 -34.94 7.57
C GLN A 178 7.39 -35.70 7.19
N GLN A 179 7.46 -36.49 6.12
CA GLN A 179 6.35 -37.35 5.71
C GLN A 179 6.92 -38.74 5.42
N PRO A 180 6.78 -39.69 6.34
CA PRO A 180 7.42 -41.00 6.14
C PRO A 180 6.93 -41.74 4.92
N SER A 181 5.71 -41.46 4.46
CA SER A 181 5.22 -42.07 3.21
C SER A 181 6.15 -41.72 2.05
N LEU A 182 6.60 -40.46 2.00
CA LEU A 182 7.52 -40.06 0.94
C LEU A 182 8.87 -40.74 1.11
N ILE A 183 9.35 -40.81 2.36
CA ILE A 183 10.62 -41.49 2.61
C ILE A 183 10.54 -42.95 2.21
N ALA A 184 9.35 -43.55 2.34
CA ALA A 184 9.17 -44.93 1.89
C ALA A 184 9.29 -45.03 0.38
N GLU A 185 8.69 -44.07 -0.34
CA GLU A 185 8.78 -44.08 -1.80
C GLU A 185 10.23 -44.00 -2.27
N ALA A 186 10.96 -43.02 -1.75
CA ALA A 186 12.35 -42.83 -2.16
C ALA A 186 13.17 -44.10 -1.94
N LEU A 187 12.92 -44.80 -0.83
CA LEU A 187 13.64 -46.05 -0.59
C LEU A 187 13.16 -47.15 -1.54
N ALA A 188 11.89 -47.10 -1.94
CA ALA A 188 11.39 -48.06 -2.92
C ALA A 188 11.82 -47.66 -4.33
N GLN A 189 11.87 -46.36 -4.61
CA GLN A 189 12.32 -45.90 -5.91
C GLN A 189 13.77 -46.29 -6.16
N ALA A 190 14.63 -46.12 -5.16
CA ALA A 190 16.04 -46.52 -5.29
C ALA A 190 16.19 -48.03 -5.39
N ALA A 191 15.26 -48.81 -4.86
CA ALA A 191 15.35 -50.26 -4.91
C ALA A 191 14.89 -50.83 -6.23
N ALA A 192 14.05 -50.11 -6.99
CA ALA A 192 13.50 -50.58 -8.24
C ALA A 192 14.13 -49.90 -9.45
N HIS A 193 15.27 -49.25 -9.27
CA HIS A 193 15.94 -48.54 -10.34
C HIS A 193 16.84 -49.49 -11.12
N ASP A 194 16.90 -49.30 -12.43
CA ASP A 194 17.87 -50.04 -13.23
C ASP A 194 19.27 -49.58 -12.88
N ASP A 195 20.22 -50.50 -12.99
CA ASP A 195 21.58 -50.21 -12.57
C ASP A 195 22.31 -49.40 -13.64
N SER A 196 23.01 -48.36 -13.21
CA SER A 196 23.83 -47.55 -14.11
C SER A 196 25.31 -47.75 -13.86
N HIS A 197 25.68 -48.77 -13.07
CA HIS A 197 27.08 -49.06 -12.77
C HIS A 197 27.78 -47.90 -12.08
N ILE A 198 27.03 -46.93 -11.54
CA ILE A 198 27.66 -45.80 -10.86
C ILE A 198 28.19 -46.20 -9.49
N SER A 199 27.74 -47.33 -8.94
CA SER A 199 28.36 -47.85 -7.73
C SER A 199 29.83 -48.14 -7.98
N ARG A 200 30.15 -48.67 -9.16
CA ARG A 200 31.54 -48.97 -9.49
C ARG A 200 32.41 -47.72 -9.43
N LEU A 201 31.84 -46.54 -9.69
CA LEU A 201 32.63 -45.30 -9.60
C LEU A 201 32.73 -44.82 -8.16
N PHE A 202 31.66 -44.94 -7.39
CA PHE A 202 31.69 -44.53 -5.99
C PHE A 202 32.72 -45.31 -5.20
N GLU A 203 32.75 -46.63 -5.36
CA GLU A 203 33.66 -47.46 -4.61
C GLU A 203 35.11 -47.22 -5.02
N ALA A 204 35.35 -46.99 -6.32
CA ALA A 204 36.72 -46.72 -6.74
C ALA A 204 37.18 -45.34 -6.28
N CYS A 205 36.26 -44.39 -6.16
CA CYS A 205 36.63 -43.05 -5.70
C CYS A 205 37.02 -43.06 -4.22
N GLU A 206 36.25 -43.76 -3.39
CA GLU A 206 36.65 -43.95 -2.00
C GLU A 206 37.82 -44.91 -1.86
N ALA A 207 38.21 -45.61 -2.93
CA ALA A 207 39.29 -46.59 -2.83
C ALA A 207 40.66 -45.91 -2.77
N GLN A 208 41.05 -45.22 -3.84
CA GLN A 208 42.35 -44.56 -3.81
C GLN A 208 42.34 -43.31 -2.94
N ALA A 209 41.18 -42.88 -2.45
CA ALA A 209 41.12 -41.90 -1.37
C ALA A 209 41.67 -42.47 -0.06
N ALA A 210 42.00 -43.75 -0.04
CA ALA A 210 42.65 -44.37 1.11
C ALA A 210 44.17 -44.34 0.96
N ILE A 211 44.68 -45.01 -0.08
CA ILE A 211 46.13 -45.14 -0.25
C ILE A 211 46.75 -43.78 -0.55
N ALA A 212 46.25 -43.10 -1.57
CA ALA A 212 46.80 -41.80 -1.92
C ALA A 212 46.60 -40.83 -0.77
N TYR A 213 47.71 -40.39 -0.17
CA TYR A 213 47.66 -39.45 0.94
C TYR A 213 48.93 -38.63 0.94
N PRO A 214 48.88 -37.38 1.42
CA PRO A 214 47.67 -36.66 1.83
C PRO A 214 47.40 -35.32 1.13
N PRO A 215 46.17 -35.09 0.62
CA PRO A 215 45.84 -33.75 0.11
C PRO A 215 45.91 -32.70 1.20
N ALA A 216 47.10 -32.12 1.39
CA ALA A 216 47.31 -31.16 2.46
C ALA A 216 46.36 -29.96 2.32
N HIS A 217 46.38 -29.32 1.15
CA HIS A 217 45.45 -28.24 0.84
C HIS A 217 44.41 -28.75 -0.15
N PRO A 218 43.19 -29.04 0.30
CA PRO A 218 42.19 -29.62 -0.61
C PRO A 218 41.91 -28.72 -1.80
N LYS A 219 41.91 -29.32 -2.99
CA LYS A 219 41.65 -28.56 -4.20
C LYS A 219 40.17 -28.17 -4.30
N PRO A 220 39.88 -27.00 -4.85
CA PRO A 220 38.48 -26.64 -5.10
C PRO A 220 37.88 -27.54 -6.16
N LEU A 221 36.58 -27.81 -6.00
CA LEU A 221 35.89 -28.69 -6.95
C LEU A 221 35.93 -28.12 -8.36
N VAL A 222 35.93 -26.79 -8.50
CA VAL A 222 36.01 -26.20 -9.83
C VAL A 222 37.37 -26.47 -10.45
N GLN A 223 38.41 -26.55 -9.61
CA GLN A 223 39.74 -26.86 -10.14
C GLN A 223 39.80 -28.27 -10.68
N LEU A 224 38.98 -29.17 -10.15
CA LEU A 224 38.93 -30.52 -10.69
C LEU A 224 38.08 -30.57 -11.97
N LEU A 225 37.14 -29.65 -12.12
CA LEU A 225 36.34 -29.57 -13.34
C LEU A 225 37.21 -29.24 -14.54
N ARG A 226 38.10 -28.26 -14.39
CA ARG A 226 39.01 -27.92 -15.48
C ARG A 226 39.96 -29.06 -15.78
N GLU A 227 40.53 -29.67 -14.74
CA GLU A 227 41.44 -30.80 -14.93
C GLU A 227 40.73 -31.98 -15.58
N ALA A 228 39.40 -32.03 -15.49
CA ALA A 228 38.65 -33.09 -16.15
C ALA A 228 38.56 -32.85 -17.64
N ARG A 229 38.21 -31.63 -18.04
CA ARG A 229 38.03 -31.34 -19.45
C ARG A 229 39.32 -31.49 -20.23
N ALA A 230 40.45 -31.12 -19.63
CA ALA A 230 41.73 -31.24 -20.33
C ALA A 230 42.10 -32.70 -20.57
N THR A 231 41.76 -33.59 -19.64
CA THR A 231 42.03 -35.02 -19.78
C THR A 231 41.20 -35.56 -20.93
N GLU A 232 41.84 -35.77 -22.09
CA GLU A 232 41.09 -36.07 -23.30
C GLU A 232 40.35 -37.39 -23.19
N ALA A 233 40.95 -38.37 -22.51
CA ALA A 233 40.28 -39.66 -22.33
C ALA A 233 38.94 -39.49 -21.64
N ILE A 234 38.85 -38.54 -20.71
CA ILE A 234 37.58 -38.28 -20.04
C ILE A 234 36.61 -37.60 -20.98
N ARG A 235 37.05 -36.51 -21.61
CA ARG A 235 36.18 -35.78 -22.53
C ARG A 235 35.74 -36.64 -23.71
N SER A 236 36.62 -37.52 -24.19
CA SER A 236 36.28 -38.39 -25.29
C SER A 236 35.47 -39.61 -24.87
N ALA A 237 35.22 -39.81 -23.57
CA ALA A 237 34.53 -41.04 -23.16
C ALA A 237 33.08 -41.07 -23.61
N PRO A 238 32.26 -40.03 -23.40
CA PRO A 238 30.89 -40.08 -23.91
C PRO A 238 30.84 -39.88 -25.41
N ARG A 239 29.97 -40.65 -26.06
CA ARG A 239 29.71 -40.52 -27.49
C ARG A 239 28.22 -40.32 -27.74
N TRP A 240 27.91 -39.62 -28.83
CA TRP A 240 26.52 -39.43 -29.22
C TRP A 240 25.84 -40.75 -29.53
N GLU A 241 26.61 -41.78 -29.89
CA GLU A 241 26.07 -43.11 -30.16
C GLU A 241 25.72 -43.85 -28.88
N ASP A 242 26.34 -43.48 -27.75
CA ASP A 242 26.05 -44.15 -26.50
C ASP A 242 24.61 -43.87 -26.08
N PHE A 243 24.17 -42.63 -26.27
CA PHE A 243 22.76 -42.23 -26.12
C PHE A 243 22.43 -42.32 -24.63
N GLY A 244 21.42 -43.11 -24.21
CA GLY A 244 21.07 -43.17 -22.81
C GLY A 244 22.18 -43.74 -21.96
N ASN A 245 22.96 -44.66 -22.50
CA ASN A 245 24.04 -45.32 -21.76
C ASN A 245 25.34 -44.55 -21.87
N LYS A 246 25.28 -43.23 -21.68
CA LYS A 246 26.50 -42.43 -21.64
C LYS A 246 27.23 -42.63 -20.32
N MET A 247 26.49 -42.83 -19.23
CA MET A 247 27.14 -43.06 -17.94
C MET A 247 27.57 -44.51 -17.78
N ARG A 248 26.74 -45.44 -18.24
CA ARG A 248 27.07 -46.86 -18.13
C ARG A 248 28.12 -47.28 -19.15
N ASP A 249 27.81 -47.16 -20.43
CA ASP A 249 28.72 -47.56 -21.50
C ASP A 249 29.53 -46.38 -22.04
N GLY A 250 30.05 -45.54 -21.15
CA GLY A 250 30.80 -44.36 -21.55
C GLY A 250 31.80 -43.92 -20.50
N VAL A 251 31.31 -43.30 -19.42
CA VAL A 251 32.19 -42.85 -18.35
C VAL A 251 32.63 -44.04 -17.52
N VAL A 252 31.66 -44.75 -16.92
CA VAL A 252 31.99 -45.90 -16.10
C VAL A 252 32.58 -47.01 -16.96
N GLY A 253 32.12 -47.11 -18.21
CA GLY A 253 32.58 -48.18 -19.08
C GLY A 253 33.96 -47.97 -19.69
N ARG A 254 34.37 -46.72 -19.91
CA ARG A 254 35.66 -46.40 -20.50
C ARG A 254 36.58 -45.62 -19.58
N ALA A 255 36.09 -44.54 -18.98
CA ALA A 255 36.91 -43.64 -18.17
C ALA A 255 36.71 -43.86 -16.67
N LEU A 256 36.58 -45.12 -16.24
CA LEU A 256 36.39 -45.40 -14.82
C LEU A 256 37.63 -45.06 -14.01
N LEU A 257 38.73 -45.77 -14.27
CA LEU A 257 39.97 -45.57 -13.52
C LEU A 257 40.44 -44.13 -13.57
N GLU A 258 40.12 -43.42 -14.65
CA GLU A 258 40.55 -42.04 -14.85
C GLU A 258 39.64 -41.05 -14.13
N MET A 259 38.32 -41.24 -14.22
CA MET A 259 37.41 -40.36 -13.51
C MET A 259 37.60 -40.46 -12.00
N ALA A 260 37.80 -41.70 -11.51
CA ALA A 260 38.01 -41.89 -10.08
C ALA A 260 39.26 -41.18 -9.60
N ALA A 261 40.26 -41.01 -10.47
CA ALA A 261 41.46 -40.29 -10.07
C ALA A 261 41.16 -38.82 -9.80
N ILE A 262 40.24 -38.23 -10.57
CA ILE A 262 39.87 -36.84 -10.32
C ILE A 262 38.90 -36.78 -9.15
N GLY A 263 37.91 -37.67 -9.15
CA GLY A 263 36.88 -37.64 -8.13
C GLY A 263 37.39 -37.90 -6.73
N SER A 264 38.43 -38.72 -6.61
CA SER A 264 38.99 -39.05 -5.29
C SER A 264 39.53 -37.81 -4.57
N GLN A 265 40.12 -36.87 -5.31
CA GLN A 265 40.73 -35.70 -4.70
C GLN A 265 39.71 -34.77 -4.04
N PHE A 266 38.41 -35.08 -4.12
CA PHE A 266 37.37 -34.31 -3.44
C PHE A 266 37.10 -34.98 -2.10
N THR A 267 37.81 -34.50 -1.08
CA THR A 267 37.71 -35.03 0.28
C THR A 267 37.16 -33.96 1.21
N VAL A 268 36.14 -34.33 1.98
CA VAL A 268 35.53 -33.44 2.95
C VAL A 268 36.06 -33.82 4.33
N LYS A 269 36.85 -32.94 4.92
CA LYS A 269 37.32 -33.18 6.27
C LYS A 269 36.13 -33.24 7.22
N PRO A 270 36.21 -34.07 8.25
CA PRO A 270 35.02 -34.34 9.07
C PRO A 270 34.72 -33.26 10.09
N ASP A 271 34.81 -31.99 9.70
CA ASP A 271 34.36 -30.90 10.56
C ASP A 271 33.00 -30.41 10.07
N GLU A 272 32.23 -29.82 10.98
CA GLU A 272 30.87 -29.37 10.64
C GLU A 272 30.89 -28.11 9.80
N ARG A 273 31.64 -27.08 10.21
CA ARG A 273 31.79 -25.90 9.35
C ARG A 273 32.43 -26.28 8.02
N GLU A 274 33.40 -27.20 8.04
CA GLU A 274 33.99 -27.71 6.81
C GLU A 274 32.94 -28.43 5.97
N LEU A 275 32.07 -29.22 6.61
CA LEU A 275 30.98 -29.88 5.89
C LEU A 275 29.99 -28.87 5.32
N GLN A 276 29.69 -27.82 6.07
CA GLN A 276 28.88 -26.74 5.53
C GLN A 276 29.64 -26.00 4.43
N ARG A 277 30.95 -25.82 4.63
CA ARG A 277 31.77 -25.15 3.63
C ARG A 277 31.72 -25.89 2.29
N ARG A 278 32.10 -27.16 2.30
CA ARG A 278 32.18 -27.91 1.05
C ARG A 278 30.81 -28.22 0.47
N THR A 279 29.77 -28.25 1.30
CA THR A 279 28.42 -28.43 0.75
C THR A 279 28.03 -27.25 -0.13
N ALA A 280 28.44 -26.05 0.26
CA ALA A 280 28.12 -24.87 -0.54
C ALA A 280 28.96 -24.82 -1.80
N GLU A 281 30.22 -25.23 -1.71
CA GLU A 281 31.09 -25.31 -2.87
C GLU A 281 30.44 -26.11 -3.98
N MET A 282 29.80 -27.23 -3.62
CA MET A 282 29.13 -28.03 -4.65
C MET A 282 27.95 -27.28 -5.26
N ILE A 283 27.24 -26.49 -4.45
CA ILE A 283 26.09 -25.77 -4.99
C ILE A 283 26.54 -24.65 -5.93
N SER A 284 27.62 -23.95 -5.57
CA SER A 284 28.12 -22.91 -6.47
C SER A 284 28.62 -23.51 -7.77
N VAL A 285 29.21 -24.71 -7.69
CA VAL A 285 29.69 -25.38 -8.89
C VAL A 285 28.52 -25.81 -9.77
N CYS A 286 27.48 -26.37 -9.16
CA CYS A 286 26.33 -26.84 -9.95
C CYS A 286 25.67 -25.69 -10.69
N ALA A 287 25.45 -24.57 -10.02
CA ALA A 287 24.88 -23.40 -10.67
C ALA A 287 25.81 -22.89 -11.76
N TYR A 288 27.11 -22.84 -11.47
CA TYR A 288 28.09 -22.46 -12.48
C TYR A 288 28.00 -23.37 -13.70
N MET A 289 27.62 -24.63 -13.51
CA MET A 289 27.55 -25.58 -14.61
C MET A 289 26.33 -25.34 -15.48
N ALA A 290 25.17 -25.15 -14.86
CA ALA A 290 23.94 -24.96 -15.62
C ALA A 290 23.89 -23.58 -16.27
N GLY A 291 24.56 -22.58 -15.67
CA GLY A 291 24.45 -21.22 -16.15
C GLY A 291 25.50 -20.81 -17.17
N ALA A 292 26.70 -21.37 -17.07
CA ALA A 292 27.81 -21.03 -17.96
C ALA A 292 27.97 -22.00 -19.12
N SER A 293 27.01 -22.90 -19.33
CA SER A 293 27.07 -23.84 -20.44
C SER A 293 26.37 -23.27 -21.68
N GLN A 294 26.74 -22.06 -22.03
CA GLN A 294 26.17 -21.33 -23.17
C GLN A 294 27.17 -21.26 -24.31
N ARG A 295 26.63 -21.14 -25.53
CA ARG A 295 27.45 -21.11 -26.73
C ARG A 295 27.64 -19.68 -27.20
N PRO A 296 28.86 -19.12 -27.16
CA PRO A 296 29.07 -17.76 -27.68
C PRO A 296 28.68 -17.65 -29.15
N GLY A 297 27.62 -16.88 -29.41
CA GLY A 297 27.09 -16.77 -30.75
C GLY A 297 25.68 -17.31 -30.84
N ARG A 298 25.42 -18.40 -30.11
CA ARG A 298 24.11 -19.00 -30.06
C ARG A 298 23.29 -18.42 -28.90
N LYS A 299 22.01 -18.79 -28.86
CA LYS A 299 21.13 -18.36 -27.78
C LYS A 299 21.55 -19.01 -26.47
N ARG A 300 21.10 -18.42 -25.36
CA ARG A 300 21.32 -19.02 -24.05
C ARG A 300 20.32 -20.14 -23.82
N LYS A 301 20.82 -21.30 -23.38
CA LYS A 301 19.92 -22.39 -23.07
C LYS A 301 20.60 -23.34 -22.09
N ILE A 302 19.82 -23.84 -21.14
CA ILE A 302 20.37 -24.64 -20.06
C ILE A 302 20.40 -26.11 -20.46
N ASP A 303 21.25 -26.86 -19.77
CA ASP A 303 21.37 -28.31 -19.94
C ASP A 303 20.39 -29.03 -19.01
N PHE A 304 19.77 -30.09 -19.55
CA PHE A 304 18.79 -30.87 -18.79
C PHE A 304 19.40 -31.69 -17.67
N PHE A 305 20.68 -32.03 -17.76
CA PHE A 305 21.31 -32.77 -16.69
C PHE A 305 22.18 -31.91 -15.79
N TYR A 306 22.63 -30.76 -16.28
CA TYR A 306 23.32 -29.81 -15.41
C TYR A 306 22.38 -29.24 -14.37
N MET A 307 21.13 -29.00 -14.76
CA MET A 307 20.15 -28.46 -13.81
C MET A 307 19.81 -29.47 -12.72
N HIS A 308 19.81 -30.77 -13.06
CA HIS A 308 19.51 -31.77 -12.04
C HIS A 308 20.62 -31.82 -10.99
N THR A 309 21.85 -31.45 -11.35
CA THR A 309 22.89 -31.29 -10.35
C THR A 309 22.58 -30.16 -9.38
N LEU A 310 21.89 -29.13 -9.88
CA LEU A 310 21.56 -27.98 -9.03
C LEU A 310 20.40 -28.30 -8.11
N THR A 311 19.31 -28.82 -8.67
CA THR A 311 18.08 -29.11 -7.92
C THR A 311 18.37 -30.01 -6.73
N SER A 312 19.23 -31.00 -6.94
CA SER A 312 19.56 -31.94 -5.89
C SER A 312 20.43 -31.31 -4.81
N SER A 313 21.18 -30.27 -5.15
CA SER A 313 22.08 -29.66 -4.16
C SER A 313 21.30 -29.13 -2.96
N LEU A 314 20.08 -28.62 -3.18
CA LEU A 314 19.29 -28.08 -2.08
C LEU A 314 18.99 -29.15 -1.03
N PHE A 315 18.72 -30.38 -1.48
CA PHE A 315 18.36 -31.47 -0.58
C PHE A 315 19.56 -32.04 0.16
N PHE A 316 20.78 -31.80 -0.30
CA PHE A 316 21.94 -32.20 0.48
C PHE A 316 22.24 -31.21 1.59
N SER A 317 21.71 -29.99 1.51
CA SER A 317 21.72 -29.13 2.69
C SER A 317 20.73 -29.61 3.73
N VAL A 318 19.68 -30.32 3.31
CA VAL A 318 18.74 -30.92 4.27
C VAL A 318 19.45 -32.00 5.08
N LEU A 319 20.23 -32.85 4.42
CA LEU A 319 20.80 -34.01 5.09
C LEU A 319 21.86 -33.60 6.10
N ILE A 320 22.70 -32.61 5.76
CA ILE A 320 23.76 -32.22 6.67
C ILE A 320 23.21 -31.57 7.93
N ARG A 321 21.97 -31.12 7.91
CA ARG A 321 21.32 -30.57 9.09
C ARG A 321 20.63 -31.62 9.94
N GLN A 322 20.40 -32.81 9.40
CA GLN A 322 19.76 -33.87 10.16
C GLN A 322 20.71 -34.38 11.24
N ASP A 323 20.29 -34.27 12.49
CA ASP A 323 21.10 -34.70 13.64
C ASP A 323 21.07 -36.20 13.85
N TRP A 324 20.28 -36.95 13.09
CA TRP A 324 20.15 -38.39 13.26
C TRP A 324 20.98 -39.18 12.27
N ILE A 325 21.70 -38.52 11.37
CA ILE A 325 22.67 -39.15 10.49
C ILE A 325 24.05 -38.90 11.05
N SER A 326 24.90 -39.91 11.00
CA SER A 326 26.28 -39.75 11.48
C SER A 326 27.03 -38.78 10.57
N LEU A 327 27.95 -38.02 11.17
CA LEU A 327 28.66 -37.00 10.41
C LEU A 327 29.52 -37.62 9.31
N ALA A 328 30.15 -38.76 9.59
CA ALA A 328 30.89 -39.45 8.55
C ALA A 328 29.97 -39.78 7.38
N ASP A 329 28.75 -40.22 7.67
CA ASP A 329 27.75 -40.43 6.62
C ASP A 329 27.32 -39.10 6.00
N ARG A 330 27.10 -38.08 6.83
CA ARG A 330 26.81 -36.75 6.29
C ARG A 330 27.97 -36.23 5.45
N VAL A 331 29.21 -36.46 5.90
CA VAL A 331 30.36 -36.12 5.07
C VAL A 331 30.38 -36.98 3.82
N ARG A 332 30.04 -38.27 3.98
CA ARG A 332 30.04 -39.18 2.84
C ARG A 332 29.02 -38.79 1.78
N LEU A 333 27.90 -38.17 2.20
CA LEU A 333 26.87 -37.80 1.24
C LEU A 333 27.32 -36.63 0.37
N VAL A 334 28.07 -35.69 0.94
CA VAL A 334 28.57 -34.58 0.15
C VAL A 334 29.72 -35.02 -0.75
N GLU A 335 30.58 -35.90 -0.25
CA GLU A 335 31.67 -36.43 -1.06
C GLU A 335 31.14 -37.18 -2.28
N TRP A 336 30.24 -38.14 -2.05
CA TRP A 336 29.66 -38.89 -3.16
C TRP A 336 28.88 -37.98 -4.10
N LYS A 337 28.32 -36.89 -3.57
CA LYS A 337 27.61 -35.93 -4.40
C LYS A 337 28.57 -35.23 -5.36
N GLY A 338 29.64 -34.66 -4.80
CA GLY A 338 30.56 -33.88 -5.60
C GLY A 338 31.28 -34.71 -6.64
N ARG A 339 31.56 -35.98 -6.34
CA ARG A 339 32.27 -36.84 -7.29
C ARG A 339 31.38 -37.26 -8.45
N LEU A 340 30.12 -37.56 -8.19
CA LEU A 340 29.19 -37.92 -9.27
C LEU A 340 28.82 -36.73 -10.13
N ASP A 341 28.92 -35.51 -9.59
CA ASP A 341 28.68 -34.34 -10.42
C ASP A 341 29.74 -34.19 -11.50
N LEU A 342 31.01 -34.40 -11.14
CA LEU A 342 32.08 -34.35 -12.13
C LEU A 342 31.87 -35.39 -13.23
N ALA A 343 31.16 -36.47 -12.93
CA ALA A 343 30.86 -37.44 -13.97
C ALA A 343 29.80 -36.89 -14.91
N TRP A 344 28.75 -36.27 -14.38
CA TRP A 344 27.70 -35.73 -15.22
C TRP A 344 28.20 -34.58 -16.07
N TYR A 345 29.11 -33.77 -15.53
CA TYR A 345 29.70 -32.68 -16.30
C TYR A 345 30.33 -33.22 -17.57
N VAL A 346 30.89 -34.41 -17.50
CA VAL A 346 31.45 -35.04 -18.69
C VAL A 346 30.36 -35.70 -19.52
N VAL A 347 29.32 -36.20 -18.88
CA VAL A 347 28.25 -36.88 -19.63
C VAL A 347 27.57 -35.91 -20.60
N SER A 348 27.32 -34.66 -20.15
CA SER A 348 26.71 -33.70 -21.04
C SER A 348 27.61 -33.28 -22.19
N GLY A 349 28.92 -33.47 -22.06
CA GLY A 349 29.82 -33.12 -23.14
C GLY A 349 30.91 -32.16 -22.71
N SER A 350 31.04 -31.99 -21.39
CA SER A 350 32.12 -31.20 -20.79
C SER A 350 32.19 -29.81 -21.43
N ALA A 351 31.01 -29.22 -21.66
CA ALA A 351 30.93 -27.94 -22.35
C ALA A 351 31.76 -26.86 -21.66
N GLU A 352 32.24 -25.89 -22.42
CA GLU A 352 33.16 -24.87 -21.90
C GLU A 352 32.40 -23.86 -21.05
N LEU A 353 32.91 -23.59 -19.85
CA LEU A 353 32.26 -22.72 -18.89
C LEU A 353 33.03 -21.42 -18.75
N HIS A 354 32.49 -20.34 -19.31
CA HIS A 354 33.07 -19.01 -19.20
C HIS A 354 32.17 -18.13 -18.34
N ASP A 355 32.77 -17.27 -17.52
CA ASP A 355 32.01 -16.48 -16.54
C ASP A 355 31.29 -15.29 -17.16
N ASP A 356 31.56 -14.96 -18.44
CA ASP A 356 31.03 -13.74 -19.03
C ASP A 356 29.53 -13.83 -19.32
N ALA A 357 29.00 -15.03 -19.55
CA ALA A 357 27.59 -15.16 -19.87
C ALA A 357 26.70 -14.85 -18.66
N ILE A 358 27.13 -15.29 -17.48
CA ILE A 358 26.33 -15.09 -16.27
C ILE A 358 26.56 -13.70 -15.68
N THR A 359 27.75 -13.12 -15.84
CA THR A 359 27.98 -11.77 -15.38
C THR A 359 27.32 -10.74 -16.29
N ASP A 360 27.22 -11.04 -17.59
CA ASP A 360 26.63 -10.14 -18.57
C ASP A 360 25.38 -10.80 -19.13
N TYR A 361 24.29 -10.76 -18.36
CA TYR A 361 23.01 -11.33 -18.77
C TYR A 361 21.91 -10.30 -18.55
N HIS A 362 21.18 -9.97 -19.62
CA HIS A 362 20.08 -9.03 -19.54
C HIS A 362 18.95 -9.47 -20.44
N ASP A 363 17.72 -9.31 -19.95
CA ASP A 363 16.52 -9.60 -20.72
C ASP A 363 15.36 -8.84 -20.09
N ASP A 364 14.58 -8.14 -20.91
CA ASP A 364 13.58 -7.22 -20.40
C ASP A 364 12.56 -7.91 -19.50
N PHE A 365 12.20 -9.16 -19.83
CA PHE A 365 11.12 -9.83 -19.11
C PHE A 365 11.40 -9.95 -17.62
N SER A 366 12.66 -10.18 -17.27
CA SER A 366 13.07 -10.29 -15.87
C SER A 366 14.28 -9.42 -15.56
N ALA A 367 14.44 -8.30 -16.27
CA ALA A 367 15.58 -7.42 -16.04
C ALA A 367 15.57 -6.84 -14.63
N ASP A 368 14.43 -6.85 -13.95
CA ASP A 368 14.35 -6.29 -12.62
C ASP A 368 13.53 -7.16 -11.66
N MET A 369 13.24 -8.40 -12.02
CA MET A 369 12.50 -9.29 -11.13
C MET A 369 13.37 -9.69 -9.95
N GLY A 370 12.75 -9.81 -8.77
CA GLY A 370 13.39 -10.33 -7.60
C GLY A 370 13.03 -11.79 -7.36
N TRP A 371 13.54 -12.33 -6.24
CA TRP A 371 13.21 -13.71 -5.88
C TRP A 371 11.70 -13.91 -5.76
N LYS A 372 11.01 -12.93 -5.16
CA LYS A 372 9.56 -13.07 -4.96
C LYS A 372 8.82 -13.06 -6.29
N GLU A 373 9.19 -12.14 -7.18
CA GLU A 373 8.56 -12.08 -8.50
C GLU A 373 8.85 -13.35 -9.29
N LEU A 374 10.09 -13.83 -9.23
CA LEU A 374 10.41 -15.12 -9.84
C LEU A 374 9.57 -16.23 -9.23
N TYR A 375 9.43 -16.21 -7.90
CA TYR A 375 8.57 -17.20 -7.24
C TYR A 375 7.15 -17.13 -7.79
N ALA A 376 6.60 -15.92 -7.90
CA ALA A 376 5.25 -15.77 -8.40
C ALA A 376 5.15 -16.20 -9.86
N ALA A 377 6.08 -15.71 -10.69
CA ALA A 377 5.99 -16.02 -12.12
C ALA A 377 6.21 -17.50 -12.38
N VAL A 378 6.90 -18.19 -11.47
CA VAL A 378 7.13 -19.63 -11.64
C VAL A 378 5.97 -20.45 -11.08
N ASN A 379 5.22 -19.92 -10.11
CA ASN A 379 4.16 -20.72 -9.51
C ASN A 379 3.00 -20.95 -10.46
N LYS A 380 2.94 -20.22 -11.57
CA LYS A 380 1.82 -20.29 -12.51
C LYS A 380 2.18 -20.91 -13.84
N GLU A 381 3.44 -20.85 -14.26
CA GLU A 381 3.85 -21.43 -15.53
C GLU A 381 3.69 -22.94 -15.52
N HIS A 382 3.50 -23.51 -16.70
CA HIS A 382 3.22 -24.93 -16.87
C HIS A 382 4.52 -25.65 -17.21
N ASP A 383 4.97 -26.52 -16.30
CA ASP A 383 6.13 -27.37 -16.53
C ASP A 383 6.01 -28.59 -15.64
N ASP A 384 7.06 -29.41 -15.63
CA ASP A 384 7.13 -30.57 -14.75
C ASP A 384 7.57 -30.21 -13.33
N GLY A 385 7.92 -28.95 -13.09
CA GLY A 385 8.41 -28.50 -11.81
C GLY A 385 9.89 -28.20 -11.78
N HIS A 386 10.60 -28.50 -12.87
CA HIS A 386 12.05 -28.35 -12.90
C HIS A 386 12.46 -26.91 -12.72
N VAL A 387 11.84 -26.00 -13.47
CA VAL A 387 12.23 -24.59 -13.40
C VAL A 387 12.01 -24.05 -11.99
N ALA A 388 11.01 -24.57 -11.29
CA ALA A 388 10.70 -24.13 -9.94
C ALA A 388 11.81 -24.55 -8.99
N MET A 390 14.88 -25.22 -9.67
CA MET A 390 16.08 -24.44 -9.94
C MET A 390 16.15 -23.18 -9.09
N ILE A 391 15.12 -22.33 -9.21
CA ILE A 391 15.10 -21.06 -8.48
C ILE A 391 15.05 -21.29 -6.98
N ARG A 392 14.43 -22.38 -6.55
CA ARG A 392 14.42 -22.69 -5.12
C ARG A 392 15.82 -23.02 -4.63
N ALA A 393 16.60 -23.74 -5.40
CA ALA A 393 17.94 -24.11 -4.95
C ALA A 393 18.91 -22.93 -5.08
N LEU A 394 18.75 -22.12 -6.12
CA LEU A 394 19.62 -20.96 -6.29
C LEU A 394 19.46 -19.96 -5.15
N LYS A 395 18.28 -19.89 -4.54
CA LYS A 395 18.12 -19.10 -3.33
C LYS A 395 18.91 -19.72 -2.18
N ASN A 396 18.77 -21.03 -2.00
CA ASN A 396 19.50 -21.72 -0.94
C ASN A 396 21.00 -21.65 -1.17
N GLY A 397 21.44 -21.77 -2.43
CA GLY A 397 22.86 -21.64 -2.72
C GLY A 397 23.39 -20.26 -2.39
N GLN A 398 22.58 -19.23 -2.63
CA GLN A 398 22.98 -17.87 -2.27
C GLN A 398 23.16 -17.74 -0.76
N GLU A 399 22.23 -18.28 0.02
CA GLU A 399 22.25 -18.08 1.46
C GLU A 399 23.36 -18.88 2.12
N ALA A 400 23.46 -20.17 1.80
CA ALA A 400 24.43 -21.03 2.48
C ALA A 400 25.87 -20.71 2.10
N ALA A 401 26.09 -20.00 0.99
CA ALA A 401 27.45 -19.68 0.58
C ALA A 401 27.96 -18.38 1.19
N ARG A 402 27.07 -17.44 1.51
CA ARG A 402 27.48 -16.09 1.90
C ARG A 402 28.42 -16.04 3.10
N PRO A 403 28.25 -16.83 4.17
CA PRO A 403 29.23 -16.76 5.26
C PRO A 403 30.64 -17.09 4.83
N PHE A 404 30.80 -17.89 3.77
CA PHE A 404 32.11 -18.28 3.28
C PHE A 404 32.50 -17.60 1.97
N GLU A 405 31.59 -16.86 1.34
CA GLU A 405 31.80 -16.42 -0.04
C GLU A 405 33.09 -15.61 -0.20
N ALA A 406 33.39 -14.71 0.75
CA ALA A 406 34.55 -13.85 0.62
C ALA A 406 35.85 -14.52 1.03
N GLU A 407 35.80 -15.57 1.84
CA GLU A 407 37.02 -16.11 2.41
C GLU A 407 37.78 -17.01 1.43
N TYR A 408 37.07 -17.65 0.50
CA TYR A 408 37.71 -18.45 -0.55
C TYR A 408 37.05 -18.13 -1.88
N PRO A 409 37.45 -17.02 -2.51
CA PRO A 409 36.83 -16.63 -3.79
C PRO A 409 37.23 -17.50 -4.96
N ASP A 410 38.23 -18.36 -4.80
CA ASP A 410 38.72 -19.22 -5.87
C ASP A 410 38.06 -20.58 -5.90
N ALA A 411 37.25 -20.91 -4.88
CA ALA A 411 36.48 -22.15 -4.89
C ALA A 411 35.01 -21.90 -5.17
N PHE A 412 34.58 -20.65 -5.32
CA PHE A 412 33.18 -20.30 -5.60
C PHE A 412 33.11 -19.48 -6.87
N PRO A 413 32.90 -20.11 -8.02
CA PRO A 413 32.79 -19.35 -9.27
C PRO A 413 31.55 -18.49 -9.33
N VAL A 414 30.46 -18.92 -8.69
CA VAL A 414 29.22 -18.16 -8.62
C VAL A 414 29.18 -17.47 -7.25
N LYS A 415 29.17 -16.14 -7.25
CA LYS A 415 29.18 -15.36 -6.02
C LYS A 415 28.24 -14.17 -6.14
N GLY A 416 27.71 -13.75 -5.00
CA GLY A 416 26.92 -12.54 -4.91
C GLY A 416 25.67 -12.48 -5.75
N ASP A 417 25.68 -11.60 -6.76
CA ASP A 417 24.50 -11.38 -7.59
C ASP A 417 24.35 -12.41 -8.70
N MET A 418 25.37 -13.22 -8.97
CA MET A 418 25.25 -14.23 -10.02
C MET A 418 24.11 -15.19 -9.72
N TRP A 419 23.84 -15.45 -8.43
CA TRP A 419 22.76 -16.36 -8.06
C TRP A 419 21.44 -15.94 -8.69
N LEU A 420 21.05 -14.68 -8.46
CA LEU A 420 19.79 -14.19 -9.00
C LEU A 420 19.83 -14.18 -10.53
N LYS A 421 20.99 -13.87 -11.11
CA LYS A 421 21.13 -13.89 -12.56
C LYS A 421 20.77 -15.26 -13.12
N ILE A 422 21.36 -16.31 -12.55
CA ILE A 422 21.11 -17.67 -13.04
C ILE A 422 19.64 -18.02 -12.89
N ALA A 423 19.00 -17.59 -11.81
CA ALA A 423 17.58 -17.87 -11.64
C ALA A 423 16.76 -17.15 -12.69
N ARG A 424 17.15 -15.92 -13.04
CA ARG A 424 16.48 -15.20 -14.12
C ARG A 424 16.65 -15.93 -15.45
N MET A 425 17.87 -16.40 -15.73
CA MET A 425 18.12 -17.16 -16.95
C MET A 425 17.32 -18.46 -16.97
N ALA A 426 17.02 -19.01 -15.78
CA ALA A 426 16.25 -20.24 -15.68
C ALA A 426 14.81 -20.03 -16.15
N LEU A 427 14.22 -18.87 -15.83
CA LEU A 427 12.85 -18.58 -16.22
C LEU A 427 12.75 -18.05 -17.65
N ASP A 428 13.75 -17.31 -18.11
CA ASP A 428 13.69 -16.73 -19.45
C ASP A 428 13.78 -17.82 -20.52
N THR A 429 14.79 -18.69 -20.42
CA THR A 429 15.06 -19.67 -21.47
C THR A 429 14.06 -20.82 -21.51
N THR A 430 13.16 -20.94 -20.53
CA THR A 430 12.16 -22.00 -20.50
C THR A 430 10.73 -21.49 -20.57
N LYS A 431 10.51 -20.18 -20.54
CA LYS A 431 9.17 -19.64 -20.79
C LYS A 431 8.92 -19.58 -22.30
N ASP A 432 7.64 -19.74 -22.66
CA ASP A 432 7.22 -19.79 -24.06
C ASP A 432 7.92 -20.92 -24.81
N TRP A 433 8.14 -22.04 -24.12
CA TRP A 433 8.73 -23.24 -24.71
C TRP A 433 8.00 -24.46 -24.17
N PRO A 434 7.72 -25.45 -25.01
CA PRO A 434 7.15 -26.71 -24.52
C PRO A 434 8.11 -27.42 -23.58
N THR A 435 7.59 -28.39 -22.83
CA THR A 435 8.40 -29.12 -21.88
C THR A 435 9.55 -29.85 -22.57
N ASP A 436 9.31 -30.36 -23.78
CA ASP A 436 10.37 -31.07 -24.50
C ASP A 436 11.46 -30.12 -24.99
N GLN A 437 11.12 -28.86 -25.24
CA GLN A 437 12.03 -27.90 -25.85
C GLN A 437 12.48 -26.82 -24.87
N LYS A 438 12.15 -26.95 -23.58
CA LYS A 438 12.64 -25.98 -22.60
C LYS A 438 14.16 -26.04 -22.49
N PHE A 439 14.70 -27.22 -22.20
CA PHE A 439 16.13 -27.40 -22.01
C PHE A 439 16.73 -28.15 -23.19
N VAL A 440 18.06 -28.24 -23.19
CA VAL A 440 18.80 -29.04 -24.16
C VAL A 440 19.34 -30.26 -23.45
N MET A 441 19.47 -31.36 -24.18
CA MET A 441 20.06 -32.59 -23.66
C MET A 441 21.48 -32.70 -24.21
N PHE A 442 22.47 -32.70 -23.32
CA PHE A 442 23.88 -32.73 -23.72
C PHE A 442 24.28 -31.49 -24.51
N THR A 443 24.48 -30.36 -23.83
CA THR A 443 24.88 -29.14 -24.49
C THR A 443 26.33 -29.17 -24.93
N GLY A 444 27.15 -30.04 -24.35
CA GLY A 444 28.51 -30.20 -24.79
C GLY A 444 28.67 -30.91 -26.13
N PHE A 445 27.62 -31.56 -26.61
CA PHE A 445 27.66 -32.23 -27.91
C PHE A 445 27.11 -31.28 -28.97
N ASP A 446 27.98 -30.93 -29.93
CA ASP A 446 27.57 -30.12 -31.06
C ASP A 446 26.37 -30.71 -31.80
N MET A 447 26.17 -32.02 -31.72
CA MET A 447 25.00 -32.64 -32.33
C MET A 447 23.70 -32.20 -31.67
N GLY A 448 23.74 -31.93 -30.35
CA GLY A 448 22.52 -31.60 -29.64
C GLY A 448 21.88 -30.31 -30.11
N TRP A 449 22.68 -29.35 -30.55
CA TRP A 449 22.16 -28.08 -31.03
C TRP A 449 21.81 -28.09 -32.51
N LYS A 450 22.41 -29.00 -33.29
CA LYS A 450 22.19 -29.01 -34.73
C LYS A 450 20.78 -29.48 -35.07
N ILE A 451 20.41 -30.68 -34.59
CA ILE A 451 19.15 -31.28 -35.02
C ILE A 451 17.95 -30.52 -34.48
N ARG A 452 18.12 -29.77 -33.38
CA ARG A 452 17.00 -29.04 -32.80
C ARG A 452 16.82 -27.70 -33.52
N PRO A 453 15.60 -27.37 -33.96
CA PRO A 453 15.39 -26.10 -34.66
C PRO A 453 15.25 -24.92 -33.71
N ASP A 454 14.61 -25.14 -32.57
CA ASP A 454 14.39 -24.06 -31.61
C ASP A 454 15.68 -23.51 -31.03
N LEU A 455 16.81 -24.17 -31.25
CA LEU A 455 18.11 -23.67 -30.82
C LEU A 455 18.73 -22.88 -31.96
N ALA A 456 18.86 -21.57 -31.79
CA ALA A 456 19.44 -20.71 -32.80
C ALA A 456 20.00 -19.43 -32.17
N VAL B 11 -19.27 10.99 5.41
CA VAL B 11 -19.01 9.60 5.09
C VAL B 11 -18.17 9.48 3.81
N THR B 12 -16.95 9.02 3.97
CA THR B 12 -16.04 8.80 2.85
C THR B 12 -15.59 7.33 2.87
N LEU B 13 -15.05 6.89 1.72
CA LEU B 13 -14.60 5.51 1.59
C LEU B 13 -13.45 5.19 2.52
N ASN B 14 -12.63 6.19 2.86
CA ASN B 14 -11.51 5.96 3.78
C ASN B 14 -11.99 5.77 5.21
N SER B 15 -13.00 6.54 5.64
CA SER B 15 -13.47 6.52 7.02
C SER B 15 -14.35 5.31 7.35
N GLN B 16 -14.48 4.37 6.43
CA GLN B 16 -15.16 3.11 6.69
C GLN B 16 -14.11 2.00 6.75
N ILE B 17 -14.03 1.32 7.89
CA ILE B 17 -13.04 0.27 8.10
C ILE B 17 -13.59 -0.99 7.42
N GLY B 18 -13.10 -1.27 6.21
CA GLY B 18 -13.57 -2.40 5.44
C GLY B 18 -12.51 -3.45 5.18
N LEU B 19 -12.68 -4.63 5.76
CA LEU B 19 -11.70 -5.70 5.65
C LEU B 19 -11.94 -6.53 4.40
N SER B 20 -10.86 -6.89 3.73
CA SER B 20 -10.89 -7.74 2.55
C SER B 20 -10.01 -8.96 2.77
N ASP B 21 -10.42 -10.09 2.18
CA ASP B 21 -9.69 -11.34 2.31
C ASP B 21 -8.45 -11.42 1.43
N GLU B 22 -7.89 -10.28 1.03
CA GLU B 22 -6.72 -10.23 0.17
C GLU B 22 -5.42 -10.02 0.96
N HIS B 23 -5.38 -9.02 1.82
CA HIS B 23 -4.24 -8.74 2.69
C HIS B 23 -4.74 -8.77 4.13
N VAL B 24 -4.85 -9.98 4.68
CA VAL B 24 -5.38 -10.17 6.03
C VAL B 24 -4.34 -10.84 6.92
N GLY B 25 -3.39 -10.07 7.42
CA GLY B 25 -2.40 -10.59 8.34
C GLY B 25 -1.02 -10.78 7.74
N LEU B 26 -0.04 -10.04 8.27
CA LEU B 26 1.36 -10.22 7.88
C LEU B 26 1.76 -11.68 7.94
N LEU B 27 1.36 -12.36 9.02
CA LEU B 27 1.53 -13.80 9.14
C LEU B 27 0.71 -14.53 8.09
N GLY B 28 -0.59 -14.61 8.30
CA GLY B 28 -1.43 -15.41 7.41
C GLY B 28 -1.28 -16.89 7.61
N ASP B 29 -0.75 -17.33 8.75
CA ASP B 29 -0.60 -18.75 9.06
C ASP B 29 -1.81 -19.31 9.80
N ALA B 30 -3.00 -18.80 9.51
CA ALA B 30 -4.23 -19.30 10.12
C ALA B 30 -5.40 -18.95 9.23
N VAL B 31 -6.28 -19.92 9.02
CA VAL B 31 -7.50 -19.68 8.23
C VAL B 31 -8.45 -18.83 9.05
N VAL B 32 -8.99 -17.79 8.41
CA VAL B 32 -9.86 -16.83 9.08
C VAL B 32 -11.31 -17.18 8.75
N ASP B 33 -12.11 -17.46 9.77
CA ASP B 33 -13.53 -17.67 9.58
C ASP B 33 -14.14 -16.42 8.97
N ARG B 34 -14.75 -16.58 7.80
CA ARG B 34 -15.20 -15.42 7.03
C ARG B 34 -16.29 -14.62 7.75
N ALA B 35 -17.02 -15.23 8.68
CA ALA B 35 -18.02 -14.50 9.46
C ALA B 35 -17.38 -13.54 10.46
N SER B 36 -16.07 -13.63 10.69
CA SER B 36 -15.37 -12.68 11.54
C SER B 36 -15.02 -11.40 10.81
N ILE B 37 -14.65 -11.49 9.52
CA ILE B 37 -14.33 -10.30 8.75
C ILE B 37 -15.52 -9.33 8.75
N GLN B 38 -16.73 -9.86 8.56
CA GLN B 38 -17.92 -9.02 8.60
C GLN B 38 -18.26 -8.59 10.03
N GLU B 39 -18.07 -9.49 11.00
CA GLU B 39 -18.34 -9.13 12.39
C GLU B 39 -17.34 -8.09 12.89
N ALA B 40 -16.08 -8.20 12.46
CA ALA B 40 -15.07 -7.23 12.87
C ALA B 40 -15.35 -5.85 12.28
N ASN B 41 -15.73 -5.78 11.00
CA ASN B 41 -16.02 -4.49 10.38
C ASN B 41 -17.17 -3.77 11.06
N ARG B 42 -18.10 -4.51 11.66
CA ARG B 42 -19.23 -3.88 12.33
C ARG B 42 -18.83 -3.25 13.67
N LEU B 43 -17.91 -3.89 14.40
CA LEU B 43 -17.42 -3.37 15.66
C LEU B 43 -16.30 -2.36 15.49
N LEU B 44 -15.45 -2.53 14.48
CA LEU B 44 -14.40 -1.55 14.23
C LEU B 44 -15.00 -0.17 13.93
N GLN B 45 -16.15 -0.14 13.27
CA GLN B 45 -16.78 1.14 12.95
C GLN B 45 -17.29 1.83 14.22
N LYS B 46 -17.81 1.05 15.17
CA LYS B 46 -18.24 1.61 16.44
C LYS B 46 -17.06 2.24 17.14
N ASN B 47 -16.02 1.44 17.42
CA ASN B 47 -14.81 1.94 18.03
C ASN B 47 -14.26 3.14 17.26
N HIS B 48 -14.47 3.14 15.94
CA HIS B 48 -13.94 4.20 15.10
C HIS B 48 -14.64 5.53 15.36
N GLU B 49 -15.91 5.49 15.77
CA GLU B 49 -16.75 6.68 15.80
C GLU B 49 -17.60 6.78 17.07
N GLU B 50 -17.27 6.03 18.11
CA GLU B 50 -18.04 6.10 19.35
C GLU B 50 -17.15 6.31 20.56
N TRP B 51 -15.94 5.76 20.53
CA TRP B 51 -15.11 5.67 21.72
C TRP B 51 -13.83 6.49 21.57
N HIS B 52 -13.52 7.27 22.61
CA HIS B 52 -12.29 8.04 22.65
C HIS B 52 -11.09 7.12 22.57
N MET B 53 -10.12 7.48 21.71
CA MET B 53 -8.86 6.74 21.63
C MET B 53 -8.19 6.69 23.00
N PHE B 54 -7.93 7.87 23.59
CA PHE B 54 -7.43 7.93 24.95
C PHE B 54 -8.60 7.85 25.91
N PHE B 55 -8.68 6.77 26.68
CA PHE B 55 -9.70 6.74 27.72
C PHE B 55 -9.22 7.42 29.00
N ARG B 56 -7.92 7.64 29.14
CA ARG B 56 -7.34 8.53 30.13
C ARG B 56 -6.29 9.38 29.43
N ASP B 57 -5.74 10.36 30.15
CA ASP B 57 -4.72 11.23 29.57
C ASP B 57 -3.34 10.57 29.59
N ARG B 58 -3.03 9.83 30.65
CA ARG B 58 -1.78 9.10 30.78
C ARG B 58 -2.07 7.61 30.83
N ALA B 59 -1.36 6.84 30.01
CA ALA B 59 -1.53 5.39 29.92
C ALA B 59 -2.98 5.01 29.60
N GLY B 60 -3.61 5.77 28.71
CA GLY B 60 -4.96 5.48 28.29
C GLY B 60 -5.06 5.19 26.80
N HIS B 61 -5.27 3.94 26.43
CA HIS B 61 -5.27 3.54 25.03
C HIS B 61 -6.48 2.67 24.72
N ASN B 62 -7.02 2.84 23.52
CA ASN B 62 -8.21 2.11 23.08
C ASN B 62 -7.77 0.84 22.37
N HIS B 63 -7.54 -0.21 23.16
CA HIS B 63 -7.06 -1.49 22.65
C HIS B 63 -8.14 -2.31 21.94
N ILE B 64 -9.37 -1.79 21.85
CA ILE B 64 -10.45 -2.56 21.21
C ILE B 64 -10.08 -2.90 19.78
N ALA B 65 -9.60 -1.91 19.03
CA ALA B 65 -9.20 -2.14 17.65
C ALA B 65 -8.00 -3.09 17.57
N HIS B 66 -7.06 -2.96 18.49
CA HIS B 66 -5.88 -3.82 18.48
C HIS B 66 -6.25 -5.27 18.76
N SER B 67 -7.21 -5.50 19.65
CA SER B 67 -7.57 -6.87 20.02
C SER B 67 -8.41 -7.54 18.94
N ILE B 68 -9.27 -6.78 18.26
CA ILE B 68 -10.12 -7.36 17.22
C ILE B 68 -9.29 -7.78 16.01
N LEU B 69 -8.26 -7.00 15.65
CA LEU B 69 -7.45 -7.33 14.48
C LEU B 69 -6.52 -8.50 14.74
N THR B 70 -5.79 -8.47 15.86
CA THR B 70 -4.81 -9.52 16.13
C THR B 70 -5.49 -10.89 16.28
N CYS B 71 -6.57 -10.95 17.05
CA CYS B 71 -7.30 -12.21 17.20
C CYS B 71 -7.81 -12.72 15.86
N LEU B 72 -8.21 -11.82 14.96
CA LEU B 72 -8.69 -12.23 13.65
C LEU B 72 -7.60 -12.91 12.85
N ALA B 73 -6.37 -12.41 12.90
CA ALA B 73 -5.29 -13.02 12.14
C ALA B 73 -4.70 -14.26 12.82
N LEU B 74 -5.24 -14.69 13.95
CA LEU B 74 -4.80 -15.89 14.63
C LEU B 74 -5.81 -17.03 14.55
N GLY B 75 -6.89 -16.85 13.78
CA GLY B 75 -7.91 -17.87 13.63
C GLY B 75 -9.11 -17.68 14.52
N ALA B 76 -9.60 -16.45 14.64
CA ALA B 76 -10.72 -16.17 15.53
C ALA B 76 -12.03 -16.65 14.92
N GLY B 77 -12.98 -16.98 15.79
CA GLY B 77 -14.33 -17.28 15.38
C GLY B 77 -15.19 -16.04 15.43
N PRO B 78 -16.51 -16.17 15.24
CA PRO B 78 -17.38 -15.00 15.28
C PRO B 78 -17.54 -14.45 16.68
N ALA B 79 -17.85 -15.33 17.63
CA ALA B 79 -18.02 -14.90 19.02
C ALA B 79 -16.70 -14.50 19.67
N ASP B 80 -15.57 -14.85 19.08
CA ASP B 80 -14.28 -14.47 19.66
C ASP B 80 -13.88 -13.05 19.26
N ILE B 81 -14.35 -12.57 18.11
CA ILE B 81 -14.15 -11.17 17.75
C ILE B 81 -14.98 -10.28 18.65
N GLN B 82 -16.22 -10.69 18.95
CA GLN B 82 -17.06 -9.95 19.89
C GLN B 82 -16.46 -9.94 21.30
N ARG B 83 -15.74 -11.00 21.67
CA ARG B 83 -15.12 -11.05 23.00
C ARG B 83 -14.18 -9.88 23.22
N ALA B 84 -13.45 -9.49 22.17
CA ALA B 84 -12.50 -8.39 22.28
C ALA B 84 -13.21 -7.06 22.51
N TYR B 85 -14.32 -6.82 21.80
CA TYR B 85 -15.03 -5.56 21.94
C TYR B 85 -15.69 -5.45 23.31
N ASP B 86 -16.25 -6.55 23.81
CA ASP B 86 -17.00 -6.48 25.07
C ASP B 86 -16.08 -6.30 26.27
N ASP B 87 -14.96 -7.00 26.31
CA ASP B 87 -14.03 -6.80 27.41
C ASP B 87 -13.46 -5.39 27.41
N GLY B 88 -13.12 -4.90 26.23
CA GLY B 88 -12.47 -3.61 26.09
C GLY B 88 -13.37 -2.40 26.04
N VAL B 89 -14.68 -2.59 25.99
CA VAL B 89 -15.59 -1.44 25.98
C VAL B 89 -16.03 -1.06 27.39
N GLY B 90 -15.71 -1.87 28.40
CA GLY B 90 -16.03 -1.54 29.78
C GLY B 90 -15.23 -0.40 30.35
N ILE B 91 -14.11 -0.04 29.73
CA ILE B 91 -13.27 1.05 30.22
C ILE B 91 -13.19 2.22 29.25
N GLN B 92 -13.79 2.13 28.08
CA GLN B 92 -13.67 3.19 27.08
C GLN B 92 -14.65 4.32 27.37
N ARG B 93 -14.17 5.55 27.19
CA ARG B 93 -15.00 6.72 27.40
C ARG B 93 -15.43 7.32 26.06
N PRO B 94 -16.50 8.12 26.06
CA PRO B 94 -17.01 8.66 24.78
C PRO B 94 -15.98 9.51 24.06
N ILE B 95 -16.04 9.45 22.73
CA ILE B 95 -15.11 10.22 21.90
C ILE B 95 -15.48 11.70 21.96
N PRO B 96 -14.51 12.61 21.98
CA PRO B 96 -14.83 14.05 21.94
C PRO B 96 -15.50 14.44 20.64
N ALA B 97 -16.08 15.64 20.63
CA ALA B 97 -16.59 16.20 19.40
C ALA B 97 -15.45 16.85 18.62
N VAL B 98 -15.77 17.42 17.46
CA VAL B 98 -14.81 18.02 16.56
C VAL B 98 -15.06 19.52 16.49
N ASP B 99 -14.03 20.29 16.82
CA ASP B 99 -14.07 21.74 16.66
C ASP B 99 -13.74 22.06 15.21
N GLY B 100 -14.76 22.45 14.44
CA GLY B 100 -14.55 22.73 13.02
C GLY B 100 -13.51 23.80 12.76
N ALA B 101 -13.41 24.77 13.67
CA ALA B 101 -12.40 25.82 13.53
C ALA B 101 -11.00 25.23 13.56
N THR B 102 -10.77 24.24 14.42
CA THR B 102 -9.49 23.56 14.47
C THR B 102 -9.21 22.82 13.17
N VAL B 103 -10.23 22.18 12.60
CA VAL B 103 -10.05 21.34 11.42
C VAL B 103 -9.52 22.15 10.24
N GLU B 104 -10.09 23.34 10.02
CA GLU B 104 -9.66 24.15 8.89
C GLU B 104 -8.40 24.95 9.17
N ARG B 105 -8.06 25.17 10.43
CA ARG B 105 -6.82 25.84 10.77
C ARG B 105 -5.63 24.90 10.87
N LEU B 106 -5.86 23.58 10.86
CA LEU B 106 -4.79 22.60 10.95
C LEU B 106 -3.95 22.51 9.67
N THR B 107 -4.35 23.18 8.59
CA THR B 107 -3.49 23.25 7.41
C THR B 107 -2.32 24.21 7.60
N ASP B 108 -2.55 25.32 8.32
CA ASP B 108 -1.49 26.25 8.68
C ASP B 108 -0.52 25.54 9.62
N GLU B 109 0.72 25.35 9.15
CA GLU B 109 1.73 24.61 9.92
C GLU B 109 1.95 25.23 11.30
N ALA B 110 1.75 26.55 11.43
CA ALA B 110 1.89 27.17 12.74
C ALA B 110 0.81 26.67 13.70
N PHE B 111 -0.42 26.55 13.22
CA PHE B 111 -1.50 26.06 14.06
C PHE B 111 -1.36 24.57 14.36
N PHE B 112 -0.77 23.81 13.44
CA PHE B 112 -0.58 22.38 13.66
C PHE B 112 0.37 22.12 14.82
N LEU B 113 1.42 22.94 14.94
CA LEU B 113 2.44 22.67 15.95
C LEU B 113 1.97 23.03 17.34
N GLU B 114 1.11 24.05 17.46
CA GLU B 114 0.64 24.51 18.76
C GLU B 114 -0.45 23.62 19.34
N THR B 115 -1.12 22.82 18.52
CA THR B 115 -2.18 21.95 18.99
C THR B 115 -1.68 20.58 19.43
N LEU B 116 -0.42 20.25 19.16
CA LEU B 116 0.11 18.93 19.49
C LEU B 116 0.14 18.71 20.99
N GLY B 117 -0.48 17.63 21.44
CA GLY B 117 -0.57 17.29 22.85
C GLY B 117 -1.93 17.46 23.49
N ALA B 118 -2.97 17.78 22.71
CA ALA B 118 -4.31 18.03 23.26
C ALA B 118 -5.13 16.75 23.12
N ILE B 119 -5.23 16.01 24.23
CA ILE B 119 -6.02 14.77 24.23
C ILE B 119 -7.47 15.03 23.84
N THR B 120 -7.96 16.22 24.17
CA THR B 120 -9.33 16.60 23.84
C THR B 120 -9.54 16.92 22.35
N GLN B 121 -8.47 17.03 21.56
CA GLN B 121 -8.57 17.37 20.15
C GLN B 121 -8.28 16.18 19.24
N TYR B 122 -8.36 14.96 19.76
CA TYR B 122 -8.14 13.78 18.93
C TYR B 122 -9.16 13.68 17.81
N THR B 123 -10.44 13.90 18.13
CA THR B 123 -11.48 13.89 17.11
C THR B 123 -11.19 14.94 16.04
N SER B 124 -10.68 16.10 16.45
CA SER B 124 -10.30 17.13 15.49
C SER B 124 -9.17 16.63 14.60
N PHE B 125 -8.17 15.98 15.19
CA PHE B 125 -7.06 15.46 14.39
C PHE B 125 -7.51 14.30 13.51
N LEU B 126 -8.45 13.48 13.99
CA LEU B 126 -8.91 12.33 13.21
C LEU B 126 -9.59 12.79 11.92
N VAL B 127 -10.36 13.86 11.99
CA VAL B 127 -11.06 14.35 10.81
C VAL B 127 -10.10 15.00 9.81
N PHE B 128 -9.05 15.64 10.30
CA PHE B 128 -8.14 16.35 9.41
C PHE B 128 -7.28 15.41 8.57
N PHE B 129 -6.82 14.30 9.15
CA PHE B 129 -6.06 13.32 8.38
C PHE B 129 -6.96 12.52 7.45
N GLN B 130 -8.20 12.25 7.87
CA GLN B 130 -9.16 11.58 7.01
C GLN B 130 -9.44 12.39 5.75
N ARG B 131 -9.70 13.69 5.91
CA ARG B 131 -9.96 14.55 4.76
C ARG B 131 -8.73 14.66 3.86
N GLN B 132 -7.54 14.74 4.47
CA GLN B 132 -6.32 14.79 3.66
C GLN B 132 -6.07 13.48 2.94
N MET B 133 -6.44 12.35 3.55
CA MET B 133 -6.27 11.06 2.88
C MET B 133 -7.23 10.91 1.71
N ASP B 134 -8.43 11.51 1.81
CA ASP B 134 -9.33 11.54 0.66
C ASP B 134 -8.76 12.36 -0.48
N ALA B 135 -7.78 13.22 -0.18
CA ALA B 135 -7.20 14.14 -1.16
C ALA B 135 -6.03 13.52 -1.90
N HIS B 136 -4.96 13.18 -1.19
CA HIS B 136 -3.71 12.77 -1.82
C HIS B 136 -3.38 11.30 -1.66
N GLY B 137 -4.03 10.58 -0.76
CA GLY B 137 -3.78 9.17 -0.61
C GLY B 137 -3.05 8.87 0.70
N TRP B 138 -3.20 7.63 1.17
CA TRP B 138 -2.63 7.27 2.46
C TRP B 138 -1.10 7.22 2.40
N GLN B 139 -0.56 6.72 1.29
CA GLN B 139 0.89 6.74 1.11
C GLN B 139 1.43 8.16 1.10
N ALA B 140 0.67 9.11 0.53
CA ALA B 140 1.13 10.49 0.47
C ALA B 140 1.09 11.14 1.85
N VAL B 141 0.02 10.91 2.60
CA VAL B 141 -0.13 11.58 3.89
C VAL B 141 0.98 11.15 4.85
N VAL B 142 1.30 9.86 4.86
CA VAL B 142 2.32 9.36 5.78
C VAL B 142 3.71 9.84 5.34
N ASN B 143 3.96 9.92 4.04
CA ASN B 143 5.26 10.37 3.56
C ASN B 143 5.39 11.89 3.49
N LYS B 144 4.50 12.63 4.17
CA LYS B 144 4.65 14.07 4.32
C LYS B 144 4.38 14.55 5.74
N TYR B 145 3.80 13.73 6.60
CA TYR B 145 3.62 14.03 8.01
C TYR B 145 4.46 13.14 8.91
N VAL B 146 5.24 12.22 8.34
CA VAL B 146 6.08 11.30 9.12
C VAL B 146 7.47 11.25 8.52
N PHE B 147 7.60 10.78 7.27
CA PHE B 147 8.89 10.70 6.60
C PHE B 147 9.06 11.86 5.62
N SER B 148 9.16 13.06 6.17
CA SER B 148 9.38 14.24 5.35
C SER B 148 10.51 15.13 5.85
N ARG B 149 11.14 14.79 6.96
CA ARG B 149 12.27 15.50 7.55
C ARG B 149 11.98 16.97 7.87
N ASN B 150 10.73 17.41 7.75
CA ASN B 150 10.39 18.81 8.04
C ASN B 150 9.97 18.94 9.51
N ALA B 151 9.58 20.16 9.89
CA ALA B 151 9.31 20.44 11.30
C ALA B 151 8.21 19.56 11.86
N ILE B 152 7.13 19.37 11.11
CA ILE B 152 6.04 18.54 11.60
C ILE B 152 6.43 17.06 11.60
N ALA B 153 7.12 16.61 10.55
CA ALA B 153 7.47 15.20 10.45
C ALA B 153 8.39 14.77 11.60
N GLU B 154 9.47 15.52 11.82
CA GLU B 154 10.45 15.16 12.84
C GLU B 154 9.91 15.28 14.25
N LYS B 155 8.78 15.94 14.44
CA LYS B 155 8.07 15.87 15.72
C LYS B 155 7.14 14.66 15.75
N MET B 156 6.38 14.46 14.68
CA MET B 156 5.44 13.35 14.63
C MET B 156 6.15 12.00 14.51
N LEU B 157 7.32 11.97 13.87
CA LEU B 157 8.06 10.71 13.77
C LEU B 157 8.49 10.23 15.15
N ALA B 158 8.91 11.15 16.02
CA ALA B 158 9.20 10.77 17.40
C ALA B 158 7.92 10.45 18.15
N ARG B 159 6.80 11.12 17.83
CA ARG B 159 5.55 10.88 18.53
C ARG B 159 4.89 9.56 18.14
N LEU B 160 5.42 8.84 17.15
CA LEU B 160 4.90 7.52 16.83
C LEU B 160 5.41 6.45 17.79
N TYR B 161 6.57 6.68 18.41
CA TYR B 161 7.11 5.77 19.40
C TYR B 161 6.58 6.01 20.80
N GLU B 162 5.85 7.12 21.02
CA GLU B 162 5.43 7.47 22.37
C GLU B 162 4.50 6.41 22.96
N GLY B 163 4.40 6.43 24.29
CA GLY B 163 3.44 5.59 24.98
C GLY B 163 3.61 4.11 24.73
N ALA B 164 4.87 3.65 24.74
CA ALA B 164 5.21 2.24 24.52
C ALA B 164 4.74 1.76 23.14
N TYR B 165 5.21 2.47 22.11
CA TYR B 165 4.99 2.09 20.71
C TYR B 165 3.51 1.87 20.38
N HIS B 166 2.60 2.49 21.12
CA HIS B 166 1.18 2.28 20.82
C HIS B 166 0.75 2.98 19.53
N PRO B 167 1.15 4.23 19.25
CA PRO B 167 0.77 4.81 17.94
C PRO B 167 1.33 4.03 16.76
N VAL B 168 2.58 3.56 16.85
CA VAL B 168 3.14 2.84 15.71
C VAL B 168 2.50 1.45 15.58
N ILE B 169 1.95 0.92 16.69
CA ILE B 169 1.20 -0.32 16.62
C ILE B 169 -0.09 -0.13 15.83
N HIS B 170 -0.83 0.95 16.15
CA HIS B 170 -1.99 1.31 15.35
C HIS B 170 -1.60 1.54 13.90
N LEU B 171 -0.45 2.18 13.68
CA LEU B 171 -0.03 2.47 12.31
C LEU B 171 0.32 1.19 11.58
N GLY B 172 0.95 0.26 12.29
CA GLY B 172 1.30 -1.01 11.68
C GLY B 172 0.10 -1.80 11.23
N LEU B 173 -0.92 -1.88 12.09
CA LEU B 173 -2.15 -2.58 11.73
C LEU B 173 -2.86 -1.90 10.55
N GLY B 174 -2.75 -0.57 10.47
CA GLY B 174 -3.37 0.15 9.37
C GLY B 174 -2.76 -0.18 8.02
N ILE B 175 -1.45 -0.36 7.97
CA ILE B 175 -0.79 -0.73 6.71
C ILE B 175 -0.83 -2.24 6.51
N GLU B 176 -0.87 -3.01 7.59
CA GLU B 176 -0.98 -4.46 7.49
C GLU B 176 -2.28 -4.88 6.81
N PHE B 177 -3.39 -4.28 7.21
CA PHE B 177 -4.68 -4.63 6.63
C PHE B 177 -5.17 -3.64 5.58
N GLN B 178 -4.39 -2.59 5.30
CA GLN B 178 -4.73 -1.58 4.29
C GLN B 178 -6.10 -0.96 4.52
N GLN B 179 -6.27 -0.40 5.72
CA GLN B 179 -7.48 0.34 6.09
C GLN B 179 -7.06 1.76 6.46
N PRO B 180 -7.14 2.72 5.53
CA PRO B 180 -6.68 4.09 5.85
C PRO B 180 -7.40 4.71 7.03
N SER B 181 -8.57 4.19 7.40
CA SER B 181 -9.24 4.65 8.62
C SER B 181 -8.33 4.51 9.83
N LEU B 182 -7.84 3.29 10.06
CA LEU B 182 -6.95 3.07 11.19
C LEU B 182 -5.69 3.90 11.07
N ILE B 183 -5.23 4.13 9.83
CA ILE B 183 -4.04 4.95 9.63
C ILE B 183 -4.31 6.38 10.08
N ALA B 184 -5.53 6.88 9.83
CA ALA B 184 -5.87 8.22 10.30
C ALA B 184 -5.94 8.26 11.82
N GLU B 185 -6.45 7.19 12.44
CA GLU B 185 -6.48 7.13 13.90
C GLU B 185 -5.08 7.22 14.48
N ALA B 186 -4.16 6.40 13.95
CA ALA B 186 -2.80 6.37 14.48
C ALA B 186 -2.12 7.73 14.35
N LEU B 187 -2.28 8.37 13.19
CA LEU B 187 -1.69 9.69 13.02
C LEU B 187 -2.33 10.70 13.97
N ALA B 188 -3.64 10.62 14.16
CA ALA B 188 -4.31 11.51 15.11
C ALA B 188 -3.90 11.19 16.53
N GLN B 189 -3.68 9.92 16.84
CA GLN B 189 -3.30 9.53 18.20
C GLN B 189 -1.92 10.08 18.57
N ALA B 190 -0.95 9.99 17.66
CA ALA B 190 0.38 10.51 17.95
C ALA B 190 0.37 12.03 18.05
N ALA B 191 -0.51 12.70 17.31
CA ALA B 191 -0.57 14.16 17.37
C ALA B 191 -1.15 14.64 18.70
N ALA B 192 -2.06 13.87 19.28
CA ALA B 192 -2.76 14.23 20.51
C ALA B 192 -2.14 13.59 21.75
N HIS B 193 -0.91 13.13 21.63
CA HIS B 193 -0.22 12.50 22.73
C HIS B 193 0.53 13.55 23.55
N ASP B 194 0.63 13.30 24.86
CA ASP B 194 1.39 14.17 25.73
C ASP B 194 2.89 13.87 25.60
N ASP B 195 3.70 14.91 25.71
CA ASP B 195 5.13 14.79 25.42
C ASP B 195 5.83 13.99 26.53
N SER B 196 6.67 13.03 26.12
CA SER B 196 7.47 12.25 27.05
C SER B 196 8.96 12.57 26.98
N HIS B 197 9.34 13.58 26.19
CA HIS B 197 10.72 14.03 26.01
C HIS B 197 11.63 12.97 25.40
N ILE B 198 11.09 11.94 24.75
CA ILE B 198 11.96 10.96 24.10
C ILE B 198 12.51 11.49 22.77
N SER B 199 11.88 12.52 22.20
CA SER B 199 12.43 13.15 21.02
C SER B 199 13.82 13.72 21.31
N ARG B 200 14.01 14.28 22.52
CA ARG B 200 15.33 14.78 22.89
C ARG B 200 16.36 13.67 22.91
N LEU B 201 15.92 12.42 23.07
CA LEU B 201 16.83 11.28 23.03
C LEU B 201 17.08 10.83 21.60
N PHE B 202 16.02 10.74 20.77
CA PHE B 202 16.18 10.34 19.37
C PHE B 202 17.22 11.21 18.67
N GLU B 203 17.11 12.53 18.82
CA GLU B 203 18.03 13.44 18.15
C GLU B 203 19.47 13.22 18.63
N ALA B 204 19.69 13.25 19.94
CA ALA B 204 21.03 13.09 20.47
C ALA B 204 21.65 11.75 20.09
N CYS B 205 20.81 10.75 19.82
CA CYS B 205 21.31 9.48 19.30
C CYS B 205 21.85 9.65 17.89
N GLU B 206 21.02 10.15 16.97
CA GLU B 206 21.49 10.43 15.62
C GLU B 206 22.54 11.53 15.58
N ALA B 207 22.68 12.31 16.66
CA ALA B 207 23.65 13.40 16.66
C ALA B 207 25.07 12.88 16.69
N GLN B 208 25.46 12.20 17.78
CA GLN B 208 26.81 11.68 17.87
C GLN B 208 27.02 10.43 17.04
N ALA B 209 25.95 9.87 16.47
CA ALA B 209 26.10 8.87 15.42
C ALA B 209 26.79 9.46 14.19
N ALA B 210 26.80 10.79 14.07
CA ALA B 210 27.50 11.44 12.95
C ALA B 210 28.99 11.58 13.26
N ILE B 211 29.33 12.37 14.28
CA ILE B 211 30.73 12.68 14.55
C ILE B 211 31.48 11.44 14.99
N ALA B 212 30.90 10.66 15.89
CA ALA B 212 31.57 9.44 16.31
C ALA B 212 31.54 8.44 15.16
N TYR B 213 32.70 8.17 14.57
CA TYR B 213 32.80 7.22 13.48
C TYR B 213 34.20 6.63 13.48
N PRO B 214 34.37 5.42 12.93
CA PRO B 214 33.34 4.53 12.39
C PRO B 214 33.20 3.21 13.15
N PRO B 215 31.99 2.88 13.62
CA PRO B 215 31.76 1.54 14.18
C PRO B 215 32.04 0.47 13.14
N ALA B 216 33.29 0.03 13.06
CA ALA B 216 33.70 -0.91 12.02
C ALA B 216 32.86 -2.18 12.07
N HIS B 217 32.84 -2.83 13.22
CA HIS B 217 31.99 -4.00 13.44
C HIS B 217 30.82 -3.61 14.33
N PRO B 218 29.61 -3.51 13.79
CA PRO B 218 28.48 -3.02 14.59
C PRO B 218 28.27 -3.89 15.82
N LYS B 219 28.18 -3.25 16.99
CA LYS B 219 28.01 -3.98 18.23
C LYS B 219 26.59 -4.55 18.31
N PRO B 220 26.44 -5.78 18.81
CA PRO B 220 25.09 -6.36 18.91
C PRO B 220 24.22 -5.57 19.87
N LEU B 221 22.91 -5.65 19.66
CA LEU B 221 21.99 -4.90 20.50
C LEU B 221 21.98 -5.45 21.92
N VAL B 222 22.11 -6.76 22.06
CA VAL B 222 22.15 -7.36 23.39
C VAL B 222 23.45 -6.98 24.11
N GLN B 223 24.52 -6.71 23.36
CA GLN B 223 25.75 -6.24 23.99
C GLN B 223 25.56 -4.85 24.57
N LEU B 224 24.83 -3.99 23.87
CA LEU B 224 24.55 -2.67 24.40
C LEU B 224 23.64 -2.76 25.63
N LEU B 225 22.78 -3.78 25.67
CA LEU B 225 21.95 -4.01 26.86
C LEU B 225 22.83 -4.24 28.08
N ARG B 226 23.85 -5.07 27.94
CA ARG B 226 24.74 -5.37 29.07
C ARG B 226 25.58 -4.15 29.44
N GLU B 227 26.07 -3.42 28.44
CA GLU B 227 26.84 -2.21 28.72
C GLU B 227 26.00 -1.12 29.37
N ALA B 228 24.67 -1.18 29.23
CA ALA B 228 23.82 -0.16 29.83
C ALA B 228 23.55 -0.44 31.30
N ARG B 229 23.40 -1.71 31.67
CA ARG B 229 23.19 -2.07 33.07
C ARG B 229 24.45 -1.82 33.90
N ALA B 230 25.63 -2.01 33.31
CA ALA B 230 26.87 -1.74 34.04
C ALA B 230 27.03 -0.25 34.32
N THR B 231 26.61 0.60 33.38
CA THR B 231 26.70 2.04 33.58
C THR B 231 25.78 2.45 34.71
N GLU B 232 26.32 2.57 35.92
CA GLU B 232 25.49 2.88 37.08
C GLU B 232 24.80 4.23 36.92
N ALA B 233 25.37 5.13 36.11
CA ALA B 233 24.71 6.40 35.83
C ALA B 233 23.38 6.20 35.12
N ILE B 234 23.24 5.09 34.39
CA ILE B 234 22.01 4.80 33.67
C ILE B 234 21.04 3.99 34.53
N ARG B 235 21.55 3.00 35.27
CA ARG B 235 20.69 2.14 36.07
C ARG B 235 20.01 2.92 37.20
N SER B 236 20.70 3.89 37.79
CA SER B 236 20.18 4.64 38.93
C SER B 236 19.24 5.77 38.53
N ALA B 237 19.08 6.03 37.22
CA ALA B 237 18.26 7.17 36.81
C ALA B 237 16.79 7.00 37.17
N PRO B 238 16.12 5.90 36.82
CA PRO B 238 14.70 5.78 37.20
C PRO B 238 14.56 5.47 38.68
N ARG B 239 13.50 6.02 39.27
CA ARG B 239 13.17 5.79 40.67
C ARG B 239 11.71 5.43 40.79
N TRP B 240 11.39 4.57 41.76
CA TRP B 240 9.99 4.27 42.05
C TRP B 240 9.22 5.54 42.41
N GLU B 241 9.91 6.56 42.92
CA GLU B 241 9.26 7.83 43.19
C GLU B 241 8.86 8.52 41.89
N ASP B 242 9.65 8.33 40.82
CA ASP B 242 9.29 8.90 39.52
C ASP B 242 7.95 8.35 39.02
N PHE B 243 7.68 7.06 39.30
CA PHE B 243 6.42 6.42 38.97
C PHE B 243 6.10 6.48 37.49
N GLY B 244 5.14 7.32 37.10
CA GLY B 244 4.76 7.42 35.70
C GLY B 244 5.84 8.01 34.82
N ASN B 245 6.44 9.12 35.26
CA ASN B 245 7.44 9.84 34.48
C ASN B 245 8.86 9.28 34.72
N LYS B 246 8.98 7.96 34.53
CA LYS B 246 10.30 7.34 34.59
C LYS B 246 11.08 7.56 33.30
N MET B 247 10.37 7.76 32.18
CA MET B 247 11.02 8.09 30.93
C MET B 247 11.35 9.58 30.87
N ARG B 248 10.33 10.42 31.01
CA ARG B 248 10.48 11.88 30.97
C ARG B 248 11.44 12.36 32.04
N ASP B 249 11.03 12.26 33.31
CA ASP B 249 11.80 12.78 34.43
C ASP B 249 12.75 11.75 35.02
N GLY B 250 13.18 10.77 34.22
CA GLY B 250 14.08 9.75 34.73
C GLY B 250 15.26 9.45 33.82
N VAL B 251 15.00 8.91 32.62
CA VAL B 251 16.05 8.51 31.70
C VAL B 251 16.50 9.71 30.87
N VAL B 252 15.55 10.35 30.16
CA VAL B 252 15.87 11.57 29.42
C VAL B 252 16.26 12.67 30.37
N GLY B 253 15.63 12.70 31.55
CA GLY B 253 15.92 13.77 32.49
C GLY B 253 17.31 13.71 33.07
N ARG B 254 17.74 12.51 33.47
CA ARG B 254 19.01 12.30 34.15
C ARG B 254 20.12 11.76 33.25
N ALA B 255 19.84 10.67 32.52
CA ALA B 255 20.87 9.99 31.73
C ALA B 255 20.71 10.22 30.23
N LEU B 256 20.54 11.48 29.82
CA LEU B 256 20.35 11.78 28.40
C LEU B 256 21.62 11.49 27.59
N LEU B 257 22.73 12.13 27.97
CA LEU B 257 23.96 11.99 27.20
C LEU B 257 24.58 10.60 27.34
N GLU B 258 24.41 9.97 28.51
CA GLU B 258 24.97 8.64 28.76
C GLU B 258 24.21 7.56 28.02
N MET B 259 22.88 7.68 27.95
CA MET B 259 22.09 6.71 27.19
C MET B 259 22.27 6.91 25.70
N ALA B 260 22.50 8.15 25.26
CA ALA B 260 22.71 8.42 23.85
C ALA B 260 23.97 7.76 23.35
N ALA B 261 25.02 7.72 24.18
CA ALA B 261 26.27 7.10 23.78
C ALA B 261 26.07 5.61 23.50
N ILE B 262 25.35 4.93 24.39
CA ILE B 262 25.08 3.50 24.20
C ILE B 262 24.20 3.29 22.97
N GLY B 263 23.10 4.05 22.88
CA GLY B 263 22.16 3.85 21.80
C GLY B 263 22.71 4.20 20.44
N SER B 264 23.59 5.19 20.36
CA SER B 264 24.13 5.59 19.06
C SER B 264 24.98 4.50 18.44
N GLN B 265 25.52 3.59 19.26
CA GLN B 265 26.26 2.44 18.74
C GLN B 265 25.36 1.49 17.96
N PHE B 266 24.05 1.64 18.03
CA PHE B 266 23.13 0.84 17.24
C PHE B 266 22.94 1.53 15.88
N THR B 267 23.65 1.04 14.87
CA THR B 267 23.55 1.56 13.52
C THR B 267 23.21 0.44 12.56
N VAL B 268 22.29 0.71 11.64
CA VAL B 268 21.88 -0.26 10.62
C VAL B 268 22.42 0.22 9.28
N LYS B 269 23.25 -0.62 8.66
CA LYS B 269 23.77 -0.29 7.35
C LYS B 269 22.62 -0.33 6.34
N PRO B 270 22.59 0.58 5.36
CA PRO B 270 21.43 0.68 4.48
C PRO B 270 21.37 -0.38 3.39
N ASP B 271 21.63 -1.63 3.74
CA ASP B 271 21.43 -2.76 2.83
C ASP B 271 20.12 -3.46 3.16
N GLU B 272 19.46 -3.98 2.12
CA GLU B 272 18.17 -4.63 2.32
C GLU B 272 18.28 -5.89 3.17
N ARG B 273 19.38 -6.65 3.03
CA ARG B 273 19.57 -7.81 3.89
C ARG B 273 19.95 -7.38 5.30
N GLU B 274 20.90 -6.45 5.42
CA GLU B 274 21.25 -5.91 6.73
C GLU B 274 20.02 -5.37 7.44
N LEU B 275 19.12 -4.72 6.68
CA LEU B 275 17.88 -4.23 7.26
C LEU B 275 17.07 -5.37 7.85
N GLN B 276 16.96 -6.49 7.13
CA GLN B 276 16.22 -7.63 7.65
C GLN B 276 17.00 -8.33 8.74
N ARG B 277 18.34 -8.31 8.68
CA ARG B 277 19.14 -8.93 9.72
C ARG B 277 19.04 -8.16 11.04
N ARG B 278 19.14 -6.83 10.99
CA ARG B 278 19.06 -6.05 12.22
C ARG B 278 17.64 -5.96 12.75
N THR B 279 16.63 -5.95 11.87
CA THR B 279 15.25 -6.01 12.33
C THR B 279 14.97 -7.28 13.09
N ALA B 280 15.50 -8.41 12.60
CA ALA B 280 15.36 -9.66 13.33
C ALA B 280 16.19 -9.67 14.60
N GLU B 281 17.31 -8.93 14.63
CA GLU B 281 18.11 -8.81 15.84
C GLU B 281 17.37 -8.10 16.96
N MET B 282 16.37 -7.29 16.63
CA MET B 282 15.61 -6.54 17.64
C MET B 282 14.45 -7.35 18.23
N ILE B 283 13.83 -8.24 17.46
CA ILE B 283 12.75 -9.06 18.00
C ILE B 283 13.31 -10.08 19.01
N SER B 284 14.45 -10.68 18.68
CA SER B 284 15.06 -11.66 19.59
C SER B 284 15.49 -11.00 20.89
N VAL B 285 16.03 -9.78 20.80
CA VAL B 285 16.40 -9.04 22.01
C VAL B 285 15.15 -8.72 22.83
N CYS B 286 14.06 -8.34 22.15
CA CYS B 286 12.82 -8.04 22.87
C CYS B 286 12.26 -9.29 23.55
N ALA B 287 12.21 -10.41 22.82
CA ALA B 287 11.73 -11.65 23.44
C ALA B 287 12.64 -12.07 24.59
N TYR B 288 13.94 -11.79 24.48
CA TYR B 288 14.88 -12.06 25.56
C TYR B 288 14.65 -11.15 26.76
N MET B 289 13.98 -10.01 26.57
CA MET B 289 13.73 -9.09 27.66
C MET B 289 12.55 -9.53 28.51
N ALA B 290 11.42 -9.84 27.87
CA ALA B 290 10.23 -10.27 28.60
C ALA B 290 10.32 -11.71 29.07
N GLY B 291 11.25 -12.50 28.52
CA GLY B 291 11.32 -13.91 28.85
C GLY B 291 12.29 -14.25 29.95
N ALA B 292 13.23 -13.36 30.24
CA ALA B 292 14.29 -13.63 31.21
C ALA B 292 14.28 -12.71 32.40
N SER B 293 13.33 -11.77 32.49
CA SER B 293 13.28 -10.83 33.60
C SER B 293 12.68 -11.48 34.85
N GLN B 294 12.90 -12.78 35.01
CA GLN B 294 12.37 -13.52 36.14
C GLN B 294 13.35 -13.54 37.30
N ARG B 295 12.80 -13.63 38.51
CA ARG B 295 13.61 -13.67 39.73
C ARG B 295 13.87 -15.10 40.12
N PRO B 296 15.14 -15.53 40.23
CA PRO B 296 15.42 -16.89 40.70
C PRO B 296 14.82 -17.17 42.07
N GLY B 297 14.00 -18.22 42.17
CA GLY B 297 13.31 -18.56 43.37
C GLY B 297 11.88 -18.05 43.42
N ARG B 298 11.61 -16.91 42.80
CA ARG B 298 10.27 -16.37 42.73
C ARG B 298 9.50 -16.99 41.57
N LYS B 299 8.22 -16.62 41.49
CA LYS B 299 7.37 -17.05 40.39
C LYS B 299 7.79 -16.36 39.09
N ARG B 300 7.37 -16.95 37.97
CA ARG B 300 7.61 -16.39 36.66
C ARG B 300 6.47 -15.44 36.28
N LYS B 301 6.83 -14.25 35.80
CA LYS B 301 5.81 -13.30 35.39
C LYS B 301 6.45 -12.30 34.44
N ILE B 302 5.70 -11.92 33.40
CA ILE B 302 6.20 -11.02 32.38
C ILE B 302 6.18 -9.59 32.90
N ASP B 303 6.95 -8.73 32.24
CA ASP B 303 6.92 -7.29 32.48
C ASP B 303 5.94 -6.63 31.51
N PHE B 304 5.14 -5.71 32.05
CA PHE B 304 4.11 -5.04 31.25
C PHE B 304 4.70 -4.14 30.17
N PHE B 305 5.88 -3.57 30.40
CA PHE B 305 6.45 -2.68 29.40
C PHE B 305 7.44 -3.38 28.49
N TYR B 306 8.03 -4.48 28.97
CA TYR B 306 8.91 -5.27 28.12
C TYR B 306 8.12 -5.97 27.03
N MET B 307 6.93 -6.47 27.37
CA MET B 307 6.13 -7.18 26.39
C MET B 307 5.71 -6.23 25.27
N HIS B 308 5.50 -4.95 25.61
CA HIS B 308 5.13 -3.98 24.59
C HIS B 308 6.27 -3.75 23.60
N THR B 309 7.52 -4.00 24.00
CA THR B 309 8.60 -3.92 23.03
C THR B 309 8.55 -5.10 22.06
N LEU B 310 7.99 -6.24 22.49
CA LEU B 310 7.89 -7.40 21.62
C LEU B 310 6.68 -7.31 20.69
N THR B 311 5.53 -6.87 21.22
CA THR B 311 4.35 -6.73 20.36
C THR B 311 4.56 -5.67 19.30
N SER B 312 5.42 -4.69 19.56
CA SER B 312 5.72 -3.66 18.57
C SER B 312 6.69 -4.14 17.51
N SER B 313 7.47 -5.20 17.78
CA SER B 313 8.45 -5.67 16.82
C SER B 313 7.77 -6.19 15.55
N LEU B 314 6.63 -6.86 15.71
CA LEU B 314 5.96 -7.46 14.55
C LEU B 314 5.58 -6.41 13.52
N PHE B 315 5.12 -5.25 13.98
CA PHE B 315 4.68 -4.21 13.05
C PHE B 315 5.85 -3.47 12.40
N PHE B 316 7.06 -3.60 12.93
CA PHE B 316 8.21 -3.05 12.22
C PHE B 316 8.62 -3.95 11.06
N SER B 317 8.28 -5.24 11.13
CA SER B 317 8.43 -6.13 10.00
C SER B 317 7.58 -5.69 8.82
N VAL B 318 6.48 -4.96 9.09
CA VAL B 318 5.64 -4.44 8.02
C VAL B 318 6.29 -3.22 7.37
N LEU B 319 6.86 -2.32 8.18
CA LEU B 319 7.39 -1.08 7.64
C LEU B 319 8.54 -1.33 6.67
N ILE B 320 9.47 -2.24 7.02
CA ILE B 320 10.61 -2.50 6.15
C ILE B 320 10.18 -3.18 4.86
N ARG B 321 9.01 -3.82 4.85
CA ARG B 321 8.53 -4.54 3.67
C ARG B 321 7.79 -3.63 2.70
N GLN B 322 7.37 -2.45 3.13
CA GLN B 322 6.66 -1.54 2.25
C GLN B 322 7.62 -0.94 1.23
N ASP B 323 7.12 -0.72 0.02
CA ASP B 323 7.91 -0.19 -1.07
C ASP B 323 7.83 1.32 -1.19
N TRP B 324 6.80 1.94 -0.64
CA TRP B 324 6.58 3.38 -0.71
C TRP B 324 7.31 4.16 0.38
N ILE B 325 8.12 3.50 1.19
CA ILE B 325 8.96 4.13 2.19
C ILE B 325 10.42 3.98 1.76
N SER B 326 11.18 5.07 1.84
CA SER B 326 12.58 5.02 1.44
C SER B 326 13.38 4.11 2.37
N LEU B 327 14.52 3.64 1.86
CA LEU B 327 15.34 2.73 2.64
C LEU B 327 16.00 3.46 3.81
N ALA B 328 16.55 4.65 3.56
CA ALA B 328 17.16 5.42 4.64
C ALA B 328 16.14 5.74 5.73
N ASP B 329 14.87 5.86 5.37
CA ASP B 329 13.82 5.99 6.38
C ASP B 329 13.43 4.64 6.93
N ARG B 330 13.34 3.60 6.08
CA ARG B 330 13.10 2.26 6.59
C ARG B 330 14.22 1.82 7.52
N VAL B 331 15.45 2.24 7.22
CA VAL B 331 16.55 2.04 8.17
C VAL B 331 16.32 2.90 9.42
N ARG B 332 15.88 4.14 9.24
CA ARG B 332 15.78 5.05 10.37
C ARG B 332 14.73 4.60 11.39
N LEU B 333 13.68 3.92 10.95
CA LEU B 333 12.70 3.40 11.91
C LEU B 333 13.31 2.32 12.79
N VAL B 334 14.06 1.39 12.17
CA VAL B 334 14.64 0.30 12.94
C VAL B 334 15.75 0.81 13.85
N GLU B 335 16.45 1.87 13.45
CA GLU B 335 17.45 2.45 14.34
C GLU B 335 16.80 3.10 15.55
N TRP B 336 15.71 3.84 15.32
CA TRP B 336 15.04 4.52 16.43
C TRP B 336 14.37 3.53 17.37
N LYS B 337 13.84 2.43 16.83
CA LYS B 337 13.20 1.43 17.67
C LYS B 337 14.22 0.77 18.61
N GLY B 338 15.33 0.29 18.05
CA GLY B 338 16.34 -0.38 18.86
C GLY B 338 17.01 0.53 19.87
N ARG B 339 17.03 1.84 19.60
CA ARG B 339 17.59 2.77 20.58
C ARG B 339 16.60 3.11 21.68
N LEU B 340 15.30 3.09 21.38
CA LEU B 340 14.32 3.30 22.44
C LEU B 340 14.03 2.02 23.22
N ASP B 341 14.32 0.85 22.63
CA ASP B 341 14.24 -0.38 23.40
C ASP B 341 15.31 -0.45 24.48
N LEU B 342 16.44 0.22 24.26
CA LEU B 342 17.47 0.32 25.30
C LEU B 342 17.02 1.18 26.47
N ALA B 343 16.02 2.05 26.26
CA ALA B 343 15.52 2.86 27.37
C ALA B 343 14.51 2.10 28.21
N TRP B 344 13.57 1.40 27.56
CA TRP B 344 12.57 0.66 28.33
C TRP B 344 13.20 -0.45 29.15
N TYR B 345 14.31 -1.01 28.69
CA TYR B 345 15.06 -1.93 29.53
C TYR B 345 15.54 -1.25 30.80
N VAL B 346 15.95 0.01 30.69
CA VAL B 346 16.41 0.76 31.85
C VAL B 346 15.23 1.17 32.73
N VAL B 347 14.13 1.58 32.11
CA VAL B 347 13.00 2.13 32.85
C VAL B 347 12.42 1.09 33.82
N SER B 348 12.25 -0.14 33.34
CA SER B 348 11.60 -1.15 34.14
C SER B 348 12.49 -1.60 35.30
N GLY B 349 13.72 -1.09 35.36
CA GLY B 349 14.63 -1.39 36.44
C GLY B 349 15.84 -2.18 36.05
N SER B 350 16.06 -2.40 34.75
CA SER B 350 17.24 -3.10 34.24
C SER B 350 17.34 -4.49 34.86
N ALA B 351 16.27 -5.28 34.70
CA ALA B 351 16.22 -6.60 35.32
C ALA B 351 17.34 -7.49 34.78
N GLU B 352 17.87 -8.34 35.65
CA GLU B 352 18.95 -9.26 35.27
C GLU B 352 18.38 -10.38 34.40
N LEU B 353 18.82 -10.41 33.14
CA LEU B 353 18.35 -11.38 32.16
C LEU B 353 19.28 -12.59 32.17
N HIS B 354 18.76 -13.76 32.56
CA HIS B 354 19.51 -15.00 32.53
C HIS B 354 18.88 -15.95 31.50
N ASP B 355 19.73 -16.64 30.73
CA ASP B 355 19.24 -17.49 29.65
C ASP B 355 18.57 -18.77 30.14
N ASP B 356 18.83 -19.19 31.39
CA ASP B 356 18.34 -20.48 31.89
C ASP B 356 16.85 -20.52 32.13
N ALA B 357 16.19 -19.35 32.26
CA ALA B 357 14.76 -19.34 32.51
C ALA B 357 13.97 -19.80 31.29
N ILE B 358 14.44 -19.47 30.10
CA ILE B 358 13.70 -19.83 28.90
C ILE B 358 14.08 -21.21 28.37
N THR B 359 15.29 -21.70 28.66
CA THR B 359 15.70 -23.00 28.17
C THR B 359 15.17 -24.14 29.04
N ASP B 360 14.77 -23.85 30.28
CA ASP B 360 14.27 -24.83 31.24
C ASP B 360 12.95 -24.30 31.77
N TYR B 361 11.90 -24.38 30.96
CA TYR B 361 10.58 -23.91 31.34
C TYR B 361 9.56 -25.00 31.04
N HIS B 362 8.84 -25.44 32.06
CA HIS B 362 7.83 -26.47 31.92
C HIS B 362 6.57 -26.08 32.67
N ASP B 363 5.43 -26.36 32.06
CA ASP B 363 4.13 -26.26 32.73
C ASP B 363 3.19 -27.21 32.01
N ASP B 364 2.61 -28.15 32.75
CA ASP B 364 1.80 -29.21 32.15
C ASP B 364 0.66 -28.65 31.30
N PHE B 365 0.14 -27.48 31.68
CA PHE B 365 -1.00 -26.92 30.96
C PHE B 365 -0.67 -26.68 29.49
N SER B 366 0.51 -26.14 29.21
CA SER B 366 0.93 -25.81 27.84
C SER B 366 2.21 -26.52 27.45
N ALA B 367 2.52 -27.66 28.09
CA ALA B 367 3.81 -28.31 27.88
C ALA B 367 3.99 -28.77 26.44
N ASP B 368 2.90 -29.15 25.78
CA ASP B 368 2.96 -29.74 24.45
C ASP B 368 2.22 -28.91 23.40
N MET B 369 1.75 -27.71 23.73
CA MET B 369 1.05 -26.89 22.77
C MET B 369 1.99 -26.44 21.64
N GLY B 370 1.54 -26.62 20.41
CA GLY B 370 2.18 -25.98 19.27
C GLY B 370 1.68 -24.56 19.10
N TRP B 371 2.07 -23.95 17.98
CA TRP B 371 1.56 -22.61 17.67
C TRP B 371 0.05 -22.64 17.50
N LYS B 372 -0.47 -23.70 16.88
CA LYS B 372 -1.90 -23.80 16.66
C LYS B 372 -2.68 -23.84 17.98
N GLU B 373 -2.18 -24.61 18.94
CA GLU B 373 -2.90 -24.77 20.20
C GLU B 373 -2.83 -23.50 21.05
N LEU B 374 -1.70 -22.79 20.98
CA LEU B 374 -1.62 -21.50 21.66
C LEU B 374 -2.56 -20.48 21.03
N TYR B 375 -2.70 -20.51 19.69
CA TYR B 375 -3.63 -19.61 19.02
C TYR B 375 -5.06 -19.85 19.50
N ALA B 376 -5.52 -21.10 19.48
CA ALA B 376 -6.90 -21.39 19.85
C ALA B 376 -7.19 -21.00 21.29
N ALA B 377 -6.26 -21.29 22.20
CA ALA B 377 -6.49 -20.93 23.60
C ALA B 377 -6.37 -19.44 23.85
N VAL B 378 -5.63 -18.70 23.01
CA VAL B 378 -5.46 -17.28 23.22
C VAL B 378 -6.56 -16.45 22.55
N ASN B 379 -7.37 -17.07 21.68
CA ASN B 379 -8.52 -16.38 21.11
C ASN B 379 -9.73 -16.40 22.05
N LYS B 380 -9.79 -17.35 22.98
CA LYS B 380 -10.92 -17.45 23.89
C LYS B 380 -10.70 -16.69 25.20
N GLU B 381 -9.45 -16.60 25.65
CA GLU B 381 -9.17 -15.94 26.92
C GLU B 381 -9.58 -14.46 26.88
N HIS B 382 -10.06 -13.97 28.01
CA HIS B 382 -10.49 -12.58 28.15
C HIS B 382 -9.31 -11.74 28.62
N ASP B 383 -8.92 -10.76 27.82
CA ASP B 383 -7.84 -9.83 28.16
C ASP B 383 -8.01 -8.57 27.30
N ASP B 384 -7.12 -7.61 27.53
CA ASP B 384 -7.08 -6.39 26.72
C ASP B 384 -6.55 -6.66 25.31
N GLY B 385 -6.01 -7.85 25.05
CA GLY B 385 -5.49 -8.23 23.74
C GLY B 385 -3.99 -8.44 23.69
N HIS B 386 -3.28 -8.06 24.75
CA HIS B 386 -1.82 -8.09 24.72
C HIS B 386 -1.28 -9.51 24.53
N VAL B 387 -1.90 -10.48 25.21
CA VAL B 387 -1.38 -11.84 25.19
C VAL B 387 -1.47 -12.43 23.78
N ALA B 388 -2.52 -12.10 23.05
CA ALA B 388 -2.67 -12.55 21.67
C ALA B 388 -1.56 -11.97 20.79
N MET B 390 1.38 -10.94 21.66
CA MET B 390 2.71 -11.42 22.01
C MET B 390 3.03 -12.72 21.27
N ILE B 391 2.08 -13.66 21.31
CA ILE B 391 2.29 -14.93 20.62
C ILE B 391 2.42 -14.71 19.13
N ARG B 392 1.69 -13.73 18.59
CA ARG B 392 1.79 -13.41 17.18
C ARG B 392 3.16 -12.84 16.83
N ALA B 393 3.76 -12.06 17.72
CA ALA B 393 5.09 -11.54 17.44
C ALA B 393 6.16 -12.60 17.59
N LEU B 394 5.98 -13.54 18.53
CA LEU B 394 6.98 -14.60 18.70
C LEU B 394 6.99 -15.56 17.51
N LYS B 395 5.83 -15.76 16.88
CA LYS B 395 5.82 -16.52 15.65
C LYS B 395 6.58 -15.77 14.56
N ASN B 396 6.30 -14.46 14.41
CA ASN B 396 7.01 -13.65 13.43
C ASN B 396 8.50 -13.59 13.73
N GLY B 397 8.86 -13.45 15.01
CA GLY B 397 10.26 -13.47 15.38
C GLY B 397 10.92 -14.82 15.10
N GLN B 398 10.14 -15.90 15.10
CA GLN B 398 10.68 -17.21 14.76
C GLN B 398 10.90 -17.36 13.27
N GLU B 399 10.06 -16.73 12.45
CA GLU B 399 10.20 -16.84 11.01
C GLU B 399 11.29 -15.93 10.47
N ALA B 400 11.29 -14.66 10.88
CA ALA B 400 12.16 -13.65 10.27
C ALA B 400 13.62 -13.76 10.72
N ALA B 401 13.96 -14.75 11.55
CA ALA B 401 15.31 -14.88 12.10
C ALA B 401 16.04 -16.14 11.65
N ARG B 402 15.33 -17.19 11.24
CA ARG B 402 15.98 -18.45 10.88
C ARG B 402 17.06 -18.31 9.81
N PRO B 403 16.93 -17.48 8.78
CA PRO B 403 18.04 -17.34 7.82
C PRO B 403 19.31 -16.76 8.41
N PHE B 404 19.21 -15.91 9.43
CA PHE B 404 20.38 -15.32 10.06
C PHE B 404 20.72 -15.95 11.41
N GLU B 405 19.86 -16.82 11.93
CA GLU B 405 20.01 -17.31 13.30
C GLU B 405 21.38 -17.94 13.53
N ALA B 406 21.74 -18.93 12.70
CA ALA B 406 22.97 -19.66 12.91
C ALA B 406 24.19 -18.81 12.56
N GLU B 407 24.03 -17.81 11.69
CA GLU B 407 25.18 -17.05 11.21
C GLU B 407 25.78 -16.18 12.31
N TYR B 408 24.93 -15.57 13.14
CA TYR B 408 25.38 -14.69 14.23
C TYR B 408 24.70 -15.12 15.52
N PRO B 409 25.13 -16.24 16.11
CA PRO B 409 24.52 -16.69 17.37
C PRO B 409 24.81 -15.79 18.55
N ASP B 410 25.73 -14.84 18.41
CA ASP B 410 26.06 -13.91 19.48
C ASP B 410 25.17 -12.68 19.49
N ALA B 411 24.31 -12.51 18.49
CA ALA B 411 23.43 -11.35 18.40
C ALA B 411 21.96 -11.71 18.49
N PHE B 412 21.62 -13.00 18.54
CA PHE B 412 20.24 -13.47 18.71
C PHE B 412 20.16 -14.26 20.00
N PRO B 413 19.80 -13.63 21.12
CA PRO B 413 19.75 -14.36 22.38
C PRO B 413 18.65 -15.42 22.41
N VAL B 414 17.57 -15.22 21.67
CA VAL B 414 16.52 -16.22 21.56
C VAL B 414 16.68 -16.89 20.20
N LYS B 415 16.88 -18.20 20.21
CA LYS B 415 17.07 -18.94 18.97
C LYS B 415 16.33 -20.27 19.04
N GLY B 416 15.92 -20.75 17.87
CA GLY B 416 15.42 -22.09 17.72
C GLY B 416 14.15 -22.37 18.49
N ASP B 417 14.25 -23.23 19.51
CA ASP B 417 13.10 -23.69 20.27
C ASP B 417 12.72 -22.73 21.39
N MET B 418 13.46 -21.65 21.61
CA MET B 418 13.12 -20.73 22.69
C MET B 418 11.91 -19.86 22.36
N TRP B 419 11.61 -19.66 21.07
CA TRP B 419 10.50 -18.78 20.69
C TRP B 419 9.17 -19.33 21.17
N LEU B 420 8.93 -20.63 20.95
CA LEU B 420 7.70 -21.24 21.44
C LEU B 420 7.71 -21.32 22.97
N LYS B 421 8.90 -21.51 23.56
CA LYS B 421 9.01 -21.53 25.02
C LYS B 421 8.50 -20.22 25.63
N ILE B 422 8.80 -19.09 25.00
CA ILE B 422 8.31 -17.80 25.51
C ILE B 422 6.81 -17.69 25.29
N ALA B 423 6.32 -18.13 24.12
CA ALA B 423 4.90 -18.03 23.81
C ALA B 423 4.05 -18.83 24.79
N ARG B 424 4.53 -20.00 25.20
CA ARG B 424 3.84 -20.76 26.24
C ARG B 424 3.84 -20.01 27.56
N MET B 425 4.96 -19.34 27.87
CA MET B 425 5.04 -18.59 29.11
C MET B 425 4.01 -17.47 29.16
N ALA B 426 3.69 -16.88 28.00
CA ALA B 426 2.74 -15.78 27.97
C ALA B 426 1.32 -16.24 28.30
N LEU B 427 0.99 -17.50 27.97
CA LEU B 427 -0.33 -18.04 28.25
C LEU B 427 -0.46 -18.61 29.66
N ASP B 428 0.65 -19.04 30.26
CA ASP B 428 0.56 -19.67 31.58
C ASP B 428 0.52 -18.62 32.68
N THR B 429 1.42 -17.65 32.65
CA THR B 429 1.48 -16.64 33.69
C THR B 429 0.43 -15.56 33.54
N THR B 430 -0.47 -15.68 32.57
CA THR B 430 -1.57 -14.73 32.41
C THR B 430 -2.93 -15.39 32.30
N LYS B 431 -3.00 -16.72 32.40
CA LYS B 431 -4.27 -17.41 32.56
C LYS B 431 -4.62 -17.49 34.03
N ASP B 432 -5.92 -17.47 34.32
CA ASP B 432 -6.42 -17.49 35.70
C ASP B 432 -5.91 -16.27 36.48
N TRP B 433 -5.87 -15.11 35.82
CA TRP B 433 -5.49 -13.86 36.46
C TRP B 433 -6.33 -12.73 35.89
N PRO B 434 -6.73 -11.77 36.72
CA PRO B 434 -7.38 -10.56 36.21
C PRO B 434 -6.40 -9.74 35.39
N THR B 435 -6.95 -8.90 34.51
CA THR B 435 -6.13 -8.09 33.62
C THR B 435 -5.14 -7.21 34.41
N ASP B 436 -5.50 -6.81 35.63
CA ASP B 436 -4.59 -5.99 36.42
C ASP B 436 -3.40 -6.78 36.94
N GLN B 437 -3.56 -8.10 37.12
CA GLN B 437 -2.55 -8.91 37.77
C GLN B 437 -1.88 -9.90 36.82
N LYS B 438 -2.18 -9.79 35.52
CA LYS B 438 -1.56 -10.68 34.54
C LYS B 438 -0.05 -10.43 34.46
N PHE B 439 0.35 -9.16 34.44
CA PHE B 439 1.75 -8.78 34.30
C PHE B 439 2.19 -7.97 35.51
N VAL B 440 3.51 -7.78 35.62
CA VAL B 440 4.11 -6.93 36.63
C VAL B 440 4.57 -5.65 35.98
N MET B 441 4.31 -4.52 36.63
CA MET B 441 4.81 -3.23 36.16
C MET B 441 6.15 -2.98 36.86
N PHE B 442 7.22 -2.89 36.07
CA PHE B 442 8.58 -2.67 36.56
C PHE B 442 9.11 -3.90 37.29
N THR B 443 9.50 -4.93 36.54
CA THR B 443 10.00 -6.17 37.13
C THR B 443 11.42 -6.03 37.67
N GLY B 444 12.10 -4.93 37.40
CA GLY B 444 13.46 -4.76 37.87
C GLY B 444 13.51 -4.26 39.30
N PHE B 445 12.57 -3.40 39.65
CA PHE B 445 12.53 -2.84 41.00
C PHE B 445 12.07 -3.89 41.99
N ASP B 446 12.80 -4.01 43.10
CA ASP B 446 12.37 -4.89 44.17
C ASP B 446 11.01 -4.47 44.72
N MET B 447 10.68 -3.17 44.62
CA MET B 447 9.36 -2.69 45.05
C MET B 447 8.25 -3.26 44.18
N GLY B 448 8.52 -3.46 42.89
CA GLY B 448 7.51 -3.94 41.97
C GLY B 448 7.01 -5.33 42.28
N TRP B 449 7.73 -6.08 43.12
CA TRP B 449 7.33 -7.41 43.54
C TRP B 449 6.90 -7.49 44.99
N LYS B 450 7.25 -6.51 45.83
CA LYS B 450 6.85 -6.57 47.23
C LYS B 450 5.35 -6.35 47.39
N ILE B 451 4.83 -5.26 46.84
CA ILE B 451 3.49 -4.82 47.20
C ILE B 451 2.40 -5.75 46.65
N ARG B 452 2.71 -6.56 45.65
CA ARG B 452 1.71 -7.44 45.05
C ARG B 452 1.69 -8.78 45.77
N PRO B 453 0.58 -9.18 46.38
CA PRO B 453 0.53 -10.47 47.08
C PRO B 453 0.43 -11.66 46.13
N ASP B 454 -0.15 -11.43 44.94
CA ASP B 454 -0.25 -12.48 43.94
C ASP B 454 1.13 -12.93 43.44
N LEU B 455 2.16 -12.12 43.65
CA LEU B 455 3.52 -12.48 43.27
C LEU B 455 4.17 -13.23 44.44
N ALA B 456 4.51 -14.49 44.23
CA ALA B 456 5.15 -15.30 45.26
C ALA B 456 5.88 -16.50 44.65
N VAL C 11 -16.69 44.60 61.10
CA VAL C 11 -17.94 43.89 61.28
C VAL C 11 -18.67 43.74 59.94
N THR C 12 -18.72 42.52 59.43
CA THR C 12 -19.45 42.19 58.21
C THR C 12 -20.41 41.05 58.49
N LEU C 13 -21.47 40.96 57.68
CA LEU C 13 -22.50 39.94 57.91
C LEU C 13 -21.92 38.54 57.88
N ASN C 14 -20.87 38.32 57.08
CA ASN C 14 -20.23 37.02 57.01
C ASN C 14 -19.47 36.71 58.31
N SER C 15 -18.91 37.74 58.94
CA SER C 15 -18.18 37.60 60.19
C SER C 15 -19.09 37.55 61.40
N GLN C 16 -20.40 37.44 61.19
CA GLN C 16 -21.38 37.33 62.26
C GLN C 16 -22.01 35.94 62.16
N ILE C 17 -21.67 35.06 63.11
CA ILE C 17 -22.15 33.69 63.12
C ILE C 17 -23.63 33.67 63.47
N GLY C 18 -24.49 33.68 62.45
CA GLY C 18 -25.92 33.71 62.69
C GLY C 18 -26.60 32.38 62.37
N LEU C 19 -27.00 31.65 63.41
CA LEU C 19 -27.69 30.39 63.23
C LEU C 19 -29.16 30.61 62.87
N SER C 20 -29.72 29.65 62.13
CA SER C 20 -31.10 29.74 61.66
C SER C 20 -31.78 28.39 61.80
N ASP C 21 -33.11 28.41 61.93
CA ASP C 21 -33.91 27.20 62.09
C ASP C 21 -34.28 26.54 60.75
N GLU C 22 -33.49 26.77 59.70
CA GLU C 22 -33.79 26.22 58.37
C GLU C 22 -32.88 25.04 58.03
N HIS C 23 -31.56 25.24 58.06
CA HIS C 23 -30.57 24.17 57.89
C HIS C 23 -29.84 24.01 59.22
N VAL C 24 -30.44 23.23 60.12
CA VAL C 24 -29.88 23.00 61.45
C VAL C 24 -29.64 21.51 61.68
N GLY C 25 -28.53 21.00 61.14
CA GLY C 25 -28.17 19.62 61.36
C GLY C 25 -28.33 18.73 60.14
N LEU C 26 -27.23 18.13 59.70
CA LEU C 26 -27.31 17.13 58.64
C LEU C 26 -28.25 16.00 59.02
N LEU C 27 -28.11 15.48 60.24
CA LEU C 27 -29.01 14.47 60.77
C LEU C 27 -30.44 14.98 60.81
N GLY C 28 -30.72 15.92 61.72
CA GLY C 28 -32.07 16.42 61.88
C GLY C 28 -33.02 15.42 62.51
N ASP C 29 -32.50 14.47 63.30
CA ASP C 29 -33.32 13.52 64.02
C ASP C 29 -33.46 13.88 65.50
N ALA C 30 -33.54 15.17 65.80
CA ALA C 30 -33.66 15.64 67.18
C ALA C 30 -34.20 17.06 67.15
N VAL C 31 -35.16 17.35 68.02
CA VAL C 31 -35.69 18.70 68.15
C VAL C 31 -34.69 19.56 68.93
N VAL C 32 -34.58 20.82 68.53
CA VAL C 32 -33.56 21.73 69.07
C VAL C 32 -34.25 22.83 69.87
N ASP C 33 -33.92 22.94 71.15
CA ASP C 33 -34.45 24.01 72.00
C ASP C 33 -34.09 25.37 71.41
N ARG C 34 -35.11 26.15 71.07
CA ARG C 34 -34.90 27.39 70.35
C ARG C 34 -34.16 28.45 71.17
N ALA C 35 -34.10 28.30 72.50
CA ALA C 35 -33.28 29.19 73.30
C ALA C 35 -31.79 28.86 73.19
N SER C 36 -31.45 27.64 72.74
CA SER C 36 -30.05 27.27 72.56
C SER C 36 -29.44 27.96 71.35
N ILE C 37 -30.23 28.19 70.30
CA ILE C 37 -29.71 28.87 69.12
C ILE C 37 -29.25 30.28 69.47
N GLN C 38 -30.05 31.00 70.27
CA GLN C 38 -29.66 32.33 70.70
C GLN C 38 -28.59 32.30 71.78
N GLU C 39 -28.42 31.19 72.49
CA GLU C 39 -27.35 31.03 73.46
C GLU C 39 -26.07 30.52 72.82
N ALA C 40 -26.18 29.72 71.76
CA ALA C 40 -24.98 29.26 71.06
C ALA C 40 -24.35 30.36 70.24
N ASN C 41 -25.17 31.21 69.60
CA ASN C 41 -24.62 32.29 68.80
C ASN C 41 -23.83 33.30 69.65
N ARG C 42 -24.21 33.48 70.91
CA ARG C 42 -23.49 34.44 71.75
C ARG C 42 -22.12 33.91 72.15
N LEU C 43 -22.00 32.59 72.34
CA LEU C 43 -20.72 32.00 72.73
C LEU C 43 -19.83 31.77 71.51
N LEU C 44 -20.42 31.37 70.38
CA LEU C 44 -19.65 31.24 69.15
C LEU C 44 -18.98 32.54 68.78
N GLN C 45 -19.63 33.67 69.05
CA GLN C 45 -19.02 34.97 68.75
C GLN C 45 -17.85 35.27 69.69
N LYS C 46 -17.95 34.86 70.96
CA LYS C 46 -16.80 34.93 71.85
C LYS C 46 -15.64 34.09 71.31
N ASN C 47 -15.94 32.82 70.99
CA ASN C 47 -14.94 31.94 70.40
C ASN C 47 -14.50 32.41 69.02
N HIS C 48 -15.30 33.25 68.36
CA HIS C 48 -14.95 33.75 67.03
C HIS C 48 -14.03 34.96 67.09
N GLU C 49 -13.93 35.65 68.25
CA GLU C 49 -13.17 36.90 68.30
C GLU C 49 -12.40 37.10 69.60
N GLU C 50 -12.22 36.07 70.44
CA GLU C 50 -11.52 36.25 71.69
C GLU C 50 -10.44 35.19 71.91
N TRP C 51 -10.67 33.99 71.41
CA TRP C 51 -9.81 32.86 71.73
C TRP C 51 -9.02 32.40 70.50
N HIS C 52 -7.81 31.94 70.77
CA HIS C 52 -6.95 31.40 69.71
C HIS C 52 -7.49 30.06 69.24
N MET C 53 -7.53 29.87 67.92
CA MET C 53 -7.86 28.55 67.38
C MET C 53 -6.85 27.52 67.86
N PHE C 54 -5.57 27.88 67.88
CA PHE C 54 -4.50 27.02 68.35
C PHE C 54 -4.09 27.46 69.75
N PHE C 55 -4.49 26.69 70.77
CA PHE C 55 -4.03 27.00 72.11
C PHE C 55 -2.61 26.50 72.35
N ARG C 56 -2.23 25.40 71.71
CA ARG C 56 -0.83 24.98 71.64
C ARG C 56 -0.42 24.86 70.18
N ASP C 57 0.89 24.78 69.95
CA ASP C 57 1.41 24.74 68.59
C ASP C 57 1.26 23.34 67.97
N ARG C 58 1.39 22.29 68.78
CA ARG C 58 1.24 20.92 68.31
C ARG C 58 0.07 20.27 69.05
N ALA C 59 -0.87 19.70 68.29
CA ALA C 59 -2.09 19.10 68.83
C ALA C 59 -2.91 20.13 69.60
N GLY C 60 -3.05 21.32 69.04
CA GLY C 60 -3.81 22.38 69.68
C GLY C 60 -5.02 22.80 68.89
N HIS C 61 -6.22 22.60 69.43
CA HIS C 61 -7.44 22.87 68.69
C HIS C 61 -8.49 23.47 69.59
N ASN C 62 -9.22 24.46 69.07
CA ASN C 62 -10.24 25.17 69.82
C ASN C 62 -11.58 24.44 69.68
N HIS C 63 -11.67 23.32 70.41
CA HIS C 63 -12.86 22.46 70.32
C HIS C 63 -14.12 23.13 70.83
N ILE C 64 -14.03 24.38 71.32
CA ILE C 64 -15.20 25.07 71.88
C ILE C 64 -16.33 25.13 70.86
N ALA C 65 -16.02 25.54 69.63
CA ALA C 65 -17.04 25.67 68.61
C ALA C 65 -17.66 24.33 68.27
N HIS C 66 -16.82 23.31 68.04
CA HIS C 66 -17.30 21.99 67.66
C HIS C 66 -18.26 21.43 68.71
N SER C 67 -17.88 21.55 69.98
CA SER C 67 -18.73 21.02 71.05
C SER C 67 -20.06 21.76 71.09
N ILE C 68 -20.02 23.09 71.06
CA ILE C 68 -21.25 23.89 71.07
C ILE C 68 -22.13 23.52 69.88
N LEU C 69 -21.52 23.17 68.75
CA LEU C 69 -22.28 22.85 67.55
C LEU C 69 -22.88 21.45 67.60
N THR C 70 -22.03 20.43 67.83
CA THR C 70 -22.53 19.06 67.78
C THR C 70 -23.58 18.81 68.87
N CYS C 71 -23.37 19.39 70.06
CA CYS C 71 -24.34 19.22 71.14
C CYS C 71 -25.71 19.76 70.73
N LEU C 72 -25.74 20.91 70.04
CA LEU C 72 -27.01 21.53 69.67
C LEU C 72 -27.81 20.63 68.74
N ALA C 73 -27.13 19.98 67.79
CA ALA C 73 -27.81 19.08 66.85
C ALA C 73 -28.34 17.83 67.52
N LEU C 74 -27.93 17.54 68.75
CA LEU C 74 -28.39 16.36 69.46
C LEU C 74 -29.49 16.68 70.47
N GLY C 75 -30.13 17.84 70.34
CA GLY C 75 -31.19 18.21 71.24
C GLY C 75 -30.75 18.92 72.49
N ALA C 76 -29.73 19.77 72.41
CA ALA C 76 -29.13 20.39 73.59
C ALA C 76 -30.11 21.34 74.26
N GLY C 77 -29.99 21.44 75.58
CA GLY C 77 -30.71 22.44 76.33
C GLY C 77 -29.94 23.74 76.39
N PRO C 78 -30.49 24.70 77.13
CA PRO C 78 -29.83 26.01 77.24
C PRO C 78 -28.54 25.93 78.03
N ALA C 79 -28.61 25.39 79.25
CA ALA C 79 -27.43 25.27 80.09
C ALA C 79 -26.43 24.28 79.52
N ASP C 80 -26.86 23.39 78.62
CA ASP C 80 -25.94 22.41 78.04
C ASP C 80 -25.10 23.00 76.92
N ILE C 81 -25.60 24.04 76.23
CA ILE C 81 -24.76 24.77 75.29
C ILE C 81 -23.66 25.51 76.03
N GLN C 82 -23.99 26.08 77.18
CA GLN C 82 -23.00 26.74 78.02
C GLN C 82 -21.98 25.75 78.57
N ARG C 83 -22.37 24.49 78.76
CA ARG C 83 -21.46 23.51 79.33
C ARG C 83 -20.24 23.31 78.45
N ALA C 84 -20.42 23.38 77.14
CA ALA C 84 -19.29 23.22 76.22
C ALA C 84 -18.33 24.39 76.33
N TYR C 85 -18.85 25.63 76.31
CA TYR C 85 -17.99 26.80 76.37
C TYR C 85 -17.22 26.84 77.68
N ASP C 86 -17.83 26.39 78.77
CA ASP C 86 -17.17 26.48 80.07
C ASP C 86 -16.10 25.40 80.26
N ASP C 87 -16.27 24.24 79.64
CA ASP C 87 -15.26 23.18 79.77
C ASP C 87 -14.04 23.48 78.91
N GLY C 88 -14.26 23.80 77.64
CA GLY C 88 -13.16 24.02 76.73
C GLY C 88 -12.49 25.38 76.81
N VAL C 89 -12.88 26.24 77.74
CA VAL C 89 -12.30 27.57 77.82
C VAL C 89 -11.20 27.65 78.88
N GLY C 90 -11.18 26.74 79.85
CA GLY C 90 -10.06 26.68 80.78
C GLY C 90 -8.72 26.40 80.14
N ILE C 91 -8.72 26.04 78.87
CA ILE C 91 -7.47 25.71 78.17
C ILE C 91 -7.20 26.65 77.01
N GLN C 92 -8.17 27.41 76.55
CA GLN C 92 -7.97 28.31 75.43
C GLN C 92 -7.00 29.43 75.80
N ARG C 93 -6.19 29.84 74.83
CA ARG C 93 -5.31 30.99 74.96
C ARG C 93 -5.80 32.13 74.06
N PRO C 94 -5.42 33.38 74.36
CA PRO C 94 -5.98 34.51 73.61
C PRO C 94 -5.65 34.47 72.12
N ILE C 95 -6.51 35.10 71.34
CA ILE C 95 -6.35 35.16 69.88
C ILE C 95 -5.28 36.19 69.54
N PRO C 96 -4.35 35.91 68.63
CA PRO C 96 -3.32 36.90 68.30
C PRO C 96 -3.90 38.07 67.55
N ALA C 97 -3.10 39.14 67.50
CA ALA C 97 -3.49 40.30 66.71
C ALA C 97 -3.25 40.02 65.22
N VAL C 98 -3.64 40.97 64.40
CA VAL C 98 -3.53 40.86 62.95
C VAL C 98 -2.50 41.86 62.46
N ASP C 99 -1.55 41.38 61.65
CA ASP C 99 -0.56 42.23 61.01
C ASP C 99 -1.14 42.71 59.68
N GLY C 100 -1.47 43.99 59.60
CA GLY C 100 -2.10 44.52 58.41
C GLY C 100 -1.26 44.35 57.16
N ALA C 101 0.07 44.37 57.31
CA ALA C 101 0.94 44.14 56.16
C ALA C 101 0.74 42.74 55.59
N THR C 102 0.53 41.74 56.47
CA THR C 102 0.32 40.39 56.01
C THR C 102 -0.95 40.28 55.17
N VAL C 103 -2.04 40.86 55.66
CA VAL C 103 -3.35 40.70 55.03
C VAL C 103 -3.33 41.23 53.60
N GLU C 104 -2.94 42.50 53.43
CA GLU C 104 -2.87 43.06 52.09
C GLU C 104 -1.89 42.32 51.20
N ARG C 105 -0.79 41.81 51.78
CA ARG C 105 0.15 41.04 51.00
C ARG C 105 -0.38 39.64 50.66
N LEU C 106 -1.35 39.13 51.43
CA LEU C 106 -1.88 37.78 51.18
C LEU C 106 -2.58 37.66 49.83
N THR C 107 -2.82 38.76 49.13
CA THR C 107 -3.34 38.66 47.77
C THR C 107 -2.28 38.15 46.81
N ASP C 108 -1.06 38.69 46.92
CA ASP C 108 0.07 38.22 46.12
C ASP C 108 0.33 36.74 46.40
N GLU C 109 0.16 35.90 45.38
CA GLU C 109 0.31 34.45 45.57
C GLU C 109 1.68 34.10 46.15
N ALA C 110 2.71 34.88 45.82
CA ALA C 110 4.03 34.62 46.38
C ALA C 110 4.04 34.80 47.89
N PHE C 111 3.38 35.85 48.38
CA PHE C 111 3.33 36.09 49.82
C PHE C 111 2.49 35.04 50.53
N PHE C 112 1.42 34.58 49.88
CA PHE C 112 0.54 33.57 50.50
C PHE C 112 1.29 32.29 50.81
N LEU C 113 2.27 31.92 49.96
CA LEU C 113 2.95 30.65 50.10
C LEU C 113 4.05 30.67 51.16
N GLU C 114 4.71 31.82 51.36
CA GLU C 114 5.78 31.88 52.33
C GLU C 114 5.28 32.12 53.75
N THR C 115 4.04 32.55 53.90
CA THR C 115 3.44 32.78 55.21
C THR C 115 2.78 31.54 55.78
N LEU C 116 2.47 30.54 54.96
CA LEU C 116 1.81 29.34 55.45
C LEU C 116 2.68 28.66 56.51
N GLY C 117 2.03 28.20 57.58
CA GLY C 117 2.72 27.60 58.70
C GLY C 117 2.96 28.51 59.87
N ALA C 118 2.37 29.71 59.86
CA ALA C 118 2.54 30.69 60.92
C ALA C 118 1.32 30.59 61.83
N ILE C 119 1.47 29.83 62.93
CA ILE C 119 0.42 29.78 63.95
C ILE C 119 0.10 31.19 64.44
N THR C 120 1.12 32.04 64.50
CA THR C 120 0.97 33.41 64.98
C THR C 120 0.31 34.33 63.98
N GLN C 121 -0.08 33.83 62.80
CA GLN C 121 -0.72 34.65 61.78
C GLN C 121 -2.13 34.16 61.46
N TYR C 122 -2.73 33.35 62.33
CA TYR C 122 -4.08 32.86 62.06
C TYR C 122 -5.08 34.01 61.97
N THR C 123 -4.99 34.97 62.89
CA THR C 123 -5.88 36.13 62.83
C THR C 123 -5.72 36.87 61.52
N SER C 124 -4.49 36.94 61.00
CA SER C 124 -4.27 37.57 59.70
C SER C 124 -4.96 36.79 58.59
N PHE C 125 -4.85 35.47 58.62
CA PHE C 125 -5.48 34.65 57.58
C PHE C 125 -7.00 34.70 57.67
N LEU C 126 -7.55 34.69 58.89
CA LEU C 126 -9.00 34.74 59.05
C LEU C 126 -9.57 36.03 58.46
N VAL C 127 -8.88 37.15 58.70
CA VAL C 127 -9.35 38.43 58.20
C VAL C 127 -9.30 38.47 56.67
N PHE C 128 -8.24 37.92 56.08
CA PHE C 128 -8.11 37.91 54.63
C PHE C 128 -9.24 37.10 53.98
N PHE C 129 -9.44 35.87 54.44
CA PHE C 129 -10.51 35.04 53.88
C PHE C 129 -11.87 35.65 54.16
N GLN C 130 -12.07 36.22 55.35
CA GLN C 130 -13.34 36.88 55.64
C GLN C 130 -13.59 38.03 54.69
N ARG C 131 -12.57 38.86 54.44
CA ARG C 131 -12.72 39.93 53.47
C ARG C 131 -12.92 39.38 52.07
N GLN C 132 -12.34 38.22 51.76
CA GLN C 132 -12.51 37.61 50.44
C GLN C 132 -13.87 36.96 50.29
N MET C 133 -14.43 36.40 51.37
CA MET C 133 -15.80 35.90 51.30
C MET C 133 -16.80 37.03 51.20
N ASP C 134 -16.45 38.21 51.72
CA ASP C 134 -17.28 39.39 51.51
C ASP C 134 -17.36 39.82 50.04
N ALA C 135 -16.49 39.29 49.18
CA ALA C 135 -16.41 39.77 47.80
C ALA C 135 -17.17 38.86 46.84
N HIS C 136 -16.69 37.63 46.66
CA HIS C 136 -17.19 36.73 45.63
C HIS C 136 -18.07 35.62 46.19
N GLY C 137 -18.18 35.49 47.50
CA GLY C 137 -19.04 34.51 48.11
C GLY C 137 -18.23 33.38 48.76
N TRP C 138 -18.91 32.67 49.67
CA TRP C 138 -18.28 31.53 50.31
C TRP C 138 -18.06 30.40 49.33
N GLN C 139 -18.99 30.21 48.38
CA GLN C 139 -18.83 29.17 47.37
C GLN C 139 -17.65 29.48 46.45
N ALA C 140 -17.32 30.75 46.28
CA ALA C 140 -16.22 31.12 45.38
C ALA C 140 -14.87 30.95 46.06
N VAL C 141 -14.74 31.44 47.29
CA VAL C 141 -13.44 31.41 47.98
C VAL C 141 -12.93 29.97 48.07
N VAL C 142 -13.81 29.03 48.39
CA VAL C 142 -13.38 27.64 48.55
C VAL C 142 -12.94 27.06 47.22
N ASN C 143 -13.83 27.08 46.23
CA ASN C 143 -13.53 26.51 44.91
C ASN C 143 -12.45 27.27 44.16
N LYS C 144 -11.71 28.18 44.80
CA LYS C 144 -10.46 28.68 44.27
C LYS C 144 -9.31 28.58 45.26
N TYR C 145 -9.57 28.49 46.55
CA TYR C 145 -8.56 28.24 47.57
C TYR C 145 -8.55 26.78 48.04
N VAL C 146 -9.37 25.93 47.43
CA VAL C 146 -9.42 24.51 47.77
C VAL C 146 -9.50 23.68 46.50
N PHE C 147 -10.61 23.78 45.77
CA PHE C 147 -10.81 23.00 44.54
C PHE C 147 -10.48 23.88 43.33
N SER C 148 -9.19 23.98 43.02
CA SER C 148 -8.79 24.81 41.88
C SER C 148 -7.53 24.27 41.19
N ARG C 149 -6.91 23.26 41.78
CA ARG C 149 -5.82 22.49 41.19
C ARG C 149 -4.57 23.31 40.89
N ASN C 150 -4.48 24.54 41.37
CA ASN C 150 -3.28 25.34 41.18
C ASN C 150 -2.33 25.05 42.34
N ALA C 151 -1.26 25.85 42.47
CA ALA C 151 -0.23 25.55 43.46
C ALA C 151 -0.76 25.71 44.88
N ILE C 152 -1.57 26.74 45.13
CA ILE C 152 -2.06 26.99 46.48
C ILE C 152 -3.10 25.94 46.87
N ALA C 153 -4.03 25.62 45.96
CA ALA C 153 -5.09 24.68 46.29
C ALA C 153 -4.53 23.32 46.71
N GLU C 154 -3.68 22.73 45.86
CA GLU C 154 -3.12 21.41 46.17
C GLU C 154 -2.28 21.40 47.44
N LYS C 155 -1.95 22.57 47.99
CA LYS C 155 -1.33 22.66 49.30
C LYS C 155 -2.38 22.76 50.41
N MET C 156 -3.32 23.71 50.28
CA MET C 156 -4.35 23.88 51.30
C MET C 156 -5.32 22.70 51.32
N LEU C 157 -5.57 22.07 50.17
CA LEU C 157 -6.41 20.88 50.15
C LEU C 157 -5.77 19.77 50.99
N ALA C 158 -4.48 19.53 50.78
CA ALA C 158 -3.78 18.57 51.64
C ALA C 158 -3.70 19.08 53.07
N ARG C 159 -3.73 20.40 53.26
CA ARG C 159 -3.67 20.97 54.61
C ARG C 159 -5.02 20.94 55.31
N LEU C 160 -6.13 20.78 54.58
CA LEU C 160 -7.41 20.56 55.24
C LEU C 160 -7.45 19.24 55.99
N TYR C 161 -6.59 18.30 55.62
CA TYR C 161 -6.51 16.98 56.24
C TYR C 161 -5.49 16.90 57.37
N GLU C 162 -4.75 17.98 57.63
CA GLU C 162 -3.74 17.95 58.68
C GLU C 162 -4.38 17.80 60.05
N GLY C 163 -3.61 17.25 60.99
CA GLY C 163 -4.01 17.17 62.38
C GLY C 163 -5.32 16.46 62.67
N ALA C 164 -5.43 15.19 62.23
CA ALA C 164 -6.58 14.34 62.52
C ALA C 164 -7.90 14.99 62.06
N TYR C 165 -7.90 15.48 60.83
CA TYR C 165 -9.12 15.95 60.15
C TYR C 165 -9.83 17.06 60.91
N HIS C 166 -9.09 17.89 61.65
CA HIS C 166 -9.74 18.93 62.42
C HIS C 166 -10.19 20.13 61.57
N PRO C 167 -9.36 20.66 60.65
CA PRO C 167 -9.84 21.78 59.83
C PRO C 167 -10.97 21.41 58.88
N VAL C 168 -10.94 20.22 58.28
CA VAL C 168 -12.06 19.79 57.46
C VAL C 168 -13.30 19.54 58.33
N ILE C 169 -13.12 19.21 59.60
CA ILE C 169 -14.25 19.16 60.54
C ILE C 169 -14.80 20.55 60.77
N HIS C 170 -13.91 21.53 61.00
CA HIS C 170 -14.32 22.93 61.07
C HIS C 170 -15.00 23.37 59.78
N LEU C 171 -14.50 22.86 58.64
CA LEU C 171 -15.05 23.23 57.35
C LEU C 171 -16.45 22.66 57.15
N GLY C 172 -16.63 21.37 57.44
CA GLY C 172 -17.93 20.75 57.28
C GLY C 172 -19.01 21.42 58.09
N LEU C 173 -18.70 21.75 59.35
CA LEU C 173 -19.67 22.42 60.21
C LEU C 173 -20.08 23.77 59.64
N GLY C 174 -19.10 24.54 59.16
CA GLY C 174 -19.42 25.82 58.54
C GLY C 174 -20.28 25.68 57.30
N ILE C 175 -20.17 24.56 56.60
CA ILE C 175 -21.02 24.34 55.43
C ILE C 175 -22.32 23.65 55.84
N GLU C 176 -22.25 22.74 56.80
CA GLU C 176 -23.45 22.04 57.26
C GLU C 176 -24.48 23.01 57.82
N PHE C 177 -24.04 23.99 58.62
CA PHE C 177 -24.93 25.00 59.18
C PHE C 177 -24.95 26.29 58.38
N GLN C 178 -24.13 26.40 57.33
CA GLN C 178 -24.02 27.59 56.49
C GLN C 178 -23.72 28.83 57.33
N GLN C 179 -22.48 28.86 57.82
CA GLN C 179 -21.93 30.01 58.55
C GLN C 179 -20.57 30.31 57.94
N PRO C 180 -20.49 31.26 57.00
CA PRO C 180 -19.21 31.52 56.32
C PRO C 180 -18.10 31.92 57.28
N SER C 181 -18.44 32.55 58.41
CA SER C 181 -17.43 32.84 59.43
C SER C 181 -16.68 31.59 59.82
N LEU C 182 -17.41 30.50 60.08
CA LEU C 182 -16.77 29.23 60.40
C LEU C 182 -15.97 28.71 59.22
N ILE C 183 -16.51 28.88 58.00
CA ILE C 183 -15.77 28.47 56.81
C ILE C 183 -14.49 29.28 56.69
N ALA C 184 -14.53 30.54 57.10
CA ALA C 184 -13.34 31.38 57.08
C ALA C 184 -12.30 30.89 58.09
N GLU C 185 -12.75 30.45 59.26
CA GLU C 185 -11.82 29.92 60.26
C GLU C 185 -11.16 28.65 59.77
N ALA C 186 -11.92 27.78 59.11
CA ALA C 186 -11.39 26.50 58.66
C ALA C 186 -10.26 26.69 57.66
N LEU C 187 -10.46 27.61 56.70
CA LEU C 187 -9.41 27.88 55.72
C LEU C 187 -8.20 28.54 56.36
N ALA C 188 -8.44 29.49 57.27
CA ALA C 188 -7.33 30.10 58.00
C ALA C 188 -6.65 29.09 58.90
N GLN C 189 -7.42 28.16 59.47
CA GLN C 189 -6.83 27.10 60.28
C GLN C 189 -5.92 26.22 59.44
N ALA C 190 -6.40 25.79 58.27
CA ALA C 190 -5.57 25.02 57.35
C ALA C 190 -4.42 25.83 56.80
N ALA C 191 -4.51 27.16 56.86
CA ALA C 191 -3.43 28.01 56.38
C ALA C 191 -2.38 28.28 57.46
N ALA C 192 -2.74 28.17 58.73
CA ALA C 192 -1.83 28.41 59.84
C ALA C 192 -1.44 27.11 60.54
N HIS C 193 -1.38 26.01 59.80
CA HIS C 193 -1.09 24.70 60.36
C HIS C 193 0.37 24.33 60.09
N ASP C 194 1.00 23.68 61.06
CA ASP C 194 2.33 23.14 60.83
C ASP C 194 2.23 21.95 59.87
N ASP C 195 3.20 21.86 58.96
CA ASP C 195 3.14 20.81 57.95
C ASP C 195 3.46 19.45 58.56
N SER C 196 2.76 18.42 58.09
CA SER C 196 2.98 17.05 58.56
C SER C 196 3.49 16.14 57.44
N HIS C 197 3.94 16.71 56.32
CA HIS C 197 4.46 16.00 55.15
C HIS C 197 3.46 15.04 54.51
N ILE C 198 2.19 15.07 54.94
CA ILE C 198 1.20 14.17 54.36
C ILE C 198 0.88 14.56 52.91
N SER C 199 1.21 15.78 52.51
CA SER C 199 1.07 16.16 51.11
C SER C 199 1.86 15.22 50.21
N ARG C 200 3.09 14.91 50.63
CA ARG C 200 3.96 14.03 49.85
C ARG C 200 3.35 12.64 49.69
N LEU C 201 2.55 12.20 50.65
CA LEU C 201 1.89 10.90 50.52
C LEU C 201 0.70 11.00 49.57
N PHE C 202 -0.08 12.07 49.70
CA PHE C 202 -1.25 12.27 48.84
C PHE C 202 -0.86 12.23 47.36
N GLU C 203 0.14 13.02 46.98
CA GLU C 203 0.54 13.08 45.57
C GLU C 203 1.03 11.71 45.10
N ALA C 204 1.82 11.02 45.92
CA ALA C 204 2.32 9.71 45.54
C ALA C 204 1.19 8.70 45.40
N CYS C 205 0.13 8.83 46.20
CA CYS C 205 -1.00 7.93 46.06
C CYS C 205 -1.68 8.14 44.71
N GLU C 206 -2.04 9.39 44.39
CA GLU C 206 -2.59 9.68 43.08
C GLU C 206 -1.58 9.41 41.97
N ALA C 207 -0.28 9.43 42.29
CA ALA C 207 0.76 9.24 41.29
C ALA C 207 0.68 7.84 40.68
N GLN C 208 0.92 6.80 41.48
CA GLN C 208 0.79 5.46 40.94
C GLN C 208 -0.66 5.00 40.87
N ALA C 209 -1.61 5.87 41.26
CA ALA C 209 -2.99 5.66 40.86
C ALA C 209 -3.20 5.97 39.38
N ALA C 210 -2.19 6.56 38.73
CA ALA C 210 -2.20 6.84 37.30
C ALA C 210 -1.62 5.69 36.50
N ILE C 211 -0.35 5.35 36.77
CA ILE C 211 0.32 4.31 35.98
C ILE C 211 -0.33 2.96 36.24
N ALA C 212 -0.38 2.54 37.50
CA ALA C 212 -0.93 1.22 37.83
C ALA C 212 -2.40 1.15 37.44
N TYR C 213 -2.73 0.25 36.51
CA TYR C 213 -4.09 0.08 36.03
C TYR C 213 -4.27 -1.34 35.53
N PRO C 214 -5.49 -1.89 35.61
CA PRO C 214 -6.68 -1.28 36.19
C PRO C 214 -7.32 -2.08 37.31
N PRO C 215 -7.57 -1.47 38.47
CA PRO C 215 -8.41 -2.13 39.48
C PRO C 215 -9.79 -2.42 38.93
N ALA C 216 -9.95 -3.58 38.28
CA ALA C 216 -11.22 -3.93 37.66
C ALA C 216 -12.33 -4.08 38.70
N HIS C 217 -12.06 -4.87 39.73
CA HIS C 217 -12.96 -5.06 40.86
C HIS C 217 -12.38 -4.33 42.07
N PRO C 218 -12.83 -3.11 42.37
CA PRO C 218 -12.16 -2.32 43.42
C PRO C 218 -12.19 -3.03 44.77
N LYS C 219 -11.03 -3.11 45.40
CA LYS C 219 -10.92 -3.81 46.67
C LYS C 219 -11.64 -3.03 47.77
N PRO C 220 -12.13 -3.73 48.79
CA PRO C 220 -12.73 -3.02 49.94
C PRO C 220 -11.67 -2.34 50.77
N LEU C 221 -12.06 -1.23 51.41
CA LEU C 221 -11.09 -0.50 52.22
C LEU C 221 -10.68 -1.31 53.44
N VAL C 222 -11.53 -2.20 53.91
CA VAL C 222 -11.15 -3.07 55.03
C VAL C 222 -10.12 -4.09 54.57
N GLN C 223 -10.13 -4.45 53.29
CA GLN C 223 -9.13 -5.41 52.80
C GLN C 223 -7.74 -4.78 52.76
N LEU C 224 -7.67 -3.47 52.53
CA LEU C 224 -6.38 -2.78 52.52
C LEU C 224 -5.82 -2.61 53.94
N LEU C 225 -6.69 -2.51 54.95
CA LEU C 225 -6.21 -2.47 56.33
C LEU C 225 -5.48 -3.75 56.68
N ARG C 226 -6.03 -4.90 56.29
CA ARG C 226 -5.40 -6.17 56.60
C ARG C 226 -4.06 -6.33 55.88
N GLU C 227 -4.05 -6.01 54.57
CA GLU C 227 -2.80 -6.08 53.82
C GLU C 227 -1.76 -5.10 54.34
N ALA C 228 -2.18 -4.09 55.10
CA ALA C 228 -1.22 -3.17 55.72
C ALA C 228 -0.55 -3.82 56.92
N ARG C 229 -1.33 -4.44 57.80
CA ARG C 229 -0.78 -5.04 59.00
C ARG C 229 0.15 -6.22 58.67
N ALA C 230 -0.13 -6.94 57.59
CA ALA C 230 0.79 -7.98 57.16
C ALA C 230 2.12 -7.38 56.70
N THR C 231 2.06 -6.24 56.03
CA THR C 231 3.27 -5.56 55.54
C THR C 231 4.09 -5.10 56.73
N GLU C 232 5.11 -5.88 57.09
CA GLU C 232 5.86 -5.61 58.31
C GLU C 232 6.59 -4.28 58.23
N ALA C 233 7.07 -3.91 57.04
CA ALA C 233 7.78 -2.64 56.91
C ALA C 233 6.86 -1.46 57.21
N ILE C 234 5.57 -1.61 56.95
CA ILE C 234 4.62 -0.56 57.33
C ILE C 234 4.35 -0.61 58.83
N ARG C 235 4.19 -1.81 59.38
CA ARG C 235 3.94 -1.94 60.82
C ARG C 235 5.11 -1.41 61.63
N SER C 236 6.34 -1.60 61.13
CA SER C 236 7.52 -1.20 61.87
C SER C 236 7.80 0.30 61.79
N ALA C 237 7.19 1.01 60.85
CA ALA C 237 7.54 2.40 60.61
C ALA C 237 7.39 3.28 61.85
N PRO C 238 6.28 3.24 62.60
CA PRO C 238 6.21 4.05 63.81
C PRO C 238 6.98 3.41 64.97
N ARG C 239 7.55 4.29 65.80
CA ARG C 239 8.17 3.87 67.05
C ARG C 239 7.64 4.74 68.18
N TRP C 240 7.70 4.21 69.41
CA TRP C 240 7.32 5.03 70.55
C TRP C 240 8.28 6.19 70.76
N GLU C 241 9.51 6.07 70.25
CA GLU C 241 10.45 7.19 70.32
C GLU C 241 10.06 8.32 69.39
N ASP C 242 9.27 8.04 68.34
CA ASP C 242 8.81 9.09 67.43
C ASP C 242 7.84 10.04 68.14
N PHE C 243 6.95 9.50 68.98
CA PHE C 243 6.07 10.31 69.81
C PHE C 243 5.11 11.17 68.98
N GLY C 244 5.29 12.48 69.05
CA GLY C 244 4.41 13.37 68.32
C GLY C 244 4.54 13.23 66.81
N ASN C 245 5.78 13.19 66.32
CA ASN C 245 6.04 13.05 64.88
C ASN C 245 6.07 11.57 64.49
N LYS C 246 4.92 10.92 64.68
CA LYS C 246 4.75 9.56 64.18
C LYS C 246 4.34 9.57 62.71
N MET C 247 3.60 10.58 62.28
CA MET C 247 3.22 10.70 60.87
C MET C 247 4.34 11.28 60.03
N ARG C 248 5.03 12.31 60.55
CA ARG C 248 6.08 12.98 59.79
C ARG C 248 7.34 12.14 59.72
N ASP C 249 7.92 11.83 60.88
CA ASP C 249 9.17 11.09 60.96
C ASP C 249 8.96 9.59 61.13
N GLY C 250 7.80 9.08 60.75
CA GLY C 250 7.50 7.66 60.89
C GLY C 250 6.89 7.05 59.65
N VAL C 251 5.63 7.36 59.37
CA VAL C 251 4.94 6.82 58.21
C VAL C 251 5.51 7.45 56.93
N VAL C 252 5.24 8.73 56.74
CA VAL C 252 5.79 9.46 55.60
C VAL C 252 7.31 9.37 55.58
N GLY C 253 7.92 9.32 56.76
CA GLY C 253 9.37 9.26 56.82
C GLY C 253 9.94 7.94 56.32
N ARG C 254 9.31 6.83 56.71
CA ARG C 254 9.84 5.49 56.44
C ARG C 254 9.04 4.70 55.41
N ALA C 255 7.70 4.69 55.50
CA ALA C 255 6.90 3.77 54.71
C ALA C 255 6.15 4.47 53.57
N LEU C 256 6.76 5.47 52.94
CA LEU C 256 6.08 6.25 51.92
C LEU C 256 5.72 5.41 50.70
N LEU C 257 6.75 4.90 49.99
CA LEU C 257 6.51 4.10 48.79
C LEU C 257 5.73 2.82 49.06
N GLU C 258 5.73 2.35 50.32
CA GLU C 258 4.98 1.15 50.66
C GLU C 258 3.53 1.47 50.97
N MET C 259 3.29 2.58 51.68
CA MET C 259 1.92 2.96 52.02
C MET C 259 1.16 3.43 50.78
N ALA C 260 1.78 4.28 49.96
CA ALA C 260 1.13 4.74 48.75
C ALA C 260 0.80 3.60 47.80
N ALA C 261 1.51 2.47 47.91
CA ALA C 261 1.15 1.27 47.15
C ALA C 261 -0.17 0.68 47.65
N ILE C 262 -0.38 0.67 48.96
CA ILE C 262 -1.64 0.18 49.49
C ILE C 262 -2.75 1.20 49.27
N GLY C 263 -2.48 2.48 49.59
CA GLY C 263 -3.52 3.49 49.56
C GLY C 263 -4.05 3.78 48.16
N SER C 264 -3.20 3.66 47.15
CA SER C 264 -3.63 3.98 45.79
C SER C 264 -4.74 3.06 45.31
N GLN C 265 -4.77 1.82 45.79
CA GLN C 265 -5.77 0.87 45.33
C GLN C 265 -7.19 1.27 45.74
N PHE C 266 -7.33 2.14 46.73
CA PHE C 266 -8.65 2.63 47.15
C PHE C 266 -9.11 3.69 46.15
N THR C 267 -9.87 3.25 45.16
CA THR C 267 -10.38 4.13 44.11
C THR C 267 -11.90 4.24 44.23
N VAL C 268 -12.41 5.37 43.74
CA VAL C 268 -13.85 5.64 43.73
C VAL C 268 -14.26 5.89 42.28
N LYS C 269 -15.14 5.04 41.76
CA LYS C 269 -15.67 5.25 40.43
C LYS C 269 -16.61 6.45 40.47
N PRO C 270 -16.48 7.40 39.53
CA PRO C 270 -17.11 8.72 39.70
C PRO C 270 -18.64 8.73 39.60
N ASP C 271 -19.29 7.60 39.86
CA ASP C 271 -20.74 7.58 39.90
C ASP C 271 -21.23 8.32 41.15
N GLU C 272 -22.50 8.70 41.14
CA GLU C 272 -23.08 9.33 42.32
C GLU C 272 -23.51 8.30 43.36
N ARG C 273 -24.06 7.17 42.90
CA ARG C 273 -24.38 6.08 43.82
C ARG C 273 -23.11 5.43 44.36
N GLU C 274 -22.09 5.27 43.50
CA GLU C 274 -20.81 4.74 43.98
C GLU C 274 -20.12 5.72 44.92
N LEU C 275 -20.21 7.03 44.63
CA LEU C 275 -19.68 8.03 45.54
C LEU C 275 -20.24 7.86 46.94
N GLN C 276 -21.56 7.66 47.04
CA GLN C 276 -22.18 7.42 48.32
C GLN C 276 -21.88 6.01 48.84
N ARG C 277 -21.80 5.03 47.95
CA ARG C 277 -21.51 3.66 48.37
C ARG C 277 -20.14 3.57 49.02
N ARG C 278 -19.13 4.21 48.41
CA ARG C 278 -17.79 4.20 48.97
C ARG C 278 -17.66 5.13 50.17
N THR C 279 -18.35 6.28 50.15
CA THR C 279 -18.34 7.15 51.32
C THR C 279 -18.93 6.45 52.53
N ALA C 280 -19.90 5.55 52.31
CA ALA C 280 -20.41 4.74 53.41
C ALA C 280 -19.40 3.66 53.82
N GLU C 281 -18.66 3.12 52.87
CA GLU C 281 -17.63 2.12 53.19
C GLU C 281 -16.55 2.70 54.08
N MET C 282 -16.34 4.01 54.02
CA MET C 282 -15.35 4.66 54.88
C MET C 282 -15.84 4.75 56.31
N ILE C 283 -17.12 5.10 56.51
CA ILE C 283 -17.63 5.32 57.86
C ILE C 283 -17.73 4.01 58.64
N SER C 284 -17.98 2.89 57.95
CA SER C 284 -18.05 1.61 58.66
C SER C 284 -16.66 1.15 59.10
N VAL C 285 -15.66 1.30 58.23
CA VAL C 285 -14.30 0.92 58.57
C VAL C 285 -13.76 1.77 59.71
N CYS C 286 -14.14 3.05 59.75
CA CYS C 286 -13.70 3.92 60.85
C CYS C 286 -14.28 3.44 62.17
N ALA C 287 -15.59 3.18 62.23
CA ALA C 287 -16.20 2.65 63.44
C ALA C 287 -15.63 1.29 63.79
N TYR C 288 -15.24 0.50 62.78
CA TYR C 288 -14.60 -0.78 63.02
C TYR C 288 -13.29 -0.60 63.79
N MET C 289 -12.54 0.44 63.45
CA MET C 289 -11.28 0.74 64.12
C MET C 289 -11.50 1.10 65.59
N ALA C 290 -12.20 2.21 65.83
CA ALA C 290 -12.42 2.69 67.20
C ALA C 290 -13.27 1.73 68.03
N GLY C 291 -13.89 0.73 67.41
CA GLY C 291 -14.74 -0.19 68.15
C GLY C 291 -14.11 -1.52 68.48
N ALA C 292 -13.19 -2.00 67.63
CA ALA C 292 -12.59 -3.30 67.80
C ALA C 292 -11.13 -3.24 68.25
N SER C 293 -10.58 -2.04 68.44
CA SER C 293 -9.19 -1.89 68.88
C SER C 293 -8.98 -2.22 70.35
N GLN C 294 -9.70 -3.20 70.90
CA GLN C 294 -9.60 -3.54 72.30
C GLN C 294 -8.57 -4.65 72.52
N ARG C 295 -8.26 -4.90 73.79
CA ARG C 295 -7.31 -5.94 74.18
C ARG C 295 -8.05 -7.08 74.87
N PRO C 296 -8.03 -8.29 74.33
CA PRO C 296 -8.69 -9.42 75.00
C PRO C 296 -8.10 -9.65 76.39
N GLY C 297 -8.97 -9.65 77.40
CA GLY C 297 -8.59 -9.77 78.78
C GLY C 297 -8.54 -8.44 79.52
N ARG C 298 -8.29 -7.35 78.81
CA ARG C 298 -8.23 -6.01 79.38
C ARG C 298 -9.59 -5.33 79.24
N LYS C 299 -9.66 -4.10 79.74
CA LYS C 299 -10.89 -3.32 79.68
C LYS C 299 -11.17 -2.89 78.23
N ARG C 300 -12.34 -2.28 78.04
CA ARG C 300 -12.72 -1.71 76.76
C ARG C 300 -12.36 -0.23 76.77
N LYS C 301 -11.69 0.22 75.71
CA LYS C 301 -11.26 1.62 75.63
C LYS C 301 -11.01 2.00 74.19
N ILE C 302 -11.43 3.21 73.82
CA ILE C 302 -11.25 3.73 72.47
C ILE C 302 -9.88 4.39 72.35
N ASP C 303 -9.40 4.51 71.11
CA ASP C 303 -8.20 5.25 70.81
C ASP C 303 -8.52 6.69 70.46
N PHE C 304 -7.58 7.60 70.75
CA PHE C 304 -7.83 9.03 70.58
C PHE C 304 -7.79 9.46 69.12
N PHE C 305 -7.12 8.70 68.26
CA PHE C 305 -7.04 9.06 66.85
C PHE C 305 -8.01 8.28 65.96
N TYR C 306 -8.28 7.01 66.29
CA TYR C 306 -9.30 6.29 65.54
C TYR C 306 -10.65 6.99 65.66
N MET C 307 -10.93 7.54 66.84
CA MET C 307 -12.19 8.25 67.02
C MET C 307 -12.21 9.53 66.18
N HIS C 308 -11.04 10.12 65.94
CA HIS C 308 -10.98 11.29 65.08
C HIS C 308 -11.11 10.96 63.60
N THR C 309 -11.09 9.68 63.24
CA THR C 309 -11.41 9.26 61.88
C THR C 309 -12.90 9.08 61.66
N LEU C 310 -13.64 8.80 62.74
CA LEU C 310 -15.08 8.65 62.67
C LEU C 310 -15.82 9.97 62.83
N THR C 311 -15.31 10.89 63.65
CA THR C 311 -15.97 12.17 63.85
C THR C 311 -15.98 13.00 62.57
N SER C 312 -14.97 12.83 61.70
CA SER C 312 -14.93 13.59 60.46
C SER C 312 -15.78 12.96 59.37
N SER C 313 -16.04 11.65 59.48
CA SER C 313 -16.78 10.93 58.44
C SER C 313 -18.13 11.58 58.16
N LEU C 314 -18.80 12.04 59.22
CA LEU C 314 -20.08 12.71 59.05
C LEU C 314 -19.95 13.94 58.17
N PHE C 315 -18.84 14.67 58.30
CA PHE C 315 -18.68 15.91 57.54
C PHE C 315 -18.34 15.67 56.08
N PHE C 316 -17.89 14.47 55.72
CA PHE C 316 -17.74 14.14 54.31
C PHE C 316 -19.05 13.72 53.67
N SER C 317 -20.03 13.28 54.47
CA SER C 317 -21.39 13.12 53.96
C SER C 317 -22.04 14.45 53.63
N VAL C 318 -21.46 15.56 54.11
CA VAL C 318 -21.95 16.87 53.75
C VAL C 318 -21.37 17.31 52.40
N LEU C 319 -20.07 17.11 52.22
CA LEU C 319 -19.38 17.60 51.03
C LEU C 319 -19.89 16.94 49.75
N ILE C 320 -20.22 15.65 49.80
CA ILE C 320 -20.66 14.95 48.60
C ILE C 320 -22.10 15.29 48.24
N ARG C 321 -22.89 15.77 49.20
CA ARG C 321 -24.24 16.24 48.93
C ARG C 321 -24.27 17.69 48.45
N GLN C 322 -23.13 18.36 48.41
CA GLN C 322 -23.06 19.73 47.92
C GLN C 322 -23.01 19.75 46.40
N ASP C 323 -23.88 20.58 45.81
CA ASP C 323 -23.94 20.69 44.35
C ASP C 323 -22.86 21.61 43.80
N TRP C 324 -22.41 22.60 44.57
CA TRP C 324 -21.43 23.56 44.09
C TRP C 324 -20.01 23.02 44.10
N ILE C 325 -19.79 21.78 44.53
CA ILE C 325 -18.50 21.11 44.39
C ILE C 325 -18.62 20.08 43.28
N SER C 326 -17.63 20.03 42.40
CA SER C 326 -17.68 19.10 41.27
C SER C 326 -17.66 17.66 41.76
N LEU C 327 -18.15 16.76 40.92
CA LEU C 327 -18.18 15.35 41.30
C LEU C 327 -16.80 14.73 41.30
N ALA C 328 -15.89 15.21 40.46
CA ALA C 328 -14.52 14.72 40.48
C ALA C 328 -13.76 15.25 41.70
N ASP C 329 -14.16 16.41 42.21
CA ASP C 329 -13.60 16.92 43.46
C ASP C 329 -14.31 16.32 44.68
N ARG C 330 -15.60 15.98 44.56
CA ARG C 330 -16.29 15.30 45.64
C ARG C 330 -15.90 13.83 45.77
N VAL C 331 -15.33 13.24 44.71
CA VAL C 331 -14.78 11.89 44.79
C VAL C 331 -13.35 11.92 45.32
N ARG C 332 -12.57 12.91 44.91
CA ARG C 332 -11.19 13.03 45.38
C ARG C 332 -11.15 13.19 46.90
N LEU C 333 -12.15 13.87 47.48
CA LEU C 333 -12.20 14.01 48.94
C LEU C 333 -12.31 12.64 49.61
N VAL C 334 -13.27 11.83 49.16
CA VAL C 334 -13.45 10.49 49.72
C VAL C 334 -12.24 9.61 49.41
N GLU C 335 -11.53 9.90 48.32
CA GLU C 335 -10.29 9.19 48.04
C GLU C 335 -9.19 9.57 49.03
N TRP C 336 -8.91 10.87 49.14
CA TRP C 336 -7.86 11.34 50.05
C TRP C 336 -8.14 10.92 51.48
N LYS C 337 -9.40 10.97 51.90
CA LYS C 337 -9.78 10.53 53.24
C LYS C 337 -9.41 9.08 53.45
N GLY C 338 -9.88 8.20 52.56
CA GLY C 338 -9.60 6.78 52.70
C GLY C 338 -8.12 6.44 52.66
N ARG C 339 -7.33 7.21 51.92
CA ARG C 339 -5.90 6.94 51.84
C ARG C 339 -5.13 7.53 53.02
N LEU C 340 -5.69 8.53 53.70
CA LEU C 340 -5.07 9.03 54.92
C LEU C 340 -5.53 8.26 56.14
N ASP C 341 -6.77 7.76 56.12
CA ASP C 341 -7.25 6.88 57.19
C ASP C 341 -6.38 5.65 57.32
N LEU C 342 -5.91 5.10 56.19
CA LEU C 342 -5.02 3.94 56.22
C LEU C 342 -3.72 4.24 56.98
N ALA C 343 -3.33 5.52 57.05
CA ALA C 343 -2.13 5.91 57.78
C ALA C 343 -2.37 5.89 59.29
N TRP C 344 -3.47 6.51 59.74
CA TRP C 344 -3.75 6.58 61.17
C TRP C 344 -3.87 5.18 61.77
N TYR C 345 -4.45 4.24 61.03
CA TYR C 345 -4.45 2.86 61.48
C TYR C 345 -3.04 2.38 61.80
N VAL C 346 -2.09 2.73 60.92
CA VAL C 346 -0.69 2.34 61.14
C VAL C 346 -0.05 3.18 62.25
N VAL C 347 -0.43 4.46 62.35
CA VAL C 347 0.19 5.35 63.32
C VAL C 347 -0.07 4.85 64.74
N SER C 348 -1.34 4.61 65.07
CA SER C 348 -1.67 4.20 66.42
C SER C 348 -1.05 2.86 66.78
N GLY C 349 -0.69 2.05 65.79
CA GLY C 349 0.01 0.82 66.06
C GLY C 349 -0.62 -0.38 65.39
N SER C 350 -1.50 -0.11 64.43
CA SER C 350 -2.13 -1.14 63.60
C SER C 350 -2.76 -2.22 64.47
N ALA C 351 -3.55 -1.78 65.45
CA ALA C 351 -4.10 -2.69 66.44
C ALA C 351 -4.96 -3.76 65.77
N GLU C 352 -4.90 -4.97 66.34
CA GLU C 352 -5.69 -6.08 65.83
C GLU C 352 -7.17 -5.84 66.13
N LEU C 353 -8.00 -5.91 65.09
CA LEU C 353 -9.43 -5.64 65.18
C LEU C 353 -10.19 -6.95 65.00
N HIS C 354 -10.92 -7.37 66.03
CA HIS C 354 -11.74 -8.57 65.95
C HIS C 354 -13.21 -8.19 66.13
N ASP C 355 -14.08 -8.83 65.35
CA ASP C 355 -15.51 -8.50 65.38
C ASP C 355 -16.14 -8.84 66.71
N ASP C 356 -15.57 -9.80 67.44
CA ASP C 356 -16.19 -10.28 68.67
C ASP C 356 -16.36 -9.16 69.69
N ALA C 357 -15.44 -8.20 69.71
CA ALA C 357 -15.49 -7.15 70.72
C ALA C 357 -16.75 -6.29 70.58
N ILE C 358 -17.16 -6.00 69.34
CA ILE C 358 -18.31 -5.12 69.12
C ILE C 358 -19.62 -5.88 68.99
N THR C 359 -19.59 -7.21 68.97
CA THR C 359 -20.79 -8.02 68.93
C THR C 359 -21.23 -8.53 70.30
N ASP C 360 -20.29 -8.77 71.21
CA ASP C 360 -20.59 -9.24 72.56
C ASP C 360 -20.19 -8.17 73.57
N TYR C 361 -20.93 -7.08 73.57
CA TYR C 361 -20.70 -5.96 74.47
C TYR C 361 -21.93 -5.78 75.35
N HIS C 362 -21.76 -5.91 76.66
CA HIS C 362 -22.82 -5.59 77.60
C HIS C 362 -22.26 -4.75 78.74
N ASP C 363 -23.05 -3.76 79.16
CA ASP C 363 -22.80 -2.96 80.35
C ASP C 363 -24.14 -2.46 80.86
N ASP C 364 -24.40 -2.71 82.15
CA ASP C 364 -25.69 -2.38 82.74
C ASP C 364 -26.04 -0.90 82.57
N PHE C 365 -25.03 -0.03 82.54
CA PHE C 365 -25.28 1.41 82.49
C PHE C 365 -26.03 1.79 81.21
N SER C 366 -25.64 1.22 80.07
CA SER C 366 -26.25 1.55 78.79
C SER C 366 -26.73 0.29 78.08
N ALA C 367 -27.17 -0.72 78.84
CA ALA C 367 -27.56 -1.98 78.24
C ALA C 367 -28.79 -1.87 77.36
N ASP C 368 -29.59 -0.81 77.52
CA ASP C 368 -30.83 -0.69 76.76
C ASP C 368 -31.07 0.71 76.21
N MET C 369 -30.05 1.58 76.19
CA MET C 369 -30.23 2.94 75.68
C MET C 369 -30.51 2.92 74.19
N GLY C 370 -31.41 3.80 73.75
CA GLY C 370 -31.52 4.14 72.35
C GLY C 370 -30.64 5.32 72.02
N TRP C 371 -30.72 5.76 70.76
CA TRP C 371 -30.00 6.96 70.34
C TRP C 371 -30.43 8.16 71.17
N LYS C 372 -31.73 8.27 71.44
CA LYS C 372 -32.26 9.39 72.21
C LYS C 372 -31.64 9.44 73.60
N GLU C 373 -31.53 8.29 74.26
CA GLU C 373 -30.94 8.26 75.59
C GLU C 373 -29.46 8.60 75.53
N LEU C 374 -28.73 8.02 74.57
CA LEU C 374 -27.32 8.35 74.40
C LEU C 374 -27.14 9.84 74.13
N TYR C 375 -27.94 10.41 73.23
CA TYR C 375 -27.88 11.85 73.00
C TYR C 375 -28.07 12.61 74.31
N ALA C 376 -29.11 12.26 75.05
CA ALA C 376 -29.46 13.00 76.25
C ALA C 376 -28.34 12.95 77.30
N ALA C 377 -27.75 11.78 77.51
CA ALA C 377 -26.67 11.67 78.47
C ALA C 377 -25.41 12.36 77.96
N VAL C 378 -25.16 12.32 76.65
CA VAL C 378 -23.93 12.88 76.10
C VAL C 378 -23.98 14.40 76.11
N ASN C 379 -25.18 14.97 76.10
CA ASN C 379 -25.31 16.42 76.16
C ASN C 379 -24.95 16.97 77.54
N LYS C 380 -25.03 16.16 78.59
CA LYS C 380 -24.76 16.64 79.94
C LYS C 380 -23.39 16.25 80.47
N GLU C 381 -22.74 15.26 79.87
CA GLU C 381 -21.39 14.91 80.29
C GLU C 381 -20.42 16.02 79.91
N HIS C 382 -19.47 16.29 80.81
CA HIS C 382 -18.46 17.32 80.59
C HIS C 382 -17.30 16.73 79.80
N ASP C 383 -17.07 17.23 78.60
CA ASP C 383 -15.97 16.77 77.76
C ASP C 383 -15.55 17.91 76.84
N ASP C 384 -14.63 17.60 75.93
CA ASP C 384 -14.17 18.51 74.89
C ASP C 384 -15.03 18.47 73.64
N GLY C 385 -16.02 17.57 73.58
CA GLY C 385 -16.88 17.43 72.43
C GLY C 385 -16.64 16.18 71.61
N HIS C 386 -15.67 15.35 71.98
CA HIS C 386 -15.32 14.19 71.17
C HIS C 386 -16.37 13.09 71.27
N VAL C 387 -16.86 12.81 72.48
CA VAL C 387 -17.80 11.71 72.65
C VAL C 387 -19.12 12.03 71.97
N ALA C 388 -19.59 13.26 72.09
CA ALA C 388 -20.85 13.67 71.49
C ALA C 388 -20.72 13.57 69.97
N MET C 390 -18.82 11.52 68.38
CA MET C 390 -18.77 10.10 68.02
C MET C 390 -20.16 9.52 67.81
N ILE C 391 -21.03 9.67 68.82
CA ILE C 391 -22.39 9.17 68.71
C ILE C 391 -23.11 9.82 67.54
N ARG C 392 -22.77 11.06 67.22
CA ARG C 392 -23.43 11.75 66.11
C ARG C 392 -23.08 11.09 64.79
N ALA C 393 -21.83 10.63 64.65
CA ALA C 393 -21.40 10.04 63.39
C ALA C 393 -21.96 8.64 63.20
N LEU C 394 -22.02 7.87 64.27
CA LEU C 394 -22.53 6.51 64.20
C LEU C 394 -24.01 6.48 63.80
N LYS C 395 -24.77 7.51 64.14
CA LYS C 395 -26.14 7.60 63.65
C LYS C 395 -26.16 7.88 62.15
N ASN C 396 -25.36 8.87 61.71
CA ASN C 396 -25.28 9.16 60.29
C ASN C 396 -24.73 7.97 59.51
N GLY C 397 -23.68 7.33 60.03
CA GLY C 397 -23.18 6.13 59.39
C GLY C 397 -24.20 5.00 59.35
N GLN C 398 -25.12 4.97 60.31
CA GLN C 398 -26.16 3.96 60.30
C GLN C 398 -27.17 4.22 59.19
N GLU C 399 -27.60 5.47 59.03
CA GLU C 399 -28.56 5.81 57.98
C GLU C 399 -27.98 5.57 56.60
N ALA C 400 -26.85 6.24 56.31
CA ALA C 400 -26.29 6.26 54.96
C ALA C 400 -25.75 4.90 54.52
N ALA C 401 -25.61 3.94 55.43
CA ALA C 401 -25.09 2.64 55.04
C ALA C 401 -26.18 1.63 54.72
N ARG C 402 -27.35 1.77 55.33
CA ARG C 402 -28.41 0.78 55.17
C ARG C 402 -28.78 0.47 53.72
N PRO C 403 -28.89 1.43 52.79
CA PRO C 403 -29.23 1.06 51.40
C PRO C 403 -28.25 0.08 50.76
N PHE C 404 -26.95 0.29 50.95
CA PHE C 404 -25.95 -0.61 50.37
C PHE C 404 -25.45 -1.66 51.35
N GLU C 405 -26.01 -1.72 52.57
CA GLU C 405 -25.45 -2.59 53.60
C GLU C 405 -25.53 -4.06 53.21
N ALA C 406 -26.71 -4.50 52.76
CA ALA C 406 -26.89 -5.92 52.44
C ALA C 406 -26.19 -6.31 51.14
N GLU C 407 -25.94 -5.34 50.26
CA GLU C 407 -25.44 -5.67 48.93
C GLU C 407 -23.97 -6.05 48.94
N TYR C 408 -23.19 -5.47 49.85
CA TYR C 408 -21.76 -5.76 49.97
C TYR C 408 -21.42 -5.98 51.43
N PRO C 409 -21.84 -7.11 52.01
CA PRO C 409 -21.57 -7.37 53.43
C PRO C 409 -20.11 -7.60 53.75
N ASP C 410 -19.24 -7.62 52.75
CA ASP C 410 -17.81 -7.83 52.95
C ASP C 410 -17.01 -6.53 53.02
N ALA C 411 -17.55 -5.42 52.52
CA ALA C 411 -16.88 -4.13 52.59
C ALA C 411 -17.38 -3.29 53.75
N PHE C 412 -18.46 -3.69 54.41
CA PHE C 412 -19.01 -3.01 55.58
C PHE C 412 -18.81 -3.90 56.79
N PRO C 413 -17.74 -3.71 57.57
CA PRO C 413 -17.56 -4.55 58.76
C PRO C 413 -18.56 -4.26 59.86
N VAL C 414 -18.91 -3.00 60.06
CA VAL C 414 -19.89 -2.60 61.08
C VAL C 414 -21.25 -2.53 60.40
N LYS C 415 -22.15 -3.45 60.77
CA LYS C 415 -23.47 -3.55 60.16
C LYS C 415 -24.55 -3.70 61.22
N GLY C 416 -25.74 -3.18 60.90
CA GLY C 416 -26.93 -3.40 61.70
C GLY C 416 -26.88 -2.86 63.12
N ASP C 417 -26.94 -3.77 64.11
CA ASP C 417 -27.01 -3.39 65.51
C ASP C 417 -25.66 -3.01 66.11
N MET C 418 -24.56 -3.22 65.39
CA MET C 418 -23.26 -2.86 65.93
C MET C 418 -23.09 -1.35 66.02
N TRP C 419 -23.77 -0.60 65.15
CA TRP C 419 -23.69 0.86 65.18
C TRP C 419 -24.06 1.40 66.56
N LEU C 420 -24.99 0.74 67.24
CA LEU C 420 -25.39 1.18 68.56
C LEU C 420 -24.47 0.62 69.64
N LYS C 421 -24.00 -0.62 69.48
CA LYS C 421 -23.07 -1.19 70.45
C LYS C 421 -21.83 -0.31 70.59
N ILE C 422 -21.31 0.22 69.47
CA ILE C 422 -20.17 1.11 69.53
C ILE C 422 -20.54 2.40 70.26
N ALA C 423 -21.66 3.00 69.84
CA ALA C 423 -22.10 4.26 70.44
C ALA C 423 -22.24 4.13 71.95
N ARG C 424 -22.74 3.00 72.42
CA ARG C 424 -22.82 2.76 73.85
C ARG C 424 -21.43 2.70 74.47
N MET C 425 -20.51 1.98 73.81
CA MET C 425 -19.15 1.88 74.30
C MET C 425 -18.47 3.24 74.39
N ALA C 426 -18.80 4.15 73.49
CA ALA C 426 -18.28 5.51 73.58
C ALA C 426 -18.67 6.15 74.90
N LEU C 427 -19.94 6.00 75.30
CA LEU C 427 -20.40 6.64 76.52
C LEU C 427 -19.90 5.91 77.76
N ASP C 428 -19.87 4.57 77.71
CA ASP C 428 -19.49 3.80 78.90
C ASP C 428 -18.02 4.02 79.24
N THR C 429 -17.12 3.82 78.29
CA THR C 429 -15.68 3.92 78.52
C THR C 429 -15.19 5.36 78.59
N THR C 430 -16.08 6.35 78.48
CA THR C 430 -15.70 7.75 78.62
C THR C 430 -16.53 8.50 79.65
N LYS C 431 -17.48 7.84 80.32
CA LYS C 431 -18.12 8.42 81.48
C LYS C 431 -17.30 8.07 82.72
N ASP C 432 -17.36 8.95 83.73
CA ASP C 432 -16.61 8.77 84.97
C ASP C 432 -15.10 8.71 84.71
N TRP C 433 -14.61 9.58 83.85
CA TRP C 433 -13.19 9.68 83.54
C TRP C 433 -12.88 11.12 83.15
N PRO C 434 -11.65 11.59 83.38
CA PRO C 434 -11.30 12.94 82.95
C PRO C 434 -10.94 12.99 81.47
N THR C 435 -11.00 14.21 80.92
CA THR C 435 -10.76 14.41 79.50
C THR C 435 -9.41 13.86 79.06
N ASP C 436 -8.42 13.85 79.96
CA ASP C 436 -7.12 13.28 79.61
C ASP C 436 -7.15 11.75 79.63
N GLN C 437 -8.01 11.15 80.46
CA GLN C 437 -8.06 9.71 80.62
C GLN C 437 -9.29 9.08 79.99
N LYS C 438 -10.02 9.83 79.16
CA LYS C 438 -11.19 9.28 78.49
C LYS C 438 -10.79 8.21 77.49
N PHE C 439 -9.87 8.54 76.59
CA PHE C 439 -9.43 7.64 75.53
C PHE C 439 -7.97 7.27 75.73
N VAL C 440 -7.47 6.39 74.87
CA VAL C 440 -6.06 6.03 74.84
C VAL C 440 -5.42 6.71 73.64
N MET C 441 -4.13 7.01 73.76
CA MET C 441 -3.33 7.46 72.64
C MET C 441 -2.45 6.30 72.19
N PHE C 442 -2.69 5.82 70.96
CA PHE C 442 -1.96 4.72 70.34
C PHE C 442 -2.28 3.37 70.97
N THR C 443 -3.50 2.87 70.77
CA THR C 443 -3.89 1.58 71.33
C THR C 443 -3.12 0.41 70.72
N GLY C 444 -2.39 0.62 69.63
CA GLY C 444 -1.63 -0.45 69.03
C GLY C 444 -0.32 -0.72 69.74
N PHE C 445 0.18 0.29 70.44
CA PHE C 445 1.46 0.17 71.13
C PHE C 445 1.26 -0.45 72.51
N ASP C 446 2.04 -1.49 72.80
CA ASP C 446 1.99 -2.10 74.13
C ASP C 446 2.52 -1.17 75.20
N MET C 447 3.32 -0.17 74.82
CA MET C 447 3.77 0.82 75.79
C MET C 447 2.65 1.74 76.24
N GLY C 448 1.61 1.90 75.41
CA GLY C 448 0.53 2.82 75.70
C GLY C 448 -0.45 2.36 76.77
N TRP C 449 -0.48 1.06 77.06
CA TRP C 449 -1.33 0.52 78.10
C TRP C 449 -0.58 0.21 79.39
N LYS C 450 0.75 0.17 79.35
CA LYS C 450 1.53 -0.17 80.54
C LYS C 450 1.57 0.99 81.53
N ILE C 451 1.99 2.18 81.05
CA ILE C 451 2.27 3.27 81.98
C ILE C 451 0.99 3.87 82.56
N ARG C 452 -0.15 3.68 81.92
CA ARG C 452 -1.38 4.27 82.43
C ARG C 452 -1.97 3.40 83.53
N PRO C 453 -2.20 3.95 84.73
CA PRO C 453 -2.75 3.12 85.80
C PRO C 453 -4.23 2.83 85.63
N ASP C 454 -5.01 3.82 85.18
CA ASP C 454 -6.44 3.63 85.02
C ASP C 454 -6.76 2.50 84.05
N LEU C 455 -5.86 2.20 83.13
CA LEU C 455 -6.03 1.10 82.18
C LEU C 455 -5.84 -0.21 82.92
N ALA C 456 -6.94 -0.89 83.22
CA ALA C 456 -6.92 -2.17 83.92
C ALA C 456 -8.09 -3.03 83.50
N VAL D 11 -15.61 7.89 -49.60
CA VAL D 11 -15.17 8.57 -48.39
C VAL D 11 -15.58 10.05 -48.44
N THR D 12 -16.60 10.40 -47.66
CA THR D 12 -17.13 11.76 -47.59
C THR D 12 -17.02 12.29 -46.16
N LEU D 13 -17.02 13.62 -46.04
CA LEU D 13 -16.93 14.23 -44.71
C LEU D 13 -18.14 13.86 -43.86
N ASN D 14 -19.31 13.68 -44.48
CA ASN D 14 -20.49 13.26 -43.73
C ASN D 14 -20.35 11.81 -43.27
N SER D 15 -19.91 10.91 -44.15
CA SER D 15 -19.76 9.50 -43.82
C SER D 15 -18.59 9.23 -42.89
N GLN D 16 -17.85 10.23 -42.42
CA GLN D 16 -16.77 10.04 -41.47
C GLN D 16 -17.23 10.51 -40.10
N ILE D 17 -17.28 9.59 -39.13
CA ILE D 17 -17.76 9.91 -37.81
C ILE D 17 -16.70 10.66 -37.01
N GLY D 18 -16.73 11.99 -37.06
CA GLY D 18 -15.79 12.79 -36.30
C GLY D 18 -16.42 13.48 -35.10
N LEU D 19 -15.96 13.16 -33.90
CA LEU D 19 -16.49 13.75 -32.68
C LEU D 19 -15.67 14.98 -32.28
N SER D 20 -16.36 16.00 -31.77
CA SER D 20 -15.75 17.26 -31.35
C SER D 20 -16.08 17.53 -29.89
N ASP D 21 -15.21 18.32 -29.25
CA ASP D 21 -15.42 18.74 -27.86
C ASP D 21 -16.26 20.00 -27.74
N GLU D 22 -17.27 20.15 -28.61
CA GLU D 22 -18.18 21.28 -28.61
C GLU D 22 -19.58 20.90 -28.18
N HIS D 23 -20.14 19.87 -28.81
CA HIS D 23 -21.45 19.31 -28.45
C HIS D 23 -21.24 17.82 -28.16
N VAL D 24 -20.98 17.50 -26.88
CA VAL D 24 -20.70 16.13 -26.46
C VAL D 24 -21.63 15.75 -25.32
N GLY D 25 -22.92 15.56 -25.62
CA GLY D 25 -23.88 15.11 -24.62
C GLY D 25 -24.98 16.10 -24.31
N LEU D 26 -26.24 15.69 -24.52
CA LEU D 26 -27.37 16.50 -24.09
C LEU D 26 -27.29 16.82 -22.60
N LEU D 27 -27.01 15.79 -21.79
CA LEU D 27 -26.81 16.00 -20.36
C LEU D 27 -25.58 16.87 -20.11
N GLY D 28 -24.41 16.38 -20.50
CA GLY D 28 -23.19 17.15 -20.33
C GLY D 28 -22.76 17.34 -18.90
N ASP D 29 -23.34 16.58 -17.97
CA ASP D 29 -23.00 16.67 -16.55
C ASP D 29 -21.84 15.76 -16.18
N ALA D 30 -20.92 15.52 -17.10
CA ALA D 30 -19.75 14.68 -16.83
C ALA D 30 -18.61 15.11 -17.74
N VAL D 31 -17.39 15.12 -17.19
CA VAL D 31 -16.20 15.39 -17.98
C VAL D 31 -15.81 14.14 -18.75
N VAL D 32 -15.47 14.31 -20.02
CA VAL D 32 -15.18 13.20 -20.92
C VAL D 32 -13.67 13.13 -21.13
N ASP D 33 -13.09 11.97 -20.82
CA ASP D 33 -11.68 11.73 -21.11
C ASP D 33 -11.42 11.91 -22.60
N ARG D 34 -10.56 12.86 -22.94
CA ARG D 34 -10.36 13.24 -24.34
C ARG D 34 -9.75 12.12 -25.17
N ALA D 35 -9.06 11.17 -24.54
CA ALA D 35 -8.61 10.00 -25.29
C ALA D 35 -9.79 9.13 -25.73
N SER D 36 -10.91 9.20 -25.01
CA SER D 36 -12.07 8.39 -25.39
C SER D 36 -12.67 8.89 -26.70
N ILE D 37 -12.67 10.22 -26.90
CA ILE D 37 -13.21 10.78 -28.14
C ILE D 37 -12.45 10.24 -29.35
N GLN D 38 -11.11 10.24 -29.28
CA GLN D 38 -10.33 9.63 -30.34
C GLN D 38 -10.52 8.11 -30.38
N GLU D 39 -10.72 7.49 -29.21
CA GLU D 39 -10.96 6.05 -29.16
C GLU D 39 -12.35 5.69 -29.67
N ALA D 40 -13.35 6.51 -29.33
CA ALA D 40 -14.71 6.25 -29.80
C ALA D 40 -14.83 6.40 -31.31
N ASN D 41 -14.11 7.38 -31.88
CA ASN D 41 -14.18 7.62 -33.31
C ASN D 41 -13.55 6.49 -34.12
N ARG D 42 -12.55 5.81 -33.55
CA ARG D 42 -11.92 4.71 -34.26
C ARG D 42 -12.77 3.44 -34.25
N LEU D 43 -13.69 3.32 -33.30
CA LEU D 43 -14.58 2.17 -33.22
C LEU D 43 -15.94 2.41 -33.85
N LEU D 44 -16.43 3.66 -33.83
CA LEU D 44 -17.67 3.98 -34.53
C LEU D 44 -17.51 3.82 -36.03
N GLN D 45 -16.30 4.04 -36.56
CA GLN D 45 -16.07 3.92 -37.99
C GLN D 45 -16.12 2.46 -38.44
N LYS D 46 -15.51 1.56 -37.66
CA LYS D 46 -15.63 0.13 -37.93
C LYS D 46 -17.09 -0.28 -37.96
N ASN D 47 -17.82 0.05 -36.89
CA ASN D 47 -19.25 -0.26 -36.85
C ASN D 47 -20.00 0.42 -37.99
N HIS D 48 -19.48 1.54 -38.48
CA HIS D 48 -20.13 2.28 -39.55
C HIS D 48 -19.89 1.64 -40.91
N GLU D 49 -18.87 0.80 -41.05
CA GLU D 49 -18.51 0.27 -42.35
C GLU D 49 -18.06 -1.19 -42.30
N GLU D 50 -18.39 -1.92 -41.25
CA GLU D 50 -18.04 -3.34 -41.18
C GLU D 50 -19.21 -4.22 -40.77
N TRP D 51 -20.09 -3.74 -39.91
CA TRP D 51 -21.10 -4.56 -39.28
C TRP D 51 -22.50 -4.14 -39.68
N HIS D 52 -23.39 -5.13 -39.81
CA HIS D 52 -24.77 -4.90 -40.23
C HIS D 52 -25.56 -4.21 -39.13
N MET D 53 -26.45 -3.31 -39.53
CA MET D 53 -27.35 -2.67 -38.58
C MET D 53 -28.29 -3.69 -37.94
N PHE D 54 -28.75 -4.68 -38.71
CA PHE D 54 -29.60 -5.75 -38.20
C PHE D 54 -28.79 -7.05 -38.20
N PHE D 55 -28.48 -7.57 -37.02
CA PHE D 55 -27.77 -8.85 -36.95
C PHE D 55 -28.72 -10.04 -37.00
N ARG D 56 -30.00 -9.85 -36.69
CA ARG D 56 -31.05 -10.77 -37.06
C ARG D 56 -32.17 -9.97 -37.72
N ASP D 57 -33.09 -10.69 -38.36
CA ASP D 57 -34.17 -10.01 -39.06
C ASP D 57 -35.20 -9.43 -38.10
N ARG D 58 -35.41 -10.08 -36.95
CA ARG D 58 -36.36 -9.62 -35.94
C ARG D 58 -35.63 -9.47 -34.61
N ALA D 59 -35.85 -8.33 -33.95
CA ALA D 59 -35.18 -7.99 -32.68
C ALA D 59 -33.65 -8.02 -32.83
N GLY D 60 -33.16 -7.55 -33.98
CA GLY D 60 -31.73 -7.46 -34.20
C GLY D 60 -31.28 -6.03 -34.37
N HIS D 61 -30.47 -5.53 -33.45
CA HIS D 61 -30.07 -4.13 -33.48
C HIS D 61 -28.61 -3.99 -33.07
N ASN D 62 -27.92 -3.02 -33.68
CA ASN D 62 -26.49 -2.78 -33.47
C ASN D 62 -26.34 -1.77 -32.34
N HIS D 63 -26.39 -2.27 -31.11
CA HIS D 63 -26.22 -1.41 -29.94
C HIS D 63 -24.77 -1.01 -29.71
N ILE D 64 -23.83 -1.47 -30.55
CA ILE D 64 -22.43 -1.10 -30.40
C ILE D 64 -22.25 0.41 -30.46
N ALA D 65 -22.96 1.06 -31.39
CA ALA D 65 -22.89 2.51 -31.47
C ALA D 65 -23.57 3.17 -30.27
N HIS D 66 -24.65 2.57 -29.78
CA HIS D 66 -25.38 3.13 -28.65
C HIS D 66 -24.57 3.05 -27.36
N SER D 67 -23.91 1.91 -27.12
CA SER D 67 -23.13 1.75 -25.89
C SER D 67 -21.90 2.64 -25.89
N ILE D 68 -21.22 2.77 -27.03
CA ILE D 68 -20.03 3.61 -27.10
C ILE D 68 -20.40 5.08 -26.89
N LEU D 69 -21.52 5.51 -27.45
CA LEU D 69 -21.93 6.91 -27.32
C LEU D 69 -22.39 7.25 -25.91
N THR D 70 -23.31 6.45 -25.36
CA THR D 70 -23.86 6.75 -24.04
C THR D 70 -22.79 6.68 -22.96
N CYS D 71 -21.94 5.66 -23.01
CA CYS D 71 -20.87 5.53 -22.01
C CYS D 71 -19.94 6.73 -22.05
N LEU D 72 -19.60 7.21 -23.24
CA LEU D 72 -18.70 8.37 -23.37
C LEU D 72 -19.26 9.58 -22.65
N ALA D 73 -20.52 9.93 -22.95
CA ALA D 73 -21.15 11.07 -22.31
C ALA D 73 -21.35 10.88 -20.81
N LEU D 74 -21.19 9.67 -20.30
CA LEU D 74 -21.26 9.39 -18.88
C LEU D 74 -19.89 9.44 -18.21
N GLY D 75 -18.85 9.87 -18.92
CA GLY D 75 -17.52 9.99 -18.35
C GLY D 75 -16.70 8.74 -18.52
N ALA D 76 -16.73 8.16 -19.72
CA ALA D 76 -16.04 6.90 -19.96
C ALA D 76 -14.54 7.11 -20.08
N GLY D 77 -13.79 6.07 -19.71
CA GLY D 77 -12.37 6.05 -19.90
C GLY D 77 -12.02 5.38 -21.22
N PRO D 78 -10.72 5.32 -21.55
CA PRO D 78 -10.33 4.74 -22.84
C PRO D 78 -10.65 3.25 -22.94
N ALA D 79 -10.27 2.46 -21.94
CA ALA D 79 -10.52 1.03 -21.96
C ALA D 79 -12.00 0.69 -21.76
N ASP D 80 -12.83 1.66 -21.36
CA ASP D 80 -14.26 1.44 -21.24
C ASP D 80 -15.01 1.67 -22.55
N ILE D 81 -14.45 2.47 -23.46
CA ILE D 81 -15.01 2.58 -24.80
C ILE D 81 -14.79 1.29 -25.56
N GLN D 82 -13.57 0.73 -25.46
CA GLN D 82 -13.28 -0.55 -26.07
C GLN D 82 -14.15 -1.66 -25.49
N ARG D 83 -14.53 -1.54 -24.22
CA ARG D 83 -15.37 -2.55 -23.60
C ARG D 83 -16.70 -2.69 -24.34
N ALA D 84 -17.35 -1.56 -24.62
CA ALA D 84 -18.65 -1.59 -25.29
C ALA D 84 -18.53 -2.27 -26.66
N TYR D 85 -17.51 -1.91 -27.42
CA TYR D 85 -17.28 -2.55 -28.71
C TYR D 85 -16.95 -4.03 -28.54
N ASP D 86 -16.15 -4.37 -27.54
CA ASP D 86 -15.74 -5.76 -27.36
C ASP D 86 -16.91 -6.66 -26.99
N ASP D 87 -17.94 -6.11 -26.35
CA ASP D 87 -19.04 -6.95 -25.86
C ASP D 87 -20.16 -7.08 -26.87
N GLY D 88 -20.30 -6.14 -27.81
CA GLY D 88 -21.39 -6.20 -28.74
C GLY D 88 -20.99 -6.82 -30.07
N VAL D 89 -19.69 -6.92 -30.31
CA VAL D 89 -19.23 -7.43 -31.61
C VAL D 89 -19.34 -8.94 -31.71
N GLY D 90 -19.49 -9.65 -30.58
CA GLY D 90 -19.56 -11.10 -30.64
C GLY D 90 -20.79 -11.60 -31.36
N ILE D 91 -21.88 -10.84 -31.30
CA ILE D 91 -23.11 -11.24 -31.99
C ILE D 91 -23.23 -10.58 -33.37
N GLN D 92 -22.40 -9.60 -33.68
CA GLN D 92 -22.57 -8.84 -34.91
C GLN D 92 -22.27 -9.70 -36.13
N ARG D 93 -22.91 -9.35 -37.24
CA ARG D 93 -22.77 -10.04 -38.51
C ARG D 93 -22.37 -9.05 -39.60
N PRO D 94 -21.76 -9.54 -40.68
CA PRO D 94 -21.16 -8.61 -41.66
C PRO D 94 -22.20 -7.78 -42.41
N ILE D 95 -21.85 -6.53 -42.66
CA ILE D 95 -22.76 -5.61 -43.35
C ILE D 95 -22.99 -6.10 -44.78
N PRO D 96 -24.19 -6.00 -45.34
CA PRO D 96 -24.40 -6.47 -46.71
C PRO D 96 -23.71 -5.56 -47.71
N ALA D 97 -23.58 -6.07 -48.94
CA ALA D 97 -23.05 -5.27 -50.03
C ALA D 97 -24.10 -4.25 -50.48
N VAL D 98 -23.65 -3.31 -51.30
CA VAL D 98 -24.52 -2.26 -51.82
C VAL D 98 -24.86 -2.59 -53.25
N ASP D 99 -26.15 -2.53 -53.58
CA ASP D 99 -26.64 -2.76 -54.94
C ASP D 99 -26.80 -1.41 -55.61
N GLY D 100 -25.88 -1.09 -56.52
CA GLY D 100 -25.84 0.25 -57.10
C GLY D 100 -27.08 0.60 -57.89
N ALA D 101 -27.70 -0.39 -58.55
CA ALA D 101 -28.95 -0.14 -59.26
C ALA D 101 -30.02 0.33 -58.30
N THR D 102 -30.12 -0.31 -57.14
CA THR D 102 -31.03 0.17 -56.10
C THR D 102 -30.71 1.61 -55.73
N VAL D 103 -29.43 1.91 -55.51
CA VAL D 103 -29.02 3.25 -55.10
C VAL D 103 -29.48 4.30 -56.12
N GLU D 104 -29.13 4.08 -57.39
CA GLU D 104 -29.50 5.05 -58.42
C GLU D 104 -31.01 5.10 -58.65
N ARG D 105 -31.71 3.99 -58.39
CA ARG D 105 -33.16 3.96 -58.55
C ARG D 105 -33.90 4.41 -57.29
N LEU D 106 -33.20 4.66 -56.19
CA LEU D 106 -33.85 5.15 -54.97
C LEU D 106 -34.28 6.61 -55.06
N THR D 107 -33.95 7.31 -56.14
CA THR D 107 -34.44 8.67 -56.32
C THR D 107 -35.90 8.69 -56.79
N ASP D 108 -36.32 7.66 -57.51
CA ASP D 108 -37.71 7.53 -57.94
C ASP D 108 -38.59 7.13 -56.76
N GLU D 109 -39.66 7.88 -56.54
CA GLU D 109 -40.52 7.63 -55.37
C GLU D 109 -41.13 6.23 -55.40
N ALA D 110 -41.48 5.73 -56.59
CA ALA D 110 -42.10 4.41 -56.67
C ALA D 110 -41.14 3.31 -56.22
N PHE D 111 -39.87 3.38 -56.64
CA PHE D 111 -38.90 2.36 -56.26
C PHE D 111 -38.61 2.42 -54.77
N PHE D 112 -38.59 3.63 -54.19
CA PHE D 112 -38.34 3.77 -52.75
C PHE D 112 -39.42 3.06 -51.94
N LEU D 113 -40.68 3.18 -52.37
CA LEU D 113 -41.77 2.61 -51.58
C LEU D 113 -41.80 1.09 -51.69
N GLU D 114 -41.35 0.53 -52.81
CA GLU D 114 -41.37 -0.91 -52.98
C GLU D 114 -40.20 -1.59 -52.30
N THR D 115 -39.08 -0.88 -52.15
CA THR D 115 -37.88 -1.47 -51.56
C THR D 115 -37.93 -1.53 -50.04
N LEU D 116 -38.78 -0.73 -49.41
CA LEU D 116 -38.83 -0.68 -47.95
C LEU D 116 -39.12 -2.07 -47.38
N GLY D 117 -38.58 -2.31 -46.18
CA GLY D 117 -38.71 -3.61 -45.56
C GLY D 117 -37.70 -4.64 -45.99
N ALA D 118 -36.69 -4.24 -46.77
CA ALA D 118 -35.65 -5.15 -47.23
C ALA D 118 -34.43 -5.00 -46.33
N ILE D 119 -34.27 -5.96 -45.40
CA ILE D 119 -33.14 -5.92 -44.50
C ILE D 119 -31.82 -6.07 -45.24
N THR D 120 -31.80 -6.82 -46.35
CA THR D 120 -30.58 -7.06 -47.11
C THR D 120 -30.14 -5.85 -47.92
N GLN D 121 -30.90 -4.76 -47.88
CA GLN D 121 -30.60 -3.54 -48.60
C GLN D 121 -30.38 -2.37 -47.64
N TYR D 122 -29.86 -2.66 -46.45
CA TYR D 122 -29.52 -1.59 -45.52
C TYR D 122 -28.32 -0.78 -46.03
N THR D 123 -27.29 -1.47 -46.53
CA THR D 123 -26.13 -0.77 -47.05
C THR D 123 -26.52 0.13 -48.21
N SER D 124 -27.48 -0.30 -49.04
CA SER D 124 -27.90 0.50 -50.18
C SER D 124 -28.62 1.77 -49.72
N PHE D 125 -29.51 1.65 -48.74
CA PHE D 125 -30.18 2.84 -48.21
C PHE D 125 -29.16 3.79 -47.56
N LEU D 126 -28.20 3.22 -46.82
CA LEU D 126 -27.20 4.06 -46.15
C LEU D 126 -26.38 4.85 -47.16
N VAL D 127 -26.05 4.23 -48.30
CA VAL D 127 -25.32 4.95 -49.34
C VAL D 127 -26.17 6.06 -49.94
N PHE D 128 -27.47 5.81 -50.09
CA PHE D 128 -28.35 6.82 -50.69
C PHE D 128 -28.54 8.01 -49.75
N PHE D 129 -28.80 7.75 -48.47
CA PHE D 129 -29.02 8.86 -47.53
C PHE D 129 -27.73 9.63 -47.27
N GLN D 130 -26.58 8.98 -47.38
CA GLN D 130 -25.32 9.71 -47.21
C GLN D 130 -25.07 10.64 -48.40
N ARG D 131 -25.33 10.16 -49.62
CA ARG D 131 -25.11 11.00 -50.80
C ARG D 131 -26.11 12.15 -50.87
N GLN D 132 -27.29 11.99 -50.28
CA GLN D 132 -28.26 13.10 -50.25
C GLN D 132 -27.93 14.12 -49.18
N MET D 133 -27.33 13.69 -48.07
CA MET D 133 -26.83 14.63 -47.08
C MET D 133 -25.62 15.40 -47.58
N ASP D 134 -24.85 14.83 -48.52
CA ASP D 134 -23.77 15.59 -49.14
C ASP D 134 -24.29 16.67 -50.07
N ALA D 135 -25.56 16.61 -50.45
CA ALA D 135 -26.15 17.56 -51.39
C ALA D 135 -26.80 18.73 -50.66
N HIS D 136 -27.90 18.48 -49.97
CA HIS D 136 -28.70 19.54 -49.36
C HIS D 136 -28.48 19.69 -47.87
N GLY D 137 -27.74 18.79 -47.24
CA GLY D 137 -27.46 18.85 -45.82
C GLY D 137 -28.28 17.84 -45.03
N TRP D 138 -27.89 17.68 -43.76
CA TRP D 138 -28.58 16.73 -42.89
C TRP D 138 -29.94 17.27 -42.47
N GLN D 139 -30.05 18.58 -42.25
CA GLN D 139 -31.34 19.15 -41.87
C GLN D 139 -32.36 19.09 -43.00
N ALA D 140 -31.89 19.07 -44.25
CA ALA D 140 -32.80 19.06 -45.39
C ALA D 140 -33.26 17.64 -45.72
N VAL D 141 -32.37 16.66 -45.57
CA VAL D 141 -32.74 15.27 -45.88
C VAL D 141 -33.82 14.77 -44.93
N VAL D 142 -33.69 15.04 -43.63
CA VAL D 142 -34.67 14.54 -42.66
C VAL D 142 -35.99 15.30 -42.78
N ASN D 143 -35.92 16.64 -42.88
CA ASN D 143 -37.14 17.45 -43.00
C ASN D 143 -37.82 17.28 -44.37
N LYS D 144 -37.34 16.36 -45.22
CA LYS D 144 -38.05 15.98 -46.43
C LYS D 144 -38.33 14.48 -46.53
N TYR D 145 -37.71 13.64 -45.70
CA TYR D 145 -38.00 12.21 -45.66
C TYR D 145 -38.70 11.79 -44.37
N VAL D 146 -39.01 12.73 -43.48
CA VAL D 146 -39.62 12.44 -42.19
C VAL D 146 -40.75 13.44 -41.94
N PHE D 147 -40.41 14.72 -41.78
CA PHE D 147 -41.40 15.77 -41.53
C PHE D 147 -41.71 16.51 -42.82
N SER D 148 -42.41 15.81 -43.72
CA SER D 148 -42.80 16.38 -44.99
C SER D 148 -44.24 16.06 -45.37
N ARG D 149 -44.94 15.24 -44.57
CA ARG D 149 -46.37 14.96 -44.72
C ARG D 149 -46.74 14.35 -46.07
N ASN D 150 -45.76 13.88 -46.83
CA ASN D 150 -46.05 13.19 -48.08
C ASN D 150 -46.08 11.68 -47.85
N ALA D 151 -46.21 10.94 -48.94
CA ALA D 151 -46.38 9.49 -48.87
C ALA D 151 -45.21 8.82 -48.17
N ILE D 152 -43.97 9.19 -48.53
CA ILE D 152 -42.79 8.53 -47.99
C ILE D 152 -42.55 8.94 -46.54
N ALA D 153 -42.62 10.24 -46.26
CA ALA D 153 -42.27 10.73 -44.92
C ALA D 153 -43.20 10.18 -43.87
N GLU D 154 -44.48 10.02 -44.19
CA GLU D 154 -45.43 9.45 -43.24
C GLU D 154 -45.27 7.94 -43.10
N LYS D 155 -44.61 7.28 -44.06
CA LYS D 155 -44.25 5.88 -43.89
C LYS D 155 -42.97 5.74 -43.08
N MET D 156 -41.99 6.63 -43.33
CA MET D 156 -40.72 6.57 -42.62
C MET D 156 -40.82 7.10 -41.19
N LEU D 157 -41.71 8.06 -40.93
CA LEU D 157 -41.89 8.55 -39.57
C LEU D 157 -42.45 7.46 -38.67
N ALA D 158 -43.48 6.76 -39.14
CA ALA D 158 -43.99 5.61 -38.40
C ALA D 158 -42.97 4.50 -38.32
N ARG D 159 -42.01 4.46 -39.25
CA ARG D 159 -40.92 3.49 -39.18
C ARG D 159 -39.81 3.92 -38.22
N LEU D 160 -39.73 5.20 -37.88
CA LEU D 160 -38.76 5.64 -36.88
C LEU D 160 -39.11 5.17 -35.48
N TYR D 161 -40.37 4.79 -35.25
CA TYR D 161 -40.81 4.24 -33.98
C TYR D 161 -40.82 2.72 -33.94
N GLU D 162 -40.57 2.07 -35.07
CA GLU D 162 -40.61 0.62 -35.13
C GLU D 162 -39.57 0.01 -34.19
N GLY D 163 -39.86 -1.20 -33.72
CA GLY D 163 -38.93 -1.97 -32.92
C GLY D 163 -38.44 -1.30 -31.65
N ALA D 164 -39.38 -0.86 -30.80
CA ALA D 164 -39.07 -0.29 -29.50
C ALA D 164 -38.16 0.95 -29.62
N TYR D 165 -38.55 1.86 -30.52
CA TYR D 165 -37.94 3.18 -30.63
C TYR D 165 -36.44 3.12 -30.88
N HIS D 166 -35.96 2.09 -31.57
CA HIS D 166 -34.53 1.93 -31.82
C HIS D 166 -34.05 2.82 -32.98
N PRO D 167 -34.77 2.90 -34.12
CA PRO D 167 -34.34 3.86 -35.15
C PRO D 167 -34.31 5.28 -34.66
N VAL D 168 -35.30 5.71 -33.89
CA VAL D 168 -35.29 7.06 -33.33
C VAL D 168 -34.27 7.22 -32.22
N ILE D 169 -33.76 6.12 -31.68
CA ILE D 169 -32.63 6.18 -30.76
C ILE D 169 -31.34 6.47 -31.51
N HIS D 170 -31.15 5.80 -32.66
CA HIS D 170 -30.05 6.15 -33.54
C HIS D 170 -30.15 7.61 -33.97
N LEU D 171 -31.33 8.02 -34.44
CA LEU D 171 -31.52 9.38 -34.94
C LEU D 171 -31.25 10.41 -33.85
N GLY D 172 -31.83 10.20 -32.67
CA GLY D 172 -31.57 11.11 -31.56
C GLY D 172 -30.11 11.20 -31.20
N LEU D 173 -29.38 10.08 -31.32
CA LEU D 173 -27.94 10.11 -31.09
C LEU D 173 -27.22 10.87 -32.20
N GLY D 174 -27.74 10.82 -33.43
CA GLY D 174 -27.12 11.56 -34.52
C GLY D 174 -27.31 13.06 -34.43
N ILE D 175 -28.47 13.51 -33.92
CA ILE D 175 -28.70 14.93 -33.76
C ILE D 175 -28.04 15.48 -32.49
N GLU D 176 -27.82 14.62 -31.51
CA GLU D 176 -27.22 15.08 -30.25
C GLU D 176 -25.75 15.40 -30.43
N PHE D 177 -24.96 14.45 -30.93
CA PHE D 177 -23.53 14.64 -31.11
C PHE D 177 -23.17 15.25 -32.46
N GLN D 178 -24.16 15.50 -33.32
CA GLN D 178 -23.96 16.13 -34.64
C GLN D 178 -22.95 15.35 -35.47
N GLN D 179 -23.41 14.18 -35.93
CA GLN D 179 -22.66 13.33 -36.84
C GLN D 179 -23.62 12.86 -37.92
N PRO D 180 -23.61 13.49 -39.10
CA PRO D 180 -24.58 13.11 -40.15
C PRO D 180 -24.44 11.67 -40.60
N SER D 181 -23.30 11.02 -40.36
CA SER D 181 -23.17 9.61 -40.67
C SER D 181 -24.14 8.77 -39.84
N LEU D 182 -24.28 9.11 -38.56
CA LEU D 182 -25.22 8.38 -37.71
C LEU D 182 -26.66 8.64 -38.14
N ILE D 183 -26.98 9.89 -38.47
CA ILE D 183 -28.32 10.22 -38.94
C ILE D 183 -28.66 9.45 -40.21
N ALA D 184 -27.65 9.20 -41.04
CA ALA D 184 -27.86 8.39 -42.25
C ALA D 184 -28.22 6.95 -41.88
N GLU D 185 -27.51 6.38 -40.90
CA GLU D 185 -27.80 5.01 -40.48
C GLU D 185 -29.22 4.89 -39.94
N ALA D 186 -29.70 5.93 -39.24
CA ALA D 186 -31.03 5.88 -38.65
C ALA D 186 -32.12 5.94 -39.72
N LEU D 187 -31.93 6.77 -40.74
CA LEU D 187 -32.89 6.83 -41.84
C LEU D 187 -32.83 5.58 -42.71
N ALA D 188 -31.67 4.93 -42.78
CA ALA D 188 -31.57 3.67 -43.52
C ALA D 188 -32.07 2.48 -42.71
N GLN D 189 -31.92 2.54 -41.38
CA GLN D 189 -32.45 1.50 -40.51
C GLN D 189 -33.97 1.49 -40.49
N ALA D 190 -34.60 2.68 -40.43
CA ALA D 190 -36.06 2.73 -40.48
C ALA D 190 -36.60 2.37 -41.85
N ALA D 191 -35.80 2.53 -42.90
CA ALA D 191 -36.24 2.16 -44.25
C ALA D 191 -36.21 0.65 -44.47
N ALA D 192 -35.23 -0.02 -43.88
CA ALA D 192 -35.02 -1.46 -44.05
C ALA D 192 -35.63 -2.27 -42.93
N HIS D 193 -36.46 -1.65 -42.11
CA HIS D 193 -37.07 -2.34 -40.98
C HIS D 193 -38.30 -3.11 -41.43
N ASP D 194 -38.59 -4.19 -40.71
CA ASP D 194 -39.84 -4.90 -40.94
C ASP D 194 -41.01 -4.11 -40.36
N ASP D 195 -42.18 -4.29 -40.96
CA ASP D 195 -43.36 -3.52 -40.58
C ASP D 195 -44.14 -4.24 -39.49
N SER D 196 -44.42 -3.54 -38.41
CA SER D 196 -45.22 -4.08 -37.33
C SER D 196 -46.66 -3.59 -37.39
N HIS D 197 -47.06 -2.96 -38.49
CA HIS D 197 -48.40 -2.41 -38.69
C HIS D 197 -48.74 -1.32 -37.67
N ILE D 198 -47.72 -0.71 -37.04
CA ILE D 198 -47.98 0.35 -36.07
C ILE D 198 -48.41 1.63 -36.77
N SER D 199 -48.21 1.72 -38.09
CA SER D 199 -48.70 2.87 -38.84
C SER D 199 -50.22 2.97 -38.76
N ARG D 200 -50.90 1.84 -38.93
CA ARG D 200 -52.36 1.78 -38.85
C ARG D 200 -52.89 2.18 -37.48
N LEU D 201 -52.04 2.21 -36.46
CA LEU D 201 -52.40 2.74 -35.15
C LEU D 201 -52.09 4.23 -35.05
N PHE D 202 -50.95 4.68 -35.61
CA PHE D 202 -50.62 6.09 -35.59
C PHE D 202 -51.68 6.92 -36.30
N GLU D 203 -52.09 6.46 -37.49
CA GLU D 203 -53.05 7.21 -38.30
C GLU D 203 -54.43 7.23 -37.65
N ALA D 204 -54.93 6.07 -37.21
CA ALA D 204 -56.21 6.03 -36.52
C ALA D 204 -56.17 6.81 -35.21
N CYS D 205 -54.98 6.99 -34.62
CA CYS D 205 -54.83 7.85 -33.45
C CYS D 205 -55.11 9.30 -33.80
N GLU D 206 -54.43 9.81 -34.83
CA GLU D 206 -54.66 11.19 -35.27
C GLU D 206 -56.01 11.36 -35.96
N ALA D 207 -56.59 10.27 -36.47
CA ALA D 207 -57.88 10.32 -37.15
C ALA D 207 -58.98 10.78 -36.21
N GLN D 208 -59.31 9.99 -35.20
CA GLN D 208 -60.32 10.43 -34.24
C GLN D 208 -59.81 11.49 -33.28
N ALA D 209 -58.57 11.95 -33.42
CA ALA D 209 -58.12 13.13 -32.71
C ALA D 209 -58.54 14.41 -33.41
N ALA D 210 -59.22 14.26 -34.56
CA ALA D 210 -59.80 15.36 -35.34
C ALA D 210 -61.29 15.50 -35.12
N ILE D 211 -62.05 14.43 -35.40
CA ILE D 211 -63.51 14.48 -35.25
C ILE D 211 -63.87 14.69 -33.79
N ALA D 212 -63.34 13.84 -32.90
CA ALA D 212 -63.66 13.95 -31.49
C ALA D 212 -63.03 15.20 -30.90
N TYR D 213 -63.88 16.03 -30.30
CA TYR D 213 -63.46 17.29 -29.71
C TYR D 213 -64.48 17.67 -28.65
N PRO D 214 -64.06 18.40 -27.61
CA PRO D 214 -62.68 18.79 -27.32
C PRO D 214 -62.19 18.39 -25.94
N PRO D 215 -61.00 17.78 -25.83
CA PRO D 215 -60.40 17.59 -24.51
C PRO D 215 -60.06 18.93 -23.86
N ALA D 216 -61.02 19.50 -23.11
CA ALA D 216 -60.81 20.80 -22.50
C ALA D 216 -59.67 20.77 -21.50
N HIS D 217 -59.82 19.95 -20.45
CA HIS D 217 -58.73 19.70 -19.52
C HIS D 217 -58.04 18.40 -19.89
N PRO D 218 -56.86 18.44 -20.48
CA PRO D 218 -56.21 17.20 -20.95
C PRO D 218 -55.95 16.23 -19.81
N LYS D 219 -56.28 14.95 -20.05
CA LYS D 219 -56.05 13.92 -19.05
C LYS D 219 -54.57 13.57 -18.96
N PRO D 220 -54.07 13.23 -17.77
CA PRO D 220 -52.68 12.78 -17.66
C PRO D 220 -52.46 11.46 -18.39
N LEU D 221 -51.18 11.17 -18.67
CA LEU D 221 -50.82 9.93 -19.37
C LEU D 221 -50.78 8.73 -18.43
N VAL D 222 -50.64 8.95 -17.13
CA VAL D 222 -50.81 7.87 -16.16
C VAL D 222 -52.28 7.52 -15.97
N GLN D 223 -53.19 8.41 -16.36
CA GLN D 223 -54.63 8.12 -16.30
C GLN D 223 -55.06 7.19 -17.43
N LEU D 224 -54.46 7.35 -18.61
CA LEU D 224 -54.77 6.50 -19.75
C LEU D 224 -54.20 5.09 -19.59
N LEU D 225 -53.13 4.92 -18.82
CA LEU D 225 -52.61 3.59 -18.52
C LEU D 225 -53.63 2.76 -17.74
N ARG D 226 -54.17 3.33 -16.65
CA ARG D 226 -55.07 2.59 -15.78
C ARG D 226 -56.34 2.19 -16.50
N GLU D 227 -56.93 3.11 -17.26
CA GLU D 227 -58.15 2.81 -18.00
C GLU D 227 -57.90 1.77 -19.09
N ALA D 228 -56.68 1.72 -19.63
CA ALA D 228 -56.35 0.72 -20.65
C ALA D 228 -56.20 -0.67 -20.04
N ARG D 229 -55.73 -0.75 -18.79
CA ARG D 229 -55.68 -2.03 -18.11
C ARG D 229 -57.06 -2.52 -17.70
N ALA D 230 -57.97 -1.60 -17.37
CA ALA D 230 -59.33 -2.00 -17.04
C ALA D 230 -60.09 -2.47 -18.27
N THR D 231 -59.79 -1.91 -19.44
CA THR D 231 -60.40 -2.35 -20.69
C THR D 231 -59.97 -3.78 -20.98
N GLU D 232 -60.85 -4.73 -20.64
CA GLU D 232 -60.51 -6.15 -20.82
C GLU D 232 -60.25 -6.48 -22.28
N ALA D 233 -60.84 -5.73 -23.21
CA ALA D 233 -60.61 -5.99 -24.63
C ALA D 233 -59.22 -5.54 -25.09
N ILE D 234 -58.54 -4.71 -24.31
CA ILE D 234 -57.15 -4.34 -24.58
C ILE D 234 -56.19 -5.25 -23.82
N ARG D 235 -56.52 -5.57 -22.57
CA ARG D 235 -55.65 -6.41 -21.74
C ARG D 235 -55.56 -7.83 -22.26
N SER D 236 -56.52 -8.28 -23.06
CA SER D 236 -56.59 -9.67 -23.51
C SER D 236 -56.05 -9.89 -24.92
N ALA D 237 -55.70 -8.84 -25.65
CA ALA D 237 -55.26 -8.99 -27.04
C ALA D 237 -53.88 -9.66 -27.14
N PRO D 238 -52.86 -9.24 -26.38
CA PRO D 238 -51.58 -9.96 -26.43
C PRO D 238 -51.68 -11.31 -25.76
N ARG D 239 -51.11 -12.33 -26.41
CA ARG D 239 -51.07 -13.67 -25.86
C ARG D 239 -49.63 -14.19 -25.87
N TRP D 240 -49.38 -15.22 -25.08
CA TRP D 240 -48.04 -15.81 -25.06
C TRP D 240 -47.75 -16.57 -26.35
N GLU D 241 -48.77 -17.02 -27.06
CA GLU D 241 -48.57 -17.72 -28.33
C GLU D 241 -48.21 -16.76 -29.45
N ASP D 242 -48.68 -15.51 -29.38
CA ASP D 242 -48.30 -14.53 -30.40
C ASP D 242 -46.79 -14.32 -30.42
N PHE D 243 -46.17 -14.31 -29.24
CA PHE D 243 -44.71 -14.27 -29.10
C PHE D 243 -44.12 -13.00 -29.71
N GLY D 244 -43.42 -13.15 -30.84
CA GLY D 244 -42.78 -12.00 -31.45
C GLY D 244 -43.76 -10.94 -31.90
N ASN D 245 -44.80 -11.34 -32.64
CA ASN D 245 -45.74 -10.40 -33.24
C ASN D 245 -46.88 -10.05 -32.28
N LYS D 246 -46.53 -9.75 -31.03
CA LYS D 246 -47.54 -9.31 -30.07
C LYS D 246 -48.14 -7.97 -30.46
N MET D 247 -47.37 -7.14 -31.16
CA MET D 247 -47.87 -5.82 -31.55
C MET D 247 -48.60 -5.86 -32.88
N ARG D 248 -48.02 -6.55 -33.86
CA ARG D 248 -48.63 -6.61 -35.19
C ARG D 248 -49.92 -7.42 -35.19
N ASP D 249 -49.88 -8.62 -34.62
CA ASP D 249 -51.04 -9.51 -34.64
C ASP D 249 -51.69 -9.63 -33.26
N GLY D 250 -51.63 -8.56 -32.47
CA GLY D 250 -52.23 -8.58 -31.15
C GLY D 250 -52.92 -7.26 -30.80
N VAL D 251 -52.12 -6.24 -30.50
CA VAL D 251 -52.65 -4.90 -30.24
C VAL D 251 -53.35 -4.38 -31.49
N VAL D 252 -52.58 -4.02 -32.52
CA VAL D 252 -53.16 -3.49 -33.74
C VAL D 252 -54.02 -4.56 -34.43
N GLY D 253 -53.66 -5.83 -34.28
CA GLY D 253 -54.43 -6.88 -34.91
C GLY D 253 -55.83 -7.05 -34.34
N ARG D 254 -55.95 -6.95 -33.01
CA ARG D 254 -57.23 -7.12 -32.32
C ARG D 254 -57.78 -5.83 -31.74
N ALA D 255 -56.99 -5.11 -30.96
CA ALA D 255 -57.46 -3.90 -30.27
C ALA D 255 -56.96 -2.63 -30.96
N LEU D 256 -57.14 -2.54 -32.28
CA LEU D 256 -56.77 -1.34 -33.02
C LEU D 256 -57.73 -0.20 -32.72
N LEU D 257 -59.01 -0.41 -33.01
CA LEU D 257 -60.04 0.59 -32.76
C LEU D 257 -60.14 0.92 -31.27
N GLU D 258 -59.90 -0.06 -30.40
CA GLU D 258 -60.04 0.18 -28.97
C GLU D 258 -58.87 1.01 -28.43
N MET D 259 -57.64 0.54 -28.65
CA MET D 259 -56.47 1.27 -28.15
C MET D 259 -56.38 2.66 -28.75
N ALA D 260 -56.85 2.84 -29.98
CA ALA D 260 -56.87 4.16 -30.61
C ALA D 260 -57.79 5.12 -29.87
N ALA D 261 -58.80 4.63 -29.16
CA ALA D 261 -59.65 5.51 -28.37
C ALA D 261 -58.93 6.03 -27.13
N ILE D 262 -57.90 5.32 -26.68
CA ILE D 262 -57.17 5.74 -25.49
C ILE D 262 -56.04 6.70 -25.87
N GLY D 263 -55.29 6.36 -26.92
CA GLY D 263 -54.13 7.16 -27.26
C GLY D 263 -54.46 8.53 -27.81
N SER D 264 -55.56 8.64 -28.55
CA SER D 264 -55.91 9.92 -29.18
C SER D 264 -56.16 11.00 -28.14
N GLN D 265 -56.57 10.62 -26.93
CA GLN D 265 -56.76 11.60 -25.87
C GLN D 265 -55.45 12.24 -25.43
N PHE D 266 -54.32 11.63 -25.76
CA PHE D 266 -53.01 12.21 -25.46
C PHE D 266 -52.66 13.19 -26.58
N THR D 267 -53.00 14.47 -26.38
CA THR D 267 -52.64 15.53 -27.29
C THR D 267 -51.74 16.53 -26.57
N VAL D 268 -50.94 17.25 -27.34
CA VAL D 268 -50.03 18.26 -26.82
C VAL D 268 -50.43 19.60 -27.39
N LYS D 269 -50.75 20.55 -26.53
CA LYS D 269 -51.10 21.89 -27.00
C LYS D 269 -49.86 22.57 -27.57
N PRO D 270 -49.99 23.30 -28.69
CA PRO D 270 -48.79 23.79 -29.39
C PRO D 270 -48.04 24.91 -28.68
N ASP D 271 -48.22 25.07 -27.36
CA ASP D 271 -47.35 25.96 -26.61
C ASP D 271 -45.94 25.35 -26.54
N GLU D 272 -44.93 26.21 -26.32
CA GLU D 272 -43.57 25.73 -26.15
C GLU D 272 -43.31 25.23 -24.73
N ARG D 273 -43.97 25.82 -23.73
CA ARG D 273 -43.94 25.28 -22.37
C ARG D 273 -44.82 24.04 -22.25
N GLU D 274 -45.92 23.97 -22.99
CA GLU D 274 -46.73 22.75 -23.02
C GLU D 274 -45.99 21.60 -23.69
N LEU D 275 -45.07 21.90 -24.60
CA LEU D 275 -44.28 20.88 -25.30
C LEU D 275 -43.25 20.21 -24.38
N GLN D 276 -42.65 20.98 -23.48
CA GLN D 276 -41.69 20.44 -22.52
C GLN D 276 -42.35 19.90 -21.26
N ARG D 277 -43.58 20.33 -20.96
CA ARG D 277 -44.34 19.79 -19.85
C ARG D 277 -44.93 18.43 -20.17
N ARG D 278 -45.36 18.22 -21.42
CA ARG D 278 -45.85 16.91 -21.85
C ARG D 278 -44.73 15.98 -22.29
N THR D 279 -43.55 16.51 -22.61
CA THR D 279 -42.39 15.66 -22.85
C THR D 279 -41.85 15.09 -21.54
N ALA D 280 -41.83 15.89 -20.48
CA ALA D 280 -41.39 15.41 -19.17
C ALA D 280 -42.41 14.47 -18.53
N GLU D 281 -43.69 14.62 -18.87
CA GLU D 281 -44.72 13.71 -18.36
C GLU D 281 -44.55 12.31 -18.93
N MET D 282 -44.16 12.22 -20.20
CA MET D 282 -43.86 10.92 -20.78
C MET D 282 -42.67 10.26 -20.09
N ILE D 283 -41.66 11.05 -19.75
CA ILE D 283 -40.46 10.49 -19.11
C ILE D 283 -40.79 9.95 -17.72
N SER D 284 -41.69 10.60 -16.99
CA SER D 284 -42.09 10.10 -15.68
C SER D 284 -43.05 8.92 -15.78
N VAL D 285 -43.88 8.87 -16.84
CA VAL D 285 -44.76 7.72 -17.06
C VAL D 285 -43.94 6.49 -17.46
N CYS D 286 -42.90 6.68 -18.28
CA CYS D 286 -42.08 5.56 -18.72
C CYS D 286 -41.28 4.98 -17.56
N ALA D 287 -40.63 5.83 -16.78
CA ALA D 287 -39.89 5.36 -15.61
C ALA D 287 -40.82 4.71 -14.58
N TYR D 288 -42.10 5.12 -14.57
CA TYR D 288 -43.08 4.49 -13.70
C TYR D 288 -43.44 3.08 -14.15
N MET D 289 -43.25 2.77 -15.43
CA MET D 289 -43.55 1.44 -15.95
C MET D 289 -42.41 0.46 -15.68
N ALA D 290 -41.17 0.93 -15.75
CA ALA D 290 -40.01 0.06 -15.60
C ALA D 290 -39.58 -0.14 -14.16
N GLY D 291 -40.08 0.69 -13.23
CA GLY D 291 -39.70 0.59 -11.83
C GLY D 291 -40.77 0.03 -10.94
N ALA D 292 -42.03 0.12 -11.35
CA ALA D 292 -43.14 -0.37 -10.56
C ALA D 292 -43.74 -1.67 -11.09
N SER D 293 -43.16 -2.24 -12.15
CA SER D 293 -43.66 -3.49 -12.73
C SER D 293 -43.19 -4.72 -11.98
N GLN D 294 -43.11 -4.65 -10.65
CA GLN D 294 -42.58 -5.74 -9.85
C GLN D 294 -43.71 -6.67 -9.39
N ARG D 295 -43.33 -7.80 -8.82
CA ARG D 295 -44.29 -8.78 -8.32
C ARG D 295 -44.26 -8.79 -6.80
N PRO D 296 -45.36 -8.45 -6.12
CA PRO D 296 -45.36 -8.49 -4.64
C PRO D 296 -45.09 -9.88 -4.09
N GLY D 297 -43.86 -10.11 -3.63
CA GLY D 297 -43.45 -11.40 -3.14
C GLY D 297 -42.25 -11.94 -3.88
N ARG D 298 -42.15 -11.62 -5.17
CA ARG D 298 -41.05 -12.06 -5.99
C ARG D 298 -39.94 -11.01 -6.00
N LYS D 299 -38.84 -11.33 -6.68
CA LYS D 299 -37.69 -10.43 -6.75
C LYS D 299 -38.02 -9.17 -7.54
N ARG D 300 -37.05 -8.26 -7.64
CA ARG D 300 -37.18 -7.06 -8.47
C ARG D 300 -36.39 -7.25 -9.76
N LYS D 301 -37.03 -6.94 -10.89
CA LYS D 301 -36.36 -7.05 -12.18
C LYS D 301 -37.13 -6.22 -13.20
N ILE D 302 -36.38 -5.47 -14.01
CA ILE D 302 -37.00 -4.56 -14.97
C ILE D 302 -37.53 -5.35 -16.16
N ASP D 303 -38.39 -4.69 -16.94
CA ASP D 303 -38.91 -5.23 -18.18
C ASP D 303 -38.07 -4.75 -19.37
N PHE D 304 -37.80 -5.66 -20.31
CA PHE D 304 -36.91 -5.37 -21.43
C PHE D 304 -37.51 -4.37 -22.41
N PHE D 305 -38.83 -4.26 -22.47
CA PHE D 305 -39.46 -3.26 -23.34
C PHE D 305 -39.90 -2.02 -22.58
N TYR D 306 -40.24 -2.15 -21.30
CA TYR D 306 -40.50 -0.95 -20.51
C TYR D 306 -39.25 -0.12 -20.35
N MET D 307 -38.09 -0.79 -20.27
CA MET D 307 -36.84 -0.05 -20.20
C MET D 307 -36.52 0.64 -21.52
N HIS D 308 -37.02 0.09 -22.63
CA HIS D 308 -36.80 0.74 -23.92
C HIS D 308 -37.66 1.99 -24.10
N THR D 309 -38.76 2.12 -23.36
CA THR D 309 -39.58 3.33 -23.44
C THR D 309 -38.92 4.48 -22.68
N LEU D 310 -38.07 4.17 -21.70
CA LEU D 310 -37.36 5.19 -20.94
C LEU D 310 -36.06 5.61 -21.60
N THR D 311 -35.35 4.68 -22.25
CA THR D 311 -34.10 5.04 -22.91
C THR D 311 -34.34 6.03 -24.04
N SER D 312 -35.51 5.99 -24.68
CA SER D 312 -35.82 6.86 -25.81
C SER D 312 -36.38 8.21 -25.39
N SER D 313 -36.82 8.36 -24.14
CA SER D 313 -37.38 9.63 -23.69
C SER D 313 -36.35 10.74 -23.76
N LEU D 314 -35.08 10.43 -23.51
CA LEU D 314 -34.04 11.45 -23.55
C LEU D 314 -33.85 12.00 -24.95
N PHE D 315 -33.93 11.12 -25.96
CA PHE D 315 -33.75 11.55 -27.33
C PHE D 315 -34.95 12.36 -27.84
N PHE D 316 -36.11 12.23 -27.20
CA PHE D 316 -37.20 13.13 -27.55
C PHE D 316 -37.04 14.49 -26.89
N SER D 317 -36.23 14.59 -25.84
CA SER D 317 -35.75 15.86 -25.31
C SER D 317 -34.71 16.49 -26.21
N VAL D 318 -34.14 15.73 -27.14
CA VAL D 318 -33.22 16.30 -28.10
C VAL D 318 -33.98 16.94 -29.25
N LEU D 319 -35.17 16.42 -29.57
CA LEU D 319 -35.94 16.84 -30.72
C LEU D 319 -36.73 18.12 -30.48
N ILE D 320 -37.36 18.27 -29.31
CA ILE D 320 -38.16 19.46 -29.02
C ILE D 320 -37.27 20.70 -28.85
N ARG D 321 -35.97 20.51 -28.61
CA ARG D 321 -35.04 21.63 -28.55
C ARG D 321 -34.51 22.04 -29.91
N GLN D 322 -34.68 21.19 -30.93
CA GLN D 322 -34.17 21.49 -32.27
C GLN D 322 -34.99 22.61 -32.90
N ASP D 323 -34.32 23.70 -33.25
CA ASP D 323 -35.00 24.83 -33.86
C ASP D 323 -35.41 24.53 -35.30
N TRP D 324 -34.65 23.68 -36.00
CA TRP D 324 -34.90 23.42 -37.41
C TRP D 324 -36.13 22.56 -37.66
N ILE D 325 -36.71 21.94 -36.63
CA ILE D 325 -37.97 21.22 -36.78
C ILE D 325 -39.11 22.15 -36.41
N SER D 326 -40.17 22.13 -37.22
CA SER D 326 -41.33 22.94 -36.93
C SER D 326 -41.95 22.50 -35.60
N LEU D 327 -42.55 23.45 -34.89
CA LEU D 327 -43.17 23.13 -33.61
C LEU D 327 -44.34 22.17 -33.78
N ALA D 328 -45.05 22.26 -34.90
CA ALA D 328 -46.13 21.32 -35.18
C ALA D 328 -45.61 19.91 -35.39
N ASP D 329 -44.39 19.78 -35.93
CA ASP D 329 -43.74 18.48 -36.04
C ASP D 329 -43.05 18.06 -34.75
N ARG D 330 -42.64 19.01 -33.90
CA ARG D 330 -42.04 18.66 -32.62
C ARG D 330 -43.08 18.17 -31.62
N VAL D 331 -44.35 18.55 -31.80
CA VAL D 331 -45.44 18.07 -30.96
C VAL D 331 -45.94 16.70 -31.40
N ARG D 332 -46.03 16.48 -32.71
CA ARG D 332 -46.50 15.18 -33.20
C ARG D 332 -45.55 14.05 -32.81
N LEU D 333 -44.25 14.37 -32.66
CA LEU D 333 -43.30 13.39 -32.15
C LEU D 333 -43.65 12.97 -30.73
N VAL D 334 -43.85 13.94 -29.82
CA VAL D 334 -44.25 13.63 -28.46
C VAL D 334 -45.63 12.97 -28.45
N GLU D 335 -46.50 13.35 -29.39
CA GLU D 335 -47.83 12.73 -29.48
C GLU D 335 -47.71 11.25 -29.83
N TRP D 336 -47.07 10.95 -30.97
CA TRP D 336 -46.96 9.55 -31.39
C TRP D 336 -46.18 8.74 -30.37
N LYS D 337 -45.17 9.33 -29.75
CA LYS D 337 -44.38 8.64 -28.73
C LYS D 337 -45.27 8.18 -27.59
N GLY D 338 -46.10 9.09 -27.08
CA GLY D 338 -46.97 8.78 -25.96
C GLY D 338 -48.07 7.79 -26.28
N ARG D 339 -48.50 7.74 -27.55
CA ARG D 339 -49.54 6.82 -27.98
C ARG D 339 -49.02 5.40 -28.22
N LEU D 340 -47.74 5.28 -28.60
CA LEU D 340 -47.12 3.98 -28.76
C LEU D 340 -46.65 3.42 -27.42
N ASP D 341 -46.24 4.29 -26.49
CA ASP D 341 -45.89 3.84 -25.15
C ASP D 341 -47.08 3.14 -24.49
N LEU D 342 -48.29 3.63 -24.76
CA LEU D 342 -49.49 2.97 -24.26
C LEU D 342 -49.65 1.58 -24.84
N ALA D 343 -49.20 1.38 -26.09
CA ALA D 343 -49.31 0.07 -26.71
C ALA D 343 -48.29 -0.92 -26.14
N TRP D 344 -47.13 -0.41 -25.70
CA TRP D 344 -46.11 -1.28 -25.14
C TRP D 344 -46.42 -1.69 -23.71
N TYR D 345 -47.06 -0.80 -22.95
CA TYR D 345 -47.54 -1.19 -21.62
C TYR D 345 -48.47 -2.39 -21.71
N VAL D 346 -49.25 -2.48 -22.80
CA VAL D 346 -50.18 -3.60 -22.98
C VAL D 346 -49.47 -4.83 -23.57
N VAL D 347 -48.45 -4.63 -24.41
CA VAL D 347 -47.75 -5.75 -25.01
C VAL D 347 -47.08 -6.60 -23.94
N SER D 348 -46.37 -5.93 -23.01
CA SER D 348 -45.72 -6.64 -21.92
C SER D 348 -46.72 -7.32 -20.99
N GLY D 349 -47.95 -6.83 -20.94
CA GLY D 349 -48.97 -7.53 -20.16
C GLY D 349 -49.76 -6.62 -19.24
N SER D 350 -49.57 -5.31 -19.37
CA SER D 350 -50.28 -4.33 -18.52
C SER D 350 -50.02 -4.62 -17.04
N ALA D 351 -48.75 -4.82 -16.70
CA ALA D 351 -48.39 -5.20 -15.34
C ALA D 351 -48.84 -4.13 -14.35
N GLU D 352 -49.30 -4.58 -13.18
CA GLU D 352 -49.79 -3.68 -12.15
C GLU D 352 -48.64 -2.82 -11.63
N LEU D 353 -48.85 -1.50 -11.61
CA LEU D 353 -47.85 -0.55 -11.16
C LEU D 353 -48.33 0.04 -9.83
N HIS D 354 -47.63 -0.29 -8.76
CA HIS D 354 -47.91 0.25 -7.44
C HIS D 354 -46.71 1.05 -6.96
N ASP D 355 -46.97 2.24 -6.44
CA ASP D 355 -45.91 3.18 -6.10
C ASP D 355 -44.99 2.69 -5.00
N ASP D 356 -45.43 1.70 -4.22
CA ASP D 356 -44.67 1.30 -3.04
C ASP D 356 -43.33 0.68 -3.39
N ALA D 357 -43.20 0.07 -4.57
CA ALA D 357 -41.98 -0.64 -4.93
C ALA D 357 -40.81 0.29 -5.22
N ILE D 358 -41.08 1.53 -5.65
CA ILE D 358 -40.04 2.50 -5.96
C ILE D 358 -39.84 3.52 -4.86
N THR D 359 -40.70 3.54 -3.84
CA THR D 359 -40.52 4.42 -2.68
C THR D 359 -39.82 3.71 -1.53
N ASP D 360 -39.92 2.39 -1.45
CA ASP D 360 -39.30 1.59 -0.40
C ASP D 360 -38.35 0.59 -1.06
N TYR D 361 -37.25 1.11 -1.61
CA TYR D 361 -36.24 0.30 -2.29
C TYR D 361 -34.90 0.48 -1.61
N HIS D 362 -34.34 -0.61 -1.08
CA HIS D 362 -33.06 -0.59 -0.38
C HIS D 362 -32.23 -1.81 -0.75
N ASP D 363 -30.96 -1.58 -1.02
CA ASP D 363 -29.99 -2.65 -1.26
C ASP D 363 -28.60 -2.12 -0.92
N ASP D 364 -27.89 -2.88 -0.08
CA ASP D 364 -26.59 -2.44 0.44
C ASP D 364 -25.62 -2.06 -0.67
N PHE D 365 -25.69 -2.71 -1.83
CA PHE D 365 -24.71 -2.47 -2.89
C PHE D 365 -24.79 -1.03 -3.41
N SER D 366 -26.00 -0.47 -3.50
CA SER D 366 -26.18 0.90 -3.97
C SER D 366 -27.19 1.64 -3.10
N ALA D 367 -27.12 1.43 -1.78
CA ALA D 367 -28.04 2.10 -0.87
C ALA D 367 -27.72 3.59 -0.74
N ASP D 368 -26.49 3.99 -1.04
CA ASP D 368 -26.03 5.36 -0.84
C ASP D 368 -25.31 5.92 -2.08
N MET D 369 -25.41 5.25 -3.23
CA MET D 369 -24.74 5.71 -4.44
C MET D 369 -25.45 6.92 -5.02
N GLY D 370 -24.66 7.93 -5.42
CA GLY D 370 -25.16 9.07 -6.14
C GLY D 370 -25.12 8.85 -7.64
N TRP D 371 -25.37 9.93 -8.38
CA TRP D 371 -25.32 9.84 -9.83
C TRP D 371 -23.89 9.64 -10.33
N LYS D 372 -22.89 10.10 -9.58
CA LYS D 372 -21.52 9.99 -10.02
C LYS D 372 -20.97 8.58 -9.85
N GLU D 373 -21.45 7.83 -8.86
CA GLU D 373 -20.98 6.47 -8.64
C GLU D 373 -21.69 5.48 -9.56
N LEU D 374 -23.00 5.69 -9.79
CA LEU D 374 -23.72 4.87 -10.76
C LEU D 374 -23.07 4.97 -12.14
N TYR D 375 -22.73 6.20 -12.56
CA TYR D 375 -21.99 6.40 -13.79
C TYR D 375 -20.69 5.60 -13.79
N ALA D 376 -19.94 5.65 -12.68
CA ALA D 376 -18.66 4.96 -12.60
C ALA D 376 -18.83 3.45 -12.69
N ALA D 377 -19.79 2.90 -11.95
CA ALA D 377 -19.99 1.46 -11.94
C ALA D 377 -20.57 0.96 -13.25
N VAL D 378 -21.53 1.71 -13.81
CA VAL D 378 -22.16 1.27 -15.06
C VAL D 378 -21.19 1.38 -16.23
N ASN D 379 -20.18 2.26 -16.15
CA ASN D 379 -19.22 2.35 -17.24
C ASN D 379 -18.29 1.13 -17.29
N LYS D 380 -18.29 0.32 -16.23
CA LYS D 380 -17.41 -0.83 -16.14
C LYS D 380 -18.14 -2.16 -16.19
N GLU D 381 -19.46 -2.16 -16.08
CA GLU D 381 -20.23 -3.40 -16.20
C GLU D 381 -20.39 -3.78 -17.67
N HIS D 382 -20.16 -5.05 -17.96
CA HIS D 382 -20.24 -5.55 -19.33
C HIS D 382 -21.71 -5.77 -19.70
N ASP D 383 -22.22 -4.97 -20.63
CA ASP D 383 -23.59 -5.08 -21.08
C ASP D 383 -23.69 -4.62 -22.52
N ASP D 384 -24.89 -4.75 -23.09
CA ASP D 384 -25.18 -4.26 -24.43
C ASP D 384 -25.19 -2.74 -24.50
N GLY D 385 -25.24 -2.06 -23.36
CA GLY D 385 -25.42 -0.62 -23.30
C GLY D 385 -26.78 -0.19 -22.81
N HIS D 386 -27.65 -1.14 -22.44
CA HIS D 386 -29.01 -0.79 -22.03
C HIS D 386 -29.03 -0.18 -20.63
N VAL D 387 -28.24 -0.72 -19.70
CA VAL D 387 -28.27 -0.24 -18.31
C VAL D 387 -27.60 1.12 -18.18
N ALA D 388 -26.56 1.39 -18.95
CA ALA D 388 -25.93 2.72 -18.96
C ALA D 388 -26.90 3.75 -19.49
N MET D 390 -30.17 3.52 -19.33
CA MET D 390 -31.29 3.67 -18.38
C MET D 390 -30.98 4.80 -17.39
N ILE D 391 -29.77 4.75 -16.81
CA ILE D 391 -29.38 5.72 -15.80
C ILE D 391 -29.25 7.11 -16.41
N ARG D 392 -28.82 7.18 -17.68
CA ARG D 392 -28.66 8.48 -18.34
C ARG D 392 -30.01 9.15 -18.59
N ALA D 393 -31.04 8.36 -18.93
CA ALA D 393 -32.35 8.93 -19.22
C ALA D 393 -33.07 9.37 -17.95
N LEU D 394 -32.76 8.74 -16.81
CA LEU D 394 -33.36 9.15 -15.56
C LEU D 394 -32.76 10.44 -15.03
N LYS D 395 -31.53 10.77 -15.45
CA LYS D 395 -30.96 12.07 -15.12
C LYS D 395 -31.68 13.17 -15.91
N ASN D 396 -31.83 13.00 -17.22
CA ASN D 396 -32.58 13.96 -18.03
C ASN D 396 -34.03 14.06 -17.60
N GLY D 397 -34.58 12.99 -17.01
CA GLY D 397 -35.93 13.04 -16.51
C GLY D 397 -36.08 13.75 -15.18
N GLN D 398 -35.03 13.75 -14.36
CA GLN D 398 -35.09 14.43 -13.07
C GLN D 398 -35.02 15.95 -13.23
N GLU D 399 -34.27 16.42 -14.23
CA GLU D 399 -34.04 17.84 -14.39
C GLU D 399 -35.17 18.52 -15.15
N ALA D 400 -35.60 17.94 -16.27
CA ALA D 400 -36.64 18.51 -17.12
C ALA D 400 -38.04 18.33 -16.56
N ALA D 401 -38.23 17.45 -15.59
CA ALA D 401 -39.52 17.37 -14.91
C ALA D 401 -39.58 18.23 -13.66
N ARG D 402 -38.44 18.72 -13.16
CA ARG D 402 -38.38 19.45 -11.89
C ARG D 402 -39.13 20.79 -11.92
N PRO D 403 -39.06 21.59 -12.99
CA PRO D 403 -39.90 22.81 -13.04
C PRO D 403 -41.39 22.54 -13.20
N PHE D 404 -41.80 21.29 -13.44
CA PHE D 404 -43.20 20.94 -13.55
C PHE D 404 -43.64 19.90 -12.52
N GLU D 405 -42.74 19.41 -11.66
CA GLU D 405 -43.08 18.30 -10.77
C GLU D 405 -44.12 18.68 -9.74
N ALA D 406 -43.93 19.81 -9.05
CA ALA D 406 -44.81 20.18 -7.95
C ALA D 406 -46.12 20.82 -8.41
N GLU D 407 -46.14 21.47 -9.58
CA GLU D 407 -47.34 22.16 -10.03
C GLU D 407 -48.43 21.18 -10.44
N TYR D 408 -48.04 20.05 -11.05
CA TYR D 408 -48.96 18.96 -11.39
C TYR D 408 -48.39 17.67 -10.79
N PRO D 409 -48.70 17.38 -9.54
CA PRO D 409 -48.24 16.12 -8.94
C PRO D 409 -49.07 14.90 -9.33
N ASP D 410 -50.13 15.08 -10.11
CA ASP D 410 -51.01 13.98 -10.51
C ASP D 410 -50.67 13.39 -11.86
N ALA D 411 -49.75 14.00 -12.61
CA ALA D 411 -49.30 13.47 -13.89
C ALA D 411 -47.84 13.06 -13.90
N PHE D 412 -47.09 13.32 -12.81
CA PHE D 412 -45.72 12.84 -12.65
C PHE D 412 -45.70 11.76 -11.57
N PRO D 413 -46.00 10.51 -11.92
CA PRO D 413 -46.04 9.45 -10.91
C PRO D 413 -44.68 9.17 -10.25
N VAL D 414 -43.58 9.54 -10.90
CA VAL D 414 -42.24 9.44 -10.33
C VAL D 414 -41.73 10.86 -10.11
N LYS D 415 -41.44 11.21 -8.85
CA LYS D 415 -41.03 12.58 -8.50
C LYS D 415 -39.94 12.55 -7.43
N GLY D 416 -39.26 13.70 -7.30
CA GLY D 416 -38.20 13.88 -6.32
C GLY D 416 -37.08 12.87 -6.29
N ASP D 417 -36.97 12.17 -5.16
CA ASP D 417 -35.94 11.16 -4.98
C ASP D 417 -36.26 9.85 -5.69
N MET D 418 -37.47 9.69 -6.24
CA MET D 418 -37.80 8.44 -6.90
C MET D 418 -36.98 8.22 -8.17
N TRP D 419 -36.56 9.30 -8.83
CA TRP D 419 -35.68 9.16 -10.00
C TRP D 419 -34.41 8.40 -9.65
N LEU D 420 -33.82 8.66 -8.48
CA LEU D 420 -32.57 8.03 -8.13
C LEU D 420 -32.76 6.59 -7.64
N LYS D 421 -33.94 6.27 -7.11
CA LYS D 421 -34.22 4.91 -6.67
C LYS D 421 -34.36 3.94 -7.84
N ILE D 422 -34.82 4.43 -9.00
CA ILE D 422 -34.99 3.54 -10.14
C ILE D 422 -33.65 3.29 -10.83
N ALA D 423 -32.78 4.30 -10.89
CA ALA D 423 -31.45 4.11 -11.48
C ALA D 423 -30.61 3.16 -10.64
N ARG D 424 -30.73 3.20 -9.32
CA ARG D 424 -30.15 2.17 -8.49
C ARG D 424 -30.76 0.81 -8.81
N MET D 425 -32.08 0.76 -8.98
CA MET D 425 -32.77 -0.50 -9.26
C MET D 425 -32.26 -1.12 -10.55
N ALA D 426 -31.87 -0.28 -11.51
CA ALA D 426 -31.34 -0.81 -12.77
C ALA D 426 -30.00 -1.50 -12.57
N LEU D 427 -29.12 -0.91 -11.77
CA LEU D 427 -27.79 -1.47 -11.59
C LEU D 427 -27.82 -2.76 -10.76
N ASP D 428 -28.68 -2.81 -9.75
CA ASP D 428 -28.72 -3.98 -8.87
C ASP D 428 -29.26 -5.21 -9.61
N THR D 429 -30.47 -5.09 -10.16
CA THR D 429 -31.10 -6.23 -10.84
C THR D 429 -30.41 -6.61 -12.15
N THR D 430 -29.42 -5.84 -12.61
CA THR D 430 -28.69 -6.16 -13.83
C THR D 430 -27.20 -6.35 -13.62
N LYS D 431 -26.66 -6.01 -12.46
CA LYS D 431 -25.33 -6.48 -12.10
C LYS D 431 -25.38 -7.97 -11.84
N ASP D 432 -24.24 -8.63 -12.03
CA ASP D 432 -24.07 -10.06 -11.77
C ASP D 432 -25.05 -10.92 -12.56
N TRP D 433 -25.49 -10.44 -13.73
CA TRP D 433 -26.36 -11.22 -14.61
C TRP D 433 -25.84 -11.18 -16.04
N PRO D 434 -25.93 -12.30 -16.76
CA PRO D 434 -25.63 -12.27 -18.19
C PRO D 434 -26.65 -11.42 -18.93
N THR D 435 -26.27 -11.01 -20.15
CA THR D 435 -27.12 -10.11 -20.91
C THR D 435 -28.49 -10.72 -21.20
N ASP D 436 -28.58 -12.05 -21.30
CA ASP D 436 -29.86 -12.70 -21.53
C ASP D 436 -30.76 -12.62 -20.31
N GLN D 437 -30.18 -12.60 -19.12
CA GLN D 437 -30.93 -12.69 -17.87
C GLN D 437 -30.89 -11.39 -17.07
N LYS D 438 -30.47 -10.28 -17.69
CA LYS D 438 -30.48 -8.99 -17.01
C LYS D 438 -31.90 -8.52 -16.72
N PHE D 439 -32.74 -8.48 -17.75
CA PHE D 439 -34.13 -8.09 -17.62
C PHE D 439 -35.04 -9.29 -17.85
N VAL D 440 -36.33 -9.08 -17.58
CA VAL D 440 -37.35 -10.06 -17.94
C VAL D 440 -38.02 -9.58 -19.22
N MET D 441 -38.43 -10.52 -20.06
CA MET D 441 -39.20 -10.22 -21.25
C MET D 441 -40.66 -10.50 -20.95
N PHE D 442 -41.49 -9.46 -21.04
CA PHE D 442 -42.91 -9.50 -20.67
C PHE D 442 -43.09 -9.82 -19.20
N THR D 443 -43.25 -8.78 -18.37
CA THR D 443 -43.48 -8.96 -16.93
C THR D 443 -44.96 -9.07 -16.58
N GLY D 444 -45.85 -8.55 -17.43
CA GLY D 444 -47.28 -8.70 -17.19
C GLY D 444 -47.82 -10.09 -17.44
N PHE D 445 -47.06 -10.93 -18.13
CA PHE D 445 -47.44 -12.32 -18.35
C PHE D 445 -46.82 -13.19 -17.25
N ASP D 446 -47.65 -14.04 -16.63
CA ASP D 446 -47.15 -14.90 -15.56
C ASP D 446 -46.22 -15.97 -16.10
N MET D 447 -46.37 -16.33 -17.38
CA MET D 447 -45.46 -17.28 -18.01
C MET D 447 -44.02 -16.80 -17.91
N GLY D 448 -43.79 -15.50 -18.11
CA GLY D 448 -42.44 -14.96 -18.16
C GLY D 448 -41.64 -15.18 -16.89
N TRP D 449 -42.32 -15.31 -15.75
CA TRP D 449 -41.68 -15.51 -14.46
C TRP D 449 -41.58 -16.98 -14.06
N LYS D 450 -42.32 -17.86 -14.73
CA LYS D 450 -42.33 -19.28 -14.35
C LYS D 450 -41.16 -20.03 -14.96
N ILE D 451 -40.96 -19.91 -16.28
CA ILE D 451 -39.98 -20.75 -16.95
C ILE D 451 -38.55 -20.30 -16.68
N ARG D 452 -38.35 -19.08 -16.19
CA ARG D 452 -37.02 -18.60 -15.88
C ARG D 452 -36.62 -19.03 -14.47
N PRO D 453 -35.58 -19.86 -14.31
CA PRO D 453 -35.21 -20.30 -12.95
C PRO D 453 -34.61 -19.19 -12.10
N ASP D 454 -33.88 -18.25 -12.72
CA ASP D 454 -33.23 -17.18 -11.96
C ASP D 454 -34.23 -16.24 -11.29
N LEU D 455 -35.47 -16.19 -11.79
CA LEU D 455 -36.51 -15.34 -11.19
C LEU D 455 -37.05 -16.03 -9.94
N ALA D 456 -36.77 -15.45 -8.78
CA ALA D 456 -37.22 -16.01 -7.51
C ALA D 456 -37.32 -14.91 -6.45
N VAL E 11 46.80 35.39 -56.14
CA VAL E 11 46.10 35.97 -55.01
C VAL E 11 44.96 36.87 -55.46
N THR E 12 43.72 36.42 -55.27
CA THR E 12 42.53 37.17 -55.60
C THR E 12 41.64 37.28 -54.37
N LEU E 13 40.80 38.33 -54.36
CA LEU E 13 39.91 38.56 -53.22
C LEU E 13 38.93 37.41 -53.03
N ASN E 14 38.49 36.79 -54.12
CA ASN E 14 37.63 35.62 -54.01
C ASN E 14 38.37 34.44 -53.39
N SER E 15 39.63 34.24 -53.78
CA SER E 15 40.45 33.20 -53.18
C SER E 15 40.90 33.54 -51.76
N GLN E 16 40.53 34.69 -51.21
CA GLN E 16 40.90 35.07 -49.85
C GLN E 16 39.69 34.87 -48.94
N ILE E 17 39.75 33.86 -48.08
CA ILE E 17 38.63 33.57 -47.18
C ILE E 17 38.58 34.65 -46.11
N GLY E 18 37.65 35.59 -46.26
CA GLY E 18 37.53 36.68 -45.32
C GLY E 18 36.16 36.76 -44.65
N LEU E 19 36.08 36.34 -43.39
CA LEU E 19 34.82 36.35 -42.67
C LEU E 19 34.47 37.76 -42.21
N SER E 20 33.17 38.05 -42.16
CA SER E 20 32.67 39.35 -41.73
C SER E 20 31.53 39.16 -40.73
N ASP E 21 31.30 40.20 -39.93
CA ASP E 21 30.28 40.22 -38.88
C ASP E 21 28.91 40.66 -39.39
N GLU E 22 28.47 40.14 -40.54
CA GLU E 22 27.20 40.57 -41.12
C GLU E 22 26.31 39.37 -41.45
N HIS E 23 26.85 38.40 -42.19
CA HIS E 23 26.16 37.13 -42.47
C HIS E 23 27.04 36.01 -41.92
N VAL E 24 26.86 35.71 -40.64
CA VAL E 24 27.66 34.69 -39.98
C VAL E 24 26.75 33.65 -39.34
N GLY E 25 26.30 32.68 -40.14
CA GLY E 25 25.47 31.62 -39.62
C GLY E 25 24.01 31.74 -40.03
N LEU E 26 23.44 30.65 -40.54
CA LEU E 26 22.03 30.63 -40.90
C LEU E 26 21.15 30.75 -39.66
N LEU E 27 21.51 30.03 -38.59
CA LEU E 27 20.76 30.06 -37.34
C LEU E 27 20.84 31.43 -36.66
N GLY E 28 22.03 31.79 -36.18
CA GLY E 28 22.20 33.07 -35.50
C GLY E 28 21.80 33.07 -34.05
N ASP E 29 21.62 31.91 -33.44
CA ASP E 29 21.23 31.79 -32.04
C ASP E 29 22.42 31.58 -31.12
N ALA E 30 23.60 32.10 -31.47
CA ALA E 30 24.79 31.95 -30.65
C ALA E 30 25.73 33.10 -30.93
N VAL E 31 26.22 33.74 -29.85
CA VAL E 31 27.20 34.81 -29.96
C VAL E 31 28.56 34.20 -30.24
N VAL E 32 29.33 34.84 -31.11
CA VAL E 32 30.63 34.34 -31.54
C VAL E 32 31.70 35.26 -30.98
N ASP E 33 32.64 34.69 -30.22
CA ASP E 33 33.79 35.44 -29.75
C ASP E 33 34.56 35.98 -30.94
N ARG E 34 34.74 37.31 -30.98
CA ARG E 34 35.29 37.96 -32.17
C ARG E 34 36.72 37.53 -32.47
N ALA E 35 37.44 37.00 -31.47
CA ALA E 35 38.79 36.49 -31.73
C ALA E 35 38.77 35.21 -32.56
N SER E 36 37.62 34.56 -32.70
CA SER E 36 37.55 33.34 -33.49
C SER E 36 37.46 33.65 -34.99
N ILE E 37 36.79 34.74 -35.35
CA ILE E 37 36.67 35.11 -36.76
C ILE E 37 38.04 35.34 -37.37
N GLN E 38 38.92 36.03 -36.64
CA GLN E 38 40.28 36.21 -37.14
C GLN E 38 41.09 34.94 -37.04
N GLU E 39 40.78 34.08 -36.05
CA GLU E 39 41.49 32.81 -35.91
C GLU E 39 40.99 31.77 -36.90
N ALA E 40 39.71 31.83 -37.28
CA ALA E 40 39.20 30.89 -38.27
C ALA E 40 39.70 31.22 -39.67
N ASN E 41 39.73 32.52 -40.02
CA ASN E 41 40.28 32.95 -41.30
C ASN E 41 41.71 32.45 -41.50
N ARG E 42 42.48 32.38 -40.42
CA ARG E 42 43.87 31.96 -40.53
C ARG E 42 43.96 30.47 -40.87
N LEU E 43 43.13 29.64 -40.24
CA LEU E 43 43.19 28.21 -40.48
C LEU E 43 42.44 27.81 -41.75
N LEU E 44 41.38 28.54 -42.09
CA LEU E 44 40.68 28.27 -43.35
C LEU E 44 41.61 28.50 -44.54
N GLN E 45 42.47 29.52 -44.47
CA GLN E 45 43.43 29.75 -45.53
C GLN E 45 44.45 28.62 -45.63
N LYS E 46 44.84 28.05 -44.50
CA LYS E 46 45.68 26.86 -44.51
C LYS E 46 44.99 25.71 -45.24
N ASN E 47 43.78 25.36 -44.78
CA ASN E 47 43.01 24.31 -45.41
C ASN E 47 42.68 24.62 -46.87
N HIS E 48 42.78 25.89 -47.27
CA HIS E 48 42.41 26.28 -48.62
C HIS E 48 43.55 26.11 -49.60
N GLU E 49 44.81 26.17 -49.15
CA GLU E 49 45.93 26.10 -50.07
C GLU E 49 47.04 25.14 -49.66
N GLU E 50 46.83 24.29 -48.66
CA GLU E 50 47.85 23.35 -48.20
C GLU E 50 47.40 21.90 -48.19
N TRP E 51 46.10 21.61 -48.05
CA TRP E 51 45.65 20.24 -47.84
C TRP E 51 44.70 19.80 -48.95
N HIS E 52 44.70 18.49 -49.20
CA HIS E 52 43.85 17.90 -50.22
C HIS E 52 42.42 17.80 -49.72
N MET E 53 41.46 18.21 -50.56
CA MET E 53 40.06 18.05 -50.23
C MET E 53 39.74 16.58 -49.98
N PHE E 54 40.28 15.69 -50.83
CA PHE E 54 40.13 14.25 -50.67
C PHE E 54 41.43 13.71 -50.09
N PHE E 55 41.42 13.32 -48.82
CA PHE E 55 42.60 12.68 -48.28
C PHE E 55 42.70 11.22 -48.70
N ARG E 56 41.58 10.62 -49.10
CA ARG E 56 41.59 9.35 -49.80
C ARG E 56 40.64 9.46 -51.01
N ASP E 57 40.80 8.52 -51.94
CA ASP E 57 39.96 8.51 -53.14
C ASP E 57 38.49 8.28 -52.77
N ARG E 58 38.22 7.20 -52.04
CA ARG E 58 36.87 6.85 -51.62
C ARG E 58 36.66 7.26 -50.17
N ALA E 59 35.54 7.94 -49.90
CA ALA E 59 35.19 8.43 -48.57
C ALA E 59 36.28 9.32 -47.99
N GLY E 60 36.95 10.09 -48.85
CA GLY E 60 37.97 11.00 -48.39
C GLY E 60 37.50 12.44 -48.47
N HIS E 61 37.29 13.08 -47.33
CA HIS E 61 36.74 14.42 -47.32
C HIS E 61 37.48 15.28 -46.30
N ASN E 62 37.65 16.56 -46.64
CA ASN E 62 38.38 17.51 -45.81
C ASN E 62 37.38 18.21 -44.89
N HIS E 63 37.01 17.52 -43.80
CA HIS E 63 36.06 18.06 -42.85
C HIS E 63 36.63 19.19 -41.99
N ILE E 64 37.88 19.62 -42.24
CA ILE E 64 38.47 20.69 -41.46
C ILE E 64 37.67 21.98 -41.62
N ALA E 65 37.30 22.31 -42.86
CA ALA E 65 36.55 23.54 -43.11
C ALA E 65 35.13 23.44 -42.58
N HIS E 66 34.51 22.27 -42.68
CA HIS E 66 33.17 22.10 -42.11
C HIS E 66 33.20 22.24 -40.60
N SER E 67 34.23 21.68 -39.95
CA SER E 67 34.29 21.70 -38.48
C SER E 67 34.58 23.10 -37.97
N ILE E 68 35.46 23.83 -38.64
CA ILE E 68 35.81 25.19 -38.20
C ILE E 68 34.60 26.11 -38.32
N LEU E 69 33.78 25.93 -39.36
CA LEU E 69 32.67 26.84 -39.61
C LEU E 69 31.50 26.57 -38.67
N THR E 70 31.05 25.31 -38.58
CA THR E 70 29.86 25.01 -37.78
C THR E 70 30.11 25.28 -36.30
N CYS E 71 31.31 24.93 -35.80
CA CYS E 71 31.64 25.24 -34.41
C CYS E 71 31.59 26.74 -34.16
N LEU E 72 32.08 27.54 -35.10
CA LEU E 72 32.04 29.00 -34.96
C LEU E 72 30.61 29.50 -34.83
N ALA E 73 29.69 28.92 -35.60
CA ALA E 73 28.29 29.33 -35.54
C ALA E 73 27.60 28.90 -34.25
N LEU E 74 28.16 27.96 -33.51
CA LEU E 74 27.58 27.51 -32.24
C LEU E 74 28.10 28.29 -31.04
N GLY E 75 28.90 29.33 -31.26
CA GLY E 75 29.48 30.10 -30.17
C GLY E 75 30.82 29.56 -29.71
N ALA E 76 31.74 29.31 -30.64
CA ALA E 76 33.03 28.74 -30.28
C ALA E 76 33.99 29.82 -29.77
N GLY E 77 34.95 29.37 -28.96
CA GLY E 77 36.00 30.23 -28.46
C GLY E 77 37.21 30.19 -29.37
N PRO E 78 38.26 30.93 -29.03
CA PRO E 78 39.46 30.93 -29.88
C PRO E 78 40.17 29.59 -29.86
N ALA E 79 40.22 28.92 -28.71
CA ALA E 79 40.87 27.63 -28.62
C ALA E 79 40.00 26.50 -29.17
N ASP E 80 38.68 26.67 -29.18
CA ASP E 80 37.79 25.66 -29.75
C ASP E 80 37.85 25.65 -31.28
N ILE E 81 38.22 26.77 -31.90
CA ILE E 81 38.36 26.81 -33.35
C ILE E 81 39.60 26.02 -33.78
N GLN E 82 40.75 26.30 -33.17
CA GLN E 82 41.97 25.54 -33.47
C GLN E 82 41.81 24.07 -33.13
N ARG E 83 40.89 23.72 -32.22
CA ARG E 83 40.61 22.32 -31.92
C ARG E 83 40.22 21.57 -33.19
N ALA E 84 39.40 22.18 -34.04
CA ALA E 84 38.94 21.51 -35.24
C ALA E 84 40.09 21.32 -36.24
N TYR E 85 40.94 22.33 -36.39
CA TYR E 85 42.05 22.22 -37.33
C TYR E 85 43.03 21.14 -36.92
N ASP E 86 43.37 21.07 -35.63
CA ASP E 86 44.31 20.07 -35.15
C ASP E 86 43.72 18.67 -35.18
N ASP E 87 42.41 18.53 -34.96
CA ASP E 87 41.80 17.21 -34.98
C ASP E 87 41.69 16.67 -36.40
N GLY E 88 41.50 17.56 -37.38
CA GLY E 88 41.28 17.13 -38.75
C GLY E 88 42.50 17.15 -39.65
N VAL E 89 43.59 17.75 -39.18
CA VAL E 89 44.79 17.85 -40.01
C VAL E 89 45.68 16.61 -39.90
N GLY E 90 45.48 15.78 -38.88
CA GLY E 90 46.28 14.57 -38.74
C GLY E 90 46.05 13.56 -39.83
N ILE E 91 44.87 13.58 -40.47
CA ILE E 91 44.58 12.66 -41.57
C ILE E 91 44.69 13.33 -42.92
N GLN E 92 44.90 14.65 -42.98
CA GLN E 92 44.91 15.35 -44.24
C GLN E 92 46.22 15.13 -44.99
N ARG E 93 46.11 14.96 -46.31
CA ARG E 93 47.26 14.80 -47.18
C ARG E 93 47.44 16.05 -48.04
N PRO E 94 48.64 16.28 -48.57
CA PRO E 94 48.92 17.53 -49.29
C PRO E 94 48.06 17.70 -50.53
N ILE E 95 47.95 18.94 -50.96
CA ILE E 95 47.15 19.30 -52.14
C ILE E 95 47.98 19.05 -53.40
N PRO E 96 47.41 18.48 -54.46
CA PRO E 96 48.19 18.24 -55.67
C PRO E 96 48.54 19.54 -56.38
N ALA E 97 49.44 19.42 -57.35
CA ALA E 97 49.84 20.55 -58.16
C ALA E 97 48.76 20.86 -59.20
N VAL E 98 48.83 22.07 -59.75
CA VAL E 98 47.88 22.55 -60.75
C VAL E 98 48.50 22.37 -62.13
N ASP E 99 47.83 21.60 -62.97
CA ASP E 99 48.22 21.46 -64.37
C ASP E 99 47.66 22.66 -65.13
N GLY E 100 48.53 23.63 -65.46
CA GLY E 100 48.09 24.81 -66.16
C GLY E 100 47.45 24.50 -67.50
N ALA E 101 47.92 23.45 -68.18
CA ALA E 101 47.29 23.04 -69.43
C ALA E 101 45.85 22.58 -69.21
N THR E 102 45.56 22.00 -68.04
CA THR E 102 44.19 21.66 -67.71
C THR E 102 43.35 22.90 -67.49
N VAL E 103 43.91 23.91 -66.82
CA VAL E 103 43.14 25.10 -66.44
C VAL E 103 42.67 25.88 -67.67
N GLU E 104 43.51 25.96 -68.71
CA GLU E 104 43.12 26.73 -69.88
C GLU E 104 42.19 25.94 -70.80
N ARG E 105 42.39 24.63 -70.91
CA ARG E 105 41.52 23.82 -71.75
C ARG E 105 40.14 23.60 -71.14
N LEU E 106 39.95 23.94 -69.86
CA LEU E 106 38.67 23.72 -69.21
C LEU E 106 37.56 24.63 -69.72
N THR E 107 37.90 25.74 -70.39
CA THR E 107 36.87 26.55 -71.03
C THR E 107 36.18 25.78 -72.15
N ASP E 108 36.91 24.91 -72.83
CA ASP E 108 36.34 24.02 -73.84
C ASP E 108 35.44 23.00 -73.18
N GLU E 109 34.18 22.95 -73.60
CA GLU E 109 33.21 22.08 -72.95
C GLU E 109 33.59 20.61 -73.07
N ALA E 110 34.20 20.22 -74.19
CA ALA E 110 34.58 18.83 -74.38
C ALA E 110 35.63 18.40 -73.38
N PHE E 111 36.63 19.25 -73.13
CA PHE E 111 37.67 18.93 -72.16
C PHE E 111 37.09 18.81 -70.76
N PHE E 112 36.18 19.73 -70.41
CA PHE E 112 35.57 19.73 -69.07
C PHE E 112 34.92 18.39 -68.76
N LEU E 113 34.24 17.79 -69.74
CA LEU E 113 33.51 16.55 -69.49
C LEU E 113 34.44 15.35 -69.38
N GLU E 114 35.59 15.38 -70.05
CA GLU E 114 36.49 14.23 -70.04
C GLU E 114 37.42 14.23 -68.83
N THR E 115 37.60 15.37 -68.17
CA THR E 115 38.46 15.43 -67.00
C THR E 115 37.72 15.11 -65.70
N LEU E 116 36.39 15.13 -65.73
CA LEU E 116 35.61 14.85 -64.53
C LEU E 116 35.91 13.44 -64.02
N GLY E 117 35.99 13.31 -62.70
CA GLY E 117 36.39 12.07 -62.08
C GLY E 117 37.86 11.94 -61.79
N ALA E 118 38.63 13.01 -61.97
CA ALA E 118 40.08 12.99 -61.73
C ALA E 118 40.33 13.54 -60.34
N ILE E 119 40.61 12.65 -59.38
CA ILE E 119 40.93 13.07 -58.03
C ILE E 119 42.20 13.91 -58.01
N THR E 120 43.18 13.57 -58.84
CA THR E 120 44.47 14.27 -58.96
C THR E 120 44.36 15.67 -59.62
N GLN E 121 43.17 16.18 -59.92
CA GLN E 121 43.01 17.45 -60.64
C GLN E 121 42.11 18.44 -59.90
N TYR E 122 41.86 18.21 -58.61
CA TYR E 122 41.04 19.15 -57.84
C TYR E 122 41.67 20.55 -57.81
N THR E 123 42.99 20.62 -57.68
CA THR E 123 43.65 21.92 -57.69
C THR E 123 43.49 22.62 -59.02
N SER E 124 43.45 21.85 -60.11
CA SER E 124 43.26 22.43 -61.44
C SER E 124 41.86 23.01 -61.59
N PHE E 125 40.84 22.21 -61.29
CA PHE E 125 39.47 22.72 -61.26
C PHE E 125 39.37 23.96 -60.37
N LEU E 126 39.91 23.85 -59.16
CA LEU E 126 39.89 24.94 -58.18
C LEU E 126 40.37 26.25 -58.81
N VAL E 127 41.54 26.21 -59.45
CA VAL E 127 42.09 27.43 -60.04
C VAL E 127 41.20 27.96 -61.15
N PHE E 128 40.66 27.07 -61.98
CA PHE E 128 39.80 27.50 -63.07
C PHE E 128 38.49 28.09 -62.55
N PHE E 129 37.84 27.39 -61.62
CA PHE E 129 36.61 27.91 -61.04
C PHE E 129 36.84 29.22 -60.30
N GLN E 130 38.04 29.39 -59.72
CA GLN E 130 38.38 30.65 -59.08
C GLN E 130 38.53 31.77 -60.12
N ARG E 131 39.24 31.49 -61.21
CA ARG E 131 39.48 32.51 -62.24
C ARG E 131 38.21 32.90 -62.97
N GLN E 132 37.18 32.05 -62.95
CA GLN E 132 35.90 32.40 -63.56
C GLN E 132 34.98 33.14 -62.61
N MET E 133 35.11 32.92 -61.29
CA MET E 133 34.39 33.74 -60.33
C MET E 133 34.93 35.16 -60.31
N ASP E 134 36.23 35.34 -60.56
CA ASP E 134 36.78 36.67 -60.68
C ASP E 134 36.15 37.43 -61.84
N ALA E 135 35.68 36.72 -62.85
CA ALA E 135 35.10 37.34 -64.04
C ALA E 135 33.64 37.70 -63.82
N HIS E 136 32.76 36.71 -63.84
CA HIS E 136 31.32 36.95 -63.84
C HIS E 136 30.69 36.99 -62.46
N GLY E 137 31.41 36.57 -61.42
CA GLY E 137 30.88 36.52 -60.07
C GLY E 137 30.51 35.11 -59.66
N TRP E 138 30.21 34.97 -58.36
CA TRP E 138 29.89 33.66 -57.83
C TRP E 138 28.45 33.25 -58.11
N GLN E 139 27.53 34.22 -58.21
CA GLN E 139 26.16 33.91 -58.59
C GLN E 139 26.08 33.35 -60.01
N ALA E 140 26.89 33.92 -60.91
CA ALA E 140 26.82 33.52 -62.32
C ALA E 140 27.44 32.16 -62.55
N VAL E 141 28.57 31.89 -61.88
CA VAL E 141 29.26 30.61 -62.09
C VAL E 141 28.35 29.44 -61.72
N VAL E 142 27.63 29.56 -60.61
CA VAL E 142 26.78 28.46 -60.16
C VAL E 142 25.57 28.33 -61.09
N ASN E 143 24.83 29.43 -61.31
CA ASN E 143 23.67 29.39 -62.21
C ASN E 143 24.03 29.07 -63.66
N LYS E 144 25.26 28.71 -64.01
CA LYS E 144 25.58 28.21 -65.34
C LYS E 144 26.32 26.88 -65.34
N TYR E 145 26.93 26.48 -64.23
CA TYR E 145 27.52 25.16 -64.09
C TYR E 145 26.70 24.25 -63.20
N VAL E 146 25.55 24.72 -62.72
CA VAL E 146 24.68 23.94 -61.85
C VAL E 146 23.24 24.05 -62.32
N PHE E 147 22.68 25.25 -62.29
CA PHE E 147 21.29 25.50 -62.64
C PHE E 147 21.21 26.21 -63.99
N SER E 148 21.63 25.50 -65.04
CA SER E 148 21.52 26.00 -66.41
C SER E 148 20.95 24.97 -67.36
N ARG E 149 20.75 23.72 -66.93
CA ARG E 149 20.12 22.67 -67.72
C ARG E 149 20.92 22.30 -68.97
N ASN E 150 22.24 22.43 -68.91
CA ASN E 150 23.08 21.96 -70.00
C ASN E 150 23.82 20.70 -69.56
N ALA E 151 24.68 20.19 -70.46
CA ALA E 151 25.28 18.87 -70.25
C ALA E 151 26.25 18.85 -69.09
N ILE E 152 26.93 19.96 -68.81
CA ILE E 152 27.82 20.03 -67.66
C ILE E 152 27.03 20.17 -66.36
N ALA E 153 26.06 21.08 -66.34
CA ALA E 153 25.28 21.33 -65.12
C ALA E 153 24.57 20.06 -64.66
N GLU E 154 23.76 19.47 -65.54
CA GLU E 154 23.04 18.24 -65.21
C GLU E 154 23.95 17.08 -64.87
N LYS E 155 25.25 17.19 -65.18
CA LYS E 155 26.25 16.27 -64.68
C LYS E 155 26.92 16.75 -63.40
N MET E 156 27.02 18.07 -63.22
CA MET E 156 27.56 18.60 -61.97
C MET E 156 26.49 18.69 -60.89
N LEU E 157 25.26 19.05 -61.27
CA LEU E 157 24.16 19.06 -60.31
C LEU E 157 23.94 17.68 -59.71
N ALA E 158 24.11 16.63 -60.50
CA ALA E 158 24.08 15.28 -59.94
C ALA E 158 25.35 14.95 -59.16
N ARG E 159 26.41 15.72 -59.36
CA ARG E 159 27.66 15.48 -58.63
C ARG E 159 27.75 16.24 -57.32
N LEU E 160 26.93 17.28 -57.13
CA LEU E 160 26.86 17.92 -55.81
C LEU E 160 26.26 16.98 -54.78
N TYR E 161 25.45 16.03 -55.22
CA TYR E 161 24.81 15.05 -54.36
C TYR E 161 25.66 13.81 -54.11
N GLU E 162 26.85 13.74 -54.69
CA GLU E 162 27.69 12.57 -54.52
C GLU E 162 28.34 12.58 -53.13
N GLY E 163 28.73 11.40 -52.68
CA GLY E 163 29.47 11.24 -51.44
C GLY E 163 28.75 11.73 -50.20
N ALA E 164 27.48 11.35 -50.05
CA ALA E 164 26.69 11.66 -48.85
C ALA E 164 26.61 13.17 -48.63
N TYR E 165 26.29 13.89 -49.70
CA TYR E 165 25.96 15.31 -49.62
C TYR E 165 27.15 16.13 -49.12
N HIS E 166 28.37 15.67 -49.37
CA HIS E 166 29.52 16.42 -48.85
C HIS E 166 29.80 17.68 -49.66
N PRO E 167 29.82 17.65 -51.01
CA PRO E 167 30.08 18.90 -51.73
C PRO E 167 28.97 19.92 -51.59
N VAL E 168 27.70 19.50 -51.50
CA VAL E 168 26.62 20.45 -51.30
C VAL E 168 26.66 21.06 -49.89
N ILE E 169 27.28 20.37 -48.93
CA ILE E 169 27.54 20.98 -47.63
C ILE E 169 28.62 22.05 -47.76
N HIS E 170 29.67 21.75 -48.51
CA HIS E 170 30.71 22.75 -48.78
C HIS E 170 30.13 23.97 -49.49
N LEU E 171 29.24 23.73 -50.46
CA LEU E 171 28.60 24.83 -51.17
C LEU E 171 27.70 25.64 -50.24
N GLY E 172 26.84 24.96 -49.49
CA GLY E 172 25.94 25.66 -48.58
C GLY E 172 26.68 26.48 -47.55
N LEU E 173 27.84 26.01 -47.11
CA LEU E 173 28.66 26.78 -46.17
C LEU E 173 29.23 28.01 -46.84
N GLY E 174 29.67 27.88 -48.10
CA GLY E 174 30.17 29.04 -48.82
C GLY E 174 29.08 30.05 -49.10
N ILE E 175 27.86 29.57 -49.33
CA ILE E 175 26.73 30.48 -49.52
C ILE E 175 26.24 31.03 -48.19
N GLU E 176 26.32 30.23 -47.13
CA GLU E 176 25.86 30.70 -45.83
C GLU E 176 26.72 31.84 -45.29
N PHE E 177 28.04 31.74 -45.47
CA PHE E 177 28.96 32.77 -45.01
C PHE E 177 29.43 33.71 -46.11
N GLN E 178 28.95 33.53 -47.35
CA GLN E 178 29.32 34.36 -48.50
C GLN E 178 30.84 34.44 -48.65
N GLN E 179 31.45 33.27 -48.82
CA GLN E 179 32.88 33.15 -49.08
C GLN E 179 33.08 32.49 -50.44
N PRO E 180 33.31 33.26 -51.50
CA PRO E 180 33.39 32.66 -52.84
C PRO E 180 34.47 31.58 -52.98
N SER E 181 35.53 31.63 -52.18
CA SER E 181 36.56 30.60 -52.24
C SER E 181 36.01 29.23 -51.89
N LEU E 182 35.16 29.17 -50.85
CA LEU E 182 34.55 27.90 -50.46
C LEU E 182 33.62 27.38 -51.55
N ILE E 183 32.84 28.29 -52.15
CA ILE E 183 31.97 27.90 -53.26
C ILE E 183 32.79 27.31 -54.40
N ALA E 184 33.99 27.87 -54.60
CA ALA E 184 34.88 27.31 -55.61
C ALA E 184 35.38 25.93 -55.22
N GLU E 185 35.69 25.73 -53.94
CA GLU E 185 36.14 24.41 -53.49
C GLU E 185 35.06 23.37 -53.75
N ALA E 186 33.80 23.72 -53.47
CA ALA E 186 32.71 22.76 -53.65
C ALA E 186 32.56 22.39 -55.11
N LEU E 187 32.58 23.38 -56.01
CA LEU E 187 32.41 23.10 -57.44
C LEU E 187 33.54 22.22 -57.97
N ALA E 188 34.76 22.41 -57.47
CA ALA E 188 35.87 21.55 -57.85
C ALA E 188 35.79 20.18 -57.19
N GLN E 189 35.24 20.12 -55.97
CA GLN E 189 35.08 18.85 -55.27
C GLN E 189 34.11 17.94 -56.02
N ALA E 190 32.96 18.47 -56.42
CA ALA E 190 32.01 17.67 -57.19
C ALA E 190 32.50 17.42 -58.60
N ALA E 191 33.38 18.29 -59.13
CA ALA E 191 33.98 18.08 -60.44
C ALA E 191 35.09 17.03 -60.42
N ALA E 192 35.68 16.75 -59.26
CA ALA E 192 36.72 15.74 -59.14
C ALA E 192 36.24 14.52 -58.38
N HIS E 193 34.93 14.41 -58.16
CA HIS E 193 34.37 13.29 -57.41
C HIS E 193 34.23 12.08 -58.32
N ASP E 194 34.40 10.89 -57.72
CA ASP E 194 34.17 9.67 -58.46
C ASP E 194 32.67 9.41 -58.61
N ASP E 195 32.30 8.71 -59.68
CA ASP E 195 30.90 8.55 -60.02
C ASP E 195 30.29 7.39 -59.24
N SER E 196 29.15 7.65 -58.59
CA SER E 196 28.38 6.63 -57.90
C SER E 196 27.17 6.16 -58.71
N HIS E 197 27.10 6.54 -59.98
CA HIS E 197 26.00 6.20 -60.88
C HIS E 197 24.66 6.74 -60.42
N ILE E 198 24.64 7.61 -59.40
CA ILE E 198 23.39 8.16 -58.89
C ILE E 198 22.74 9.12 -59.87
N SER E 199 23.48 9.58 -60.89
CA SER E 199 22.85 10.38 -61.94
C SER E 199 21.78 9.59 -62.67
N ARG E 200 21.97 8.27 -62.80
CA ARG E 200 20.99 7.43 -63.47
C ARG E 200 19.72 7.25 -62.66
N LEU E 201 19.77 7.51 -61.36
CA LEU E 201 18.57 7.48 -60.52
C LEU E 201 17.85 8.81 -60.49
N PHE E 202 18.58 9.93 -60.49
CA PHE E 202 17.95 11.25 -60.55
C PHE E 202 17.12 11.39 -61.82
N GLU E 203 17.66 10.93 -62.96
CA GLU E 203 16.96 11.08 -64.23
C GLU E 203 15.72 10.19 -64.30
N ALA E 204 15.83 8.94 -63.84
CA ALA E 204 14.69 8.03 -63.92
C ALA E 204 13.57 8.43 -62.98
N CYS E 205 13.89 9.02 -61.82
CA CYS E 205 12.84 9.52 -60.94
C CYS E 205 12.09 10.68 -61.61
N GLU E 206 12.84 11.65 -62.13
CA GLU E 206 12.22 12.72 -62.90
C GLU E 206 11.56 12.20 -64.16
N ALA E 207 12.03 11.05 -64.69
CA ALA E 207 11.48 10.55 -65.93
C ALA E 207 10.03 10.10 -65.77
N GLN E 208 9.76 9.27 -64.77
CA GLN E 208 8.39 8.78 -64.54
C GLN E 208 7.57 9.73 -63.68
N ALA E 209 8.14 10.84 -63.23
CA ALA E 209 7.35 11.90 -62.62
C ALA E 209 6.57 12.70 -63.65
N ALA E 210 6.95 12.60 -64.92
CA ALA E 210 6.25 13.30 -65.98
C ALA E 210 5.02 12.53 -66.45
N ILE E 211 5.23 11.30 -66.93
CA ILE E 211 4.13 10.49 -67.45
C ILE E 211 3.11 10.18 -66.36
N ALA E 212 3.59 9.63 -65.24
CA ALA E 212 2.67 9.30 -64.16
C ALA E 212 2.08 10.57 -63.59
N TYR E 213 0.75 10.71 -63.68
CA TYR E 213 0.03 11.87 -63.18
C TYR E 213 -1.41 11.48 -62.93
N PRO E 214 -2.08 12.16 -62.00
CA PRO E 214 -1.55 13.24 -61.15
C PRO E 214 -1.60 12.92 -59.66
N PRO E 215 -0.46 13.02 -58.97
CA PRO E 215 -0.51 12.94 -57.49
C PRO E 215 -1.36 14.05 -56.91
N ALA E 216 -2.66 13.78 -56.74
CA ALA E 216 -3.58 14.80 -56.28
C ALA E 216 -3.22 15.29 -54.89
N HIS E 217 -3.12 14.35 -53.94
CA HIS E 217 -2.78 14.67 -52.55
C HIS E 217 -1.39 14.12 -52.26
N PRO E 218 -0.35 14.96 -52.26
CA PRO E 218 1.02 14.45 -52.21
C PRO E 218 1.27 13.57 -50.99
N LYS E 219 1.92 12.44 -51.22
CA LYS E 219 2.22 11.50 -50.13
C LYS E 219 3.34 12.04 -49.25
N PRO E 220 3.31 11.75 -47.96
CA PRO E 220 4.40 12.18 -47.09
C PRO E 220 5.65 11.33 -47.33
N LEU E 221 6.80 11.86 -46.89
CA LEU E 221 8.06 11.17 -47.15
C LEU E 221 8.28 9.99 -46.21
N VAL E 222 7.73 10.05 -45.00
CA VAL E 222 7.83 8.92 -44.09
C VAL E 222 6.96 7.76 -44.57
N GLN E 223 5.90 8.05 -45.33
CA GLN E 223 5.12 6.99 -45.95
C GLN E 223 5.94 6.24 -47.00
N LEU E 224 6.67 6.98 -47.83
CA LEU E 224 7.51 6.34 -48.85
C LEU E 224 8.63 5.54 -48.22
N LEU E 225 9.05 5.92 -47.00
CA LEU E 225 9.99 5.10 -46.25
C LEU E 225 9.41 3.71 -46.00
N ARG E 226 8.17 3.65 -45.52
CA ARG E 226 7.57 2.37 -45.17
C ARG E 226 7.34 1.51 -46.40
N GLU E 227 6.90 2.11 -47.50
CA GLU E 227 6.72 1.35 -48.74
C GLU E 227 8.04 0.93 -49.36
N ALA E 228 9.15 1.57 -48.98
CA ALA E 228 10.45 1.13 -49.48
C ALA E 228 11.02 -0.02 -48.67
N ARG E 229 10.63 -0.14 -47.40
CA ARG E 229 11.06 -1.28 -46.59
C ARG E 229 10.20 -2.52 -46.85
N ALA E 230 8.91 -2.33 -47.14
CA ALA E 230 8.05 -3.45 -47.48
C ALA E 230 8.47 -4.11 -48.79
N THR E 231 8.94 -3.31 -49.76
CA THR E 231 9.34 -3.84 -51.07
C THR E 231 10.63 -4.65 -50.92
N GLU E 232 10.49 -5.98 -50.99
CA GLU E 232 11.63 -6.88 -50.80
C GLU E 232 12.67 -6.77 -51.90
N ALA E 233 12.27 -6.36 -53.11
CA ALA E 233 13.22 -6.15 -54.18
C ALA E 233 14.17 -4.99 -53.90
N ILE E 234 13.77 -4.04 -53.05
CA ILE E 234 14.64 -2.93 -52.70
C ILE E 234 15.46 -3.23 -51.45
N ARG E 235 14.83 -3.86 -50.44
CA ARG E 235 15.48 -4.12 -49.17
C ARG E 235 16.57 -5.18 -49.27
N SER E 236 16.47 -6.09 -50.25
CA SER E 236 17.49 -7.11 -50.46
C SER E 236 18.57 -6.67 -51.44
N ALA E 237 18.45 -5.46 -52.02
CA ALA E 237 19.42 -5.05 -53.03
C ALA E 237 20.80 -4.80 -52.45
N PRO E 238 20.98 -4.00 -51.40
CA PRO E 238 22.34 -3.84 -50.86
C PRO E 238 22.75 -5.10 -50.09
N ARG E 239 24.00 -5.50 -50.28
CA ARG E 239 24.55 -6.66 -49.62
C ARG E 239 25.82 -6.26 -48.87
N TRP E 240 26.10 -6.97 -47.77
CA TRP E 240 27.31 -6.67 -47.00
C TRP E 240 28.56 -6.86 -47.85
N GLU E 241 28.53 -7.78 -48.82
CA GLU E 241 29.66 -7.99 -49.70
C GLU E 241 29.88 -6.82 -50.66
N ASP E 242 28.85 -6.00 -50.87
CA ASP E 242 29.00 -4.81 -51.69
C ASP E 242 29.92 -3.79 -51.04
N PHE E 243 29.85 -3.67 -49.71
CA PHE E 243 30.75 -2.83 -48.92
C PHE E 243 30.70 -1.36 -49.35
N GLY E 244 31.80 -0.86 -49.90
CA GLY E 244 31.86 0.55 -50.26
C GLY E 244 30.88 0.93 -51.35
N ASN E 245 30.67 0.03 -52.31
CA ASN E 245 29.76 0.28 -53.43
C ASN E 245 28.38 -0.35 -53.16
N LYS E 246 27.75 0.10 -52.08
CA LYS E 246 26.38 -0.32 -51.81
C LYS E 246 25.36 0.52 -52.56
N MET E 247 25.76 1.68 -53.10
CA MET E 247 24.90 2.51 -53.93
C MET E 247 25.13 2.28 -55.42
N ARG E 248 26.38 2.11 -55.83
CA ARG E 248 26.70 1.91 -57.23
C ARG E 248 26.33 0.51 -57.69
N ASP E 249 26.70 -0.51 -56.91
CA ASP E 249 26.47 -1.91 -57.26
C ASP E 249 25.47 -2.57 -56.30
N GLY E 250 24.44 -1.82 -55.90
CA GLY E 250 23.44 -2.33 -54.99
C GLY E 250 22.04 -1.84 -55.28
N VAL E 251 21.80 -0.55 -55.05
CA VAL E 251 20.51 0.08 -55.34
C VAL E 251 20.41 0.51 -56.80
N VAL E 252 21.38 1.29 -57.28
CA VAL E 252 21.40 1.68 -58.68
C VAL E 252 21.66 0.46 -59.56
N GLY E 253 22.50 -0.46 -59.09
CA GLY E 253 22.80 -1.64 -59.88
C GLY E 253 21.62 -2.60 -60.00
N ARG E 254 20.89 -2.81 -58.91
CA ARG E 254 19.81 -3.78 -58.88
C ARG E 254 18.43 -3.12 -58.88
N ALA E 255 18.13 -2.30 -57.89
CA ALA E 255 16.77 -1.79 -57.68
C ALA E 255 16.58 -0.39 -58.26
N LEU E 256 17.12 -0.13 -59.45
CA LEU E 256 17.00 1.22 -60.03
C LEU E 256 15.56 1.55 -60.37
N LEU E 257 14.94 0.74 -61.22
CA LEU E 257 13.56 1.01 -61.64
C LEU E 257 12.59 0.94 -60.47
N GLU E 258 12.83 0.01 -59.53
CA GLU E 258 11.99 -0.07 -58.35
C GLU E 258 12.11 1.19 -57.49
N MET E 259 13.35 1.59 -57.21
CA MET E 259 13.59 2.79 -56.40
C MET E 259 13.03 4.03 -57.08
N ALA E 260 13.26 4.16 -58.39
CA ALA E 260 12.72 5.28 -59.14
C ALA E 260 11.19 5.32 -59.10
N ALA E 261 10.54 4.17 -58.88
CA ALA E 261 9.09 4.18 -58.75
C ALA E 261 8.66 4.77 -57.41
N ILE E 262 9.38 4.44 -56.34
CA ILE E 262 9.05 4.97 -55.02
C ILE E 262 9.36 6.46 -54.95
N GLY E 263 10.51 6.87 -55.49
CA GLY E 263 11.01 8.22 -55.33
C GLY E 263 10.25 9.28 -56.11
N SER E 264 9.55 8.89 -57.18
CA SER E 264 8.84 9.86 -58.00
C SER E 264 7.60 10.43 -57.29
N GLN E 265 7.06 9.72 -56.30
CA GLN E 265 5.90 10.24 -55.58
C GLN E 265 6.26 11.46 -54.73
N PHE E 266 7.53 11.70 -54.44
CA PHE E 266 7.95 12.90 -53.71
C PHE E 266 8.02 14.05 -54.70
N THR E 267 6.98 14.87 -54.73
CA THR E 267 6.91 16.03 -55.61
C THR E 267 6.61 17.28 -54.79
N VAL E 268 7.32 18.35 -55.07
CA VAL E 268 7.18 19.62 -54.37
C VAL E 268 6.49 20.60 -55.30
N LYS E 269 5.26 20.96 -54.98
CA LYS E 269 4.55 21.94 -55.77
C LYS E 269 5.28 23.29 -55.70
N PRO E 270 5.34 24.03 -56.81
CA PRO E 270 6.23 25.20 -56.86
C PRO E 270 5.69 26.43 -56.15
N ASP E 271 4.98 26.24 -55.05
CA ASP E 271 4.56 27.36 -54.21
C ASP E 271 5.63 27.65 -53.16
N GLU E 272 5.78 28.92 -52.82
CA GLU E 272 6.79 29.31 -51.84
C GLU E 272 6.48 28.78 -50.45
N ARG E 273 5.20 28.72 -50.07
CA ARG E 273 4.84 28.15 -48.78
C ARG E 273 4.74 26.63 -48.81
N GLU E 274 4.66 26.04 -50.01
CA GLU E 274 4.81 24.60 -50.16
C GLU E 274 6.27 24.17 -50.21
N LEU E 275 7.15 25.06 -50.68
CA LEU E 275 8.58 24.74 -50.72
C LEU E 275 9.15 24.57 -49.32
N GLN E 276 8.85 25.53 -48.43
CA GLN E 276 9.37 25.46 -47.06
C GLN E 276 8.72 24.33 -46.26
N ARG E 277 7.44 24.03 -46.56
CA ARG E 277 6.75 22.96 -45.84
C ARG E 277 7.40 21.61 -46.12
N ARG E 278 7.68 21.32 -47.39
CA ARG E 278 8.27 20.03 -47.76
C ARG E 278 9.73 19.95 -47.34
N THR E 279 10.45 21.08 -47.39
CA THR E 279 11.81 21.10 -46.86
C THR E 279 11.82 20.84 -45.36
N ALA E 280 10.79 21.34 -44.67
CA ALA E 280 10.62 21.01 -43.26
C ALA E 280 10.24 19.54 -43.07
N GLU E 281 9.47 18.98 -44.02
CA GLU E 281 9.15 17.56 -43.98
C GLU E 281 10.36 16.68 -44.21
N MET E 282 11.39 17.20 -44.89
CA MET E 282 12.60 16.42 -45.13
C MET E 282 13.48 16.35 -43.89
N ILE E 283 13.73 17.49 -43.24
CA ILE E 283 14.56 17.48 -42.04
C ILE E 283 13.94 16.58 -40.98
N SER E 284 12.61 16.59 -40.87
CA SER E 284 11.93 15.76 -39.88
C SER E 284 12.13 14.28 -40.16
N VAL E 285 12.14 13.90 -41.44
CA VAL E 285 12.33 12.51 -41.81
C VAL E 285 13.78 12.08 -41.60
N CYS E 286 14.73 12.97 -41.83
CA CYS E 286 16.14 12.64 -41.65
C CYS E 286 16.47 12.41 -40.18
N ALA E 287 15.93 13.23 -39.29
CA ALA E 287 16.12 13.01 -37.86
C ALA E 287 15.47 11.70 -37.42
N TYR E 288 14.31 11.37 -38.00
CA TYR E 288 13.63 10.12 -37.66
C TYR E 288 14.51 8.91 -37.96
N MET E 289 15.29 8.99 -39.04
CA MET E 289 16.22 7.94 -39.42
C MET E 289 17.31 7.78 -38.37
N ALA E 290 18.12 8.83 -38.19
CA ALA E 290 19.23 8.79 -37.25
C ALA E 290 18.78 8.65 -35.80
N GLY E 291 17.51 8.95 -35.51
CA GLY E 291 17.03 8.91 -34.14
C GLY E 291 16.27 7.67 -33.75
N ALA E 292 15.76 6.92 -34.72
CA ALA E 292 14.97 5.73 -34.43
C ALA E 292 15.59 4.45 -34.96
N SER E 293 16.75 4.51 -35.62
CA SER E 293 17.44 3.33 -36.12
C SER E 293 18.10 2.51 -35.01
N GLN E 294 17.48 2.45 -33.84
CA GLN E 294 18.03 1.74 -32.69
C GLN E 294 17.48 0.32 -32.63
N ARG E 295 18.26 -0.58 -31.99
CA ARG E 295 17.81 -1.95 -31.83
C ARG E 295 17.21 -2.14 -30.43
N PRO E 296 16.00 -2.67 -30.33
CA PRO E 296 15.42 -2.93 -29.01
C PRO E 296 16.29 -3.91 -28.21
N GLY E 297 16.68 -3.49 -27.01
CA GLY E 297 17.52 -4.31 -26.15
C GLY E 297 18.97 -3.86 -26.07
N ARG E 298 19.55 -3.49 -27.22
CA ARG E 298 20.92 -3.05 -27.30
C ARG E 298 21.07 -1.60 -26.86
N LYS E 299 22.31 -1.10 -26.93
CA LYS E 299 22.57 0.30 -26.64
C LYS E 299 21.98 1.16 -27.74
N ARG E 300 22.18 2.48 -27.60
CA ARG E 300 21.77 3.43 -28.60
C ARG E 300 23.00 4.03 -29.27
N LYS E 301 22.94 4.12 -30.60
CA LYS E 301 24.04 4.66 -31.40
C LYS E 301 23.52 5.06 -32.77
N ILE E 302 23.98 6.20 -33.27
CA ILE E 302 23.54 6.75 -34.55
C ILE E 302 24.21 6.00 -35.70
N ASP E 303 23.70 6.17 -36.92
CA ASP E 303 24.31 5.62 -38.13
C ASP E 303 25.15 6.68 -38.83
N PHE E 304 26.29 6.26 -39.36
CA PHE E 304 27.23 7.15 -40.02
C PHE E 304 26.64 7.81 -41.26
N PHE E 305 25.63 7.20 -41.88
CA PHE E 305 25.06 7.74 -43.11
C PHE E 305 23.73 8.45 -42.89
N TYR E 306 22.88 7.95 -41.98
CA TYR E 306 21.67 8.69 -41.64
C TYR E 306 22.00 10.08 -41.13
N MET E 307 23.14 10.23 -40.43
CA MET E 307 23.51 11.53 -39.88
C MET E 307 23.96 12.49 -40.97
N HIS E 308 24.54 11.98 -42.05
CA HIS E 308 24.87 12.82 -43.20
C HIS E 308 23.59 13.34 -43.88
N THR E 309 22.49 12.58 -43.81
CA THR E 309 21.22 13.07 -44.33
C THR E 309 20.69 14.22 -43.50
N LEU E 310 20.97 14.22 -42.19
CA LEU E 310 20.52 15.28 -41.30
C LEU E 310 21.45 16.48 -41.31
N THR E 311 22.76 16.27 -41.53
CA THR E 311 23.70 17.39 -41.48
C THR E 311 23.50 18.33 -42.66
N SER E 312 23.21 17.78 -43.84
CA SER E 312 23.03 18.61 -45.03
C SER E 312 21.66 19.28 -45.10
N SER E 313 20.71 18.90 -44.23
CA SER E 313 19.37 19.45 -44.31
C SER E 313 19.37 20.95 -44.03
N LEU E 314 20.26 21.40 -43.14
CA LEU E 314 20.33 22.83 -42.82
C LEU E 314 20.77 23.64 -44.03
N PHE E 315 21.64 23.07 -44.87
CA PHE E 315 22.19 23.81 -46.00
C PHE E 315 21.21 23.89 -47.17
N PHE E 316 20.22 22.99 -47.23
CA PHE E 316 19.12 23.15 -48.17
C PHE E 316 18.11 24.20 -47.70
N SER E 317 18.11 24.53 -46.41
CA SER E 317 17.33 25.68 -45.96
C SER E 317 17.98 26.98 -46.42
N VAL E 318 19.30 26.97 -46.60
CA VAL E 318 20.00 28.12 -47.16
C VAL E 318 19.59 28.33 -48.60
N LEU E 319 19.54 27.25 -49.38
CA LEU E 319 19.31 27.38 -50.82
C LEU E 319 17.89 27.82 -51.14
N ILE E 320 16.90 27.33 -50.39
CA ILE E 320 15.51 27.72 -50.64
C ILE E 320 15.24 29.16 -50.24
N ARG E 321 16.16 29.79 -49.52
CA ARG E 321 16.04 31.19 -49.15
C ARG E 321 16.80 32.12 -50.09
N GLN E 322 17.65 31.59 -50.96
CA GLN E 322 18.41 32.40 -51.91
C GLN E 322 17.49 32.87 -53.04
N ASP E 323 17.44 34.18 -53.26
CA ASP E 323 16.56 34.75 -54.28
C ASP E 323 17.12 34.59 -55.69
N TRP E 324 18.45 34.52 -55.82
CA TRP E 324 19.10 34.42 -57.12
C TRP E 324 18.89 33.06 -57.79
N ILE E 325 18.29 32.09 -57.10
CA ILE E 325 17.98 30.79 -57.67
C ILE E 325 16.50 30.77 -58.02
N SER E 326 16.18 30.29 -59.23
CA SER E 326 14.80 30.23 -59.66
C SER E 326 14.00 29.27 -58.79
N LEU E 327 12.69 29.53 -58.69
CA LEU E 327 11.83 28.71 -57.83
C LEU E 327 11.71 27.28 -58.34
N ALA E 328 11.92 27.03 -59.63
CA ALA E 328 11.87 25.67 -60.15
C ALA E 328 13.14 24.90 -59.82
N ASP E 329 14.29 25.58 -59.78
CA ASP E 329 15.53 24.92 -59.40
C ASP E 329 15.59 24.70 -57.90
N ARG E 330 15.12 25.67 -57.11
CA ARG E 330 15.03 25.49 -55.66
C ARG E 330 14.11 24.32 -55.33
N VAL E 331 12.94 24.27 -55.97
CA VAL E 331 12.06 23.10 -55.81
C VAL E 331 12.76 21.84 -56.29
N ARG E 332 13.53 21.95 -57.38
CA ARG E 332 14.25 20.79 -57.89
C ARG E 332 15.22 20.25 -56.85
N LEU E 333 15.83 21.14 -56.06
CA LEU E 333 16.83 20.71 -55.09
C LEU E 333 16.20 19.88 -53.98
N VAL E 334 15.06 20.34 -53.47
CA VAL E 334 14.36 19.62 -52.40
C VAL E 334 13.89 18.25 -52.90
N GLU E 335 13.57 18.14 -54.19
CA GLU E 335 13.08 16.88 -54.73
C GLU E 335 14.20 15.86 -54.89
N TRP E 336 15.33 16.28 -55.48
CA TRP E 336 16.47 15.37 -55.59
C TRP E 336 17.00 14.98 -54.21
N LYS E 337 17.02 15.93 -53.27
CA LYS E 337 17.46 15.61 -51.92
C LYS E 337 16.54 14.57 -51.28
N GLY E 338 15.23 14.77 -51.40
CA GLY E 338 14.29 13.83 -50.79
C GLY E 338 14.30 12.47 -51.45
N ARG E 339 14.64 12.41 -52.74
CA ARG E 339 14.66 11.13 -53.43
C ARG E 339 15.92 10.33 -53.13
N LEU E 340 17.05 11.00 -52.94
CA LEU E 340 18.27 10.29 -52.59
C LEU E 340 18.28 9.88 -51.12
N ASP E 341 17.62 10.65 -50.26
CA ASP E 341 17.49 10.24 -48.87
C ASP E 341 16.80 8.89 -48.76
N LEU E 342 15.86 8.61 -49.67
CA LEU E 342 15.22 7.30 -49.71
C LEU E 342 16.24 6.21 -50.05
N ALA E 343 17.15 6.49 -50.98
CA ALA E 343 18.15 5.49 -51.35
C ALA E 343 19.08 5.18 -50.19
N TRP E 344 19.42 6.19 -49.38
CA TRP E 344 20.33 5.96 -48.27
C TRP E 344 19.66 5.15 -47.16
N TYR E 345 18.36 5.34 -46.96
CA TYR E 345 17.63 4.50 -46.02
C TYR E 345 17.76 3.02 -46.39
N VAL E 346 17.87 2.73 -47.68
CA VAL E 346 18.06 1.35 -48.13
C VAL E 346 19.52 0.91 -48.04
N VAL E 347 20.48 1.81 -48.28
CA VAL E 347 21.89 1.45 -48.26
C VAL E 347 22.30 0.95 -46.87
N SER E 348 21.91 1.68 -45.82
CA SER E 348 22.25 1.25 -44.48
C SER E 348 21.53 -0.04 -44.09
N GLY E 349 20.38 -0.31 -44.69
CA GLY E 349 19.71 -1.58 -44.44
C GLY E 349 18.23 -1.50 -44.14
N SER E 350 17.61 -0.34 -44.34
CA SER E 350 16.18 -0.15 -44.12
C SER E 350 15.80 -0.47 -42.67
N ALA E 351 16.56 0.11 -41.75
CA ALA E 351 16.41 -0.22 -40.33
C ALA E 351 15.04 0.17 -39.81
N GLU E 352 14.43 -0.73 -39.05
CA GLU E 352 13.10 -0.48 -38.51
C GLU E 352 13.13 0.72 -37.57
N LEU E 353 12.30 1.72 -37.87
CA LEU E 353 12.26 2.97 -37.12
C LEU E 353 11.01 2.99 -36.24
N HIS E 354 11.20 2.78 -34.93
CA HIS E 354 10.13 2.90 -33.96
C HIS E 354 10.26 4.23 -33.23
N ASP E 355 9.12 4.92 -33.06
CA ASP E 355 9.13 6.23 -32.42
C ASP E 355 9.49 6.15 -30.93
N ASP E 356 9.42 4.96 -30.33
CA ASP E 356 9.59 4.86 -28.88
C ASP E 356 11.01 5.17 -28.44
N ALA E 357 12.00 4.90 -29.29
CA ALA E 357 13.39 5.13 -28.90
C ALA E 357 13.70 6.60 -28.68
N ILE E 358 13.04 7.50 -29.43
CA ILE E 358 13.30 8.91 -29.28
C ILE E 358 12.37 9.60 -28.28
N THR E 359 11.29 8.95 -27.88
CA THR E 359 10.37 9.55 -26.91
C THR E 359 10.73 9.19 -25.47
N ASP E 360 11.21 7.96 -25.24
CA ASP E 360 11.59 7.52 -23.91
C ASP E 360 13.11 7.43 -23.81
N TYR E 361 13.79 8.56 -23.97
CA TYR E 361 15.25 8.62 -23.96
C TYR E 361 15.72 9.40 -22.74
N HIS E 362 16.50 8.74 -21.88
CA HIS E 362 17.05 9.37 -20.69
C HIS E 362 18.49 8.93 -20.46
N ASP E 363 19.35 9.89 -20.15
CA ASP E 363 20.72 9.64 -19.75
C ASP E 363 21.15 10.81 -18.87
N ASP E 364 21.78 10.50 -17.74
CA ASP E 364 22.04 11.52 -16.73
C ASP E 364 22.94 12.64 -17.24
N PHE E 365 23.89 12.31 -18.12
CA PHE E 365 24.88 13.31 -18.55
C PHE E 365 24.23 14.49 -19.25
N SER E 366 23.15 14.26 -20.00
CA SER E 366 22.49 15.30 -20.77
C SER E 366 21.00 15.36 -20.45
N ALA E 367 20.62 14.97 -19.23
CA ALA E 367 19.21 14.85 -18.88
C ALA E 367 18.52 16.22 -18.83
N ASP E 368 19.24 17.27 -18.43
CA ASP E 368 18.66 18.60 -18.27
C ASP E 368 19.35 19.63 -19.18
N MET E 369 20.13 19.18 -20.16
CA MET E 369 20.83 20.08 -21.07
C MET E 369 19.86 20.69 -22.08
N GLY E 370 19.93 22.01 -22.24
CA GLY E 370 19.24 22.70 -23.30
C GLY E 370 20.11 22.85 -24.53
N TRP E 371 19.68 23.74 -25.43
CA TRP E 371 20.47 23.97 -26.65
C TRP E 371 21.80 24.63 -26.33
N LYS E 372 21.82 25.53 -25.33
CA LYS E 372 23.03 26.27 -25.03
C LYS E 372 24.13 25.35 -24.52
N GLU E 373 23.78 24.42 -23.62
CA GLU E 373 24.78 23.51 -23.07
C GLU E 373 25.31 22.56 -24.14
N LEU E 374 24.40 21.98 -24.94
CA LEU E 374 24.81 21.10 -26.02
C LEU E 374 25.81 21.77 -26.95
N TYR E 375 25.58 23.05 -27.28
CA TYR E 375 26.55 23.80 -28.07
C TYR E 375 27.91 23.83 -27.38
N ALA E 376 27.92 24.21 -26.09
CA ALA E 376 29.18 24.41 -25.39
C ALA E 376 29.95 23.10 -25.23
N ALA E 377 29.25 22.02 -24.88
CA ALA E 377 29.93 20.74 -24.69
C ALA E 377 30.35 20.14 -26.02
N VAL E 378 29.63 20.44 -27.10
CA VAL E 378 30.01 19.93 -28.41
C VAL E 378 31.14 20.76 -29.02
N ASN E 379 31.35 21.99 -28.57
CA ASN E 379 32.45 22.79 -29.13
C ASN E 379 33.80 22.33 -28.60
N LYS E 380 33.82 21.78 -27.39
CA LYS E 380 35.05 21.33 -26.76
C LYS E 380 35.36 19.86 -27.04
N GLU E 381 34.35 19.04 -27.32
CA GLU E 381 34.59 17.64 -27.62
C GLU E 381 35.39 17.49 -28.91
N HIS E 382 36.41 16.64 -28.88
CA HIS E 382 37.23 16.39 -30.05
C HIS E 382 36.48 15.46 -31.00
N ASP E 383 36.24 15.92 -32.22
CA ASP E 383 35.62 15.09 -33.24
C ASP E 383 35.96 15.67 -34.61
N ASP E 384 35.29 15.16 -35.64
CA ASP E 384 35.50 15.55 -37.03
C ASP E 384 34.77 16.83 -37.42
N GLY E 385 33.77 17.24 -36.63
CA GLY E 385 32.84 18.28 -37.03
C GLY E 385 31.47 17.75 -37.37
N HIS E 386 31.23 16.46 -37.13
CA HIS E 386 29.97 15.79 -37.41
C HIS E 386 28.99 15.94 -36.25
N VAL E 387 29.43 15.67 -35.02
CA VAL E 387 28.53 15.73 -33.88
C VAL E 387 28.05 17.15 -33.62
N ALA E 388 28.84 18.15 -34.00
CA ALA E 388 28.46 19.55 -33.80
C ALA E 388 27.48 19.99 -34.88
N MET E 390 25.31 17.87 -36.37
CA MET E 390 24.04 17.20 -36.06
C MET E 390 23.20 18.06 -35.12
N ILE E 391 23.84 18.57 -34.07
CA ILE E 391 23.13 19.44 -33.13
C ILE E 391 22.78 20.77 -33.77
N ARG E 392 23.55 21.17 -34.79
CA ARG E 392 23.26 22.42 -35.50
C ARG E 392 22.00 22.30 -36.35
N ALA E 393 21.81 21.17 -37.02
CA ALA E 393 20.71 21.04 -37.96
C ALA E 393 19.39 20.73 -37.27
N LEU E 394 19.43 20.03 -36.14
CA LEU E 394 18.21 19.76 -35.38
C LEU E 394 17.61 21.05 -34.82
N LYS E 395 18.45 22.03 -34.46
CA LYS E 395 17.92 23.32 -34.05
C LYS E 395 17.24 24.03 -35.21
N ASN E 396 17.84 23.94 -36.41
CA ASN E 396 17.21 24.50 -37.61
C ASN E 396 15.91 23.78 -37.95
N GLY E 397 15.88 22.46 -37.73
CA GLY E 397 14.66 21.72 -38.00
C GLY E 397 13.53 22.10 -37.07
N GLN E 398 13.84 22.35 -35.80
CA GLN E 398 12.81 22.72 -34.84
C GLN E 398 12.18 24.07 -35.17
N GLU E 399 12.97 25.01 -35.67
CA GLU E 399 12.47 26.34 -35.99
C GLU E 399 11.65 26.33 -37.28
N ALA E 400 12.19 25.72 -38.34
CA ALA E 400 11.56 25.78 -39.66
C ALA E 400 10.40 24.82 -39.82
N ALA E 401 10.18 23.91 -38.88
CA ALA E 401 9.04 23.01 -38.94
C ALA E 401 7.89 23.43 -38.04
N ARG E 402 8.13 24.31 -37.08
CA ARG E 402 7.14 24.71 -36.08
C ARG E 402 5.89 25.37 -36.65
N PRO E 403 5.98 26.25 -37.66
CA PRO E 403 4.73 26.78 -38.24
C PRO E 403 3.82 25.71 -38.81
N PHE E 404 4.37 24.64 -39.36
CA PHE E 404 3.60 23.58 -40.01
C PHE E 404 3.45 22.32 -39.17
N GLU E 405 4.12 22.25 -38.00
CA GLU E 405 4.20 21.00 -37.25
C GLU E 405 2.82 20.47 -36.88
N ALA E 406 1.99 21.32 -36.28
CA ALA E 406 0.67 20.88 -35.85
C ALA E 406 -0.30 20.72 -37.01
N GLU E 407 -0.03 21.33 -38.17
CA GLU E 407 -1.00 21.32 -39.25
C GLU E 407 -1.02 19.96 -39.95
N TYR E 408 0.15 19.37 -40.19
CA TYR E 408 0.26 18.06 -40.83
C TYR E 408 1.05 17.12 -39.91
N PRO E 409 0.42 16.62 -38.84
CA PRO E 409 1.15 15.78 -37.89
C PRO E 409 1.48 14.39 -38.40
N ASP E 410 1.02 14.03 -39.61
CA ASP E 410 1.29 12.73 -40.17
C ASP E 410 2.51 12.72 -41.09
N ALA E 411 3.00 13.89 -41.50
CA ALA E 411 4.17 13.95 -42.38
C ALA E 411 5.45 14.32 -41.64
N PHE E 412 5.36 14.81 -40.40
CA PHE E 412 6.51 15.14 -39.57
C PHE E 412 6.63 14.10 -38.46
N PRO E 413 7.46 13.07 -38.64
CA PRO E 413 7.66 12.08 -37.56
C PRO E 413 8.42 12.63 -36.36
N VAL E 414 9.00 13.81 -36.47
CA VAL E 414 9.76 14.45 -35.38
C VAL E 414 9.09 15.79 -35.09
N LYS E 415 8.37 15.87 -33.96
CA LYS E 415 7.64 17.07 -33.62
C LYS E 415 7.93 17.50 -32.18
N GLY E 416 7.97 18.81 -31.96
CA GLY E 416 7.98 19.37 -30.63
C GLY E 416 9.24 19.15 -29.83
N ASP E 417 9.14 18.37 -28.75
CA ASP E 417 10.25 18.16 -27.85
C ASP E 417 11.21 17.09 -28.31
N MET E 418 10.87 16.34 -29.37
CA MET E 418 11.71 15.24 -29.83
C MET E 418 13.00 15.74 -30.49
N TRP E 419 12.99 16.96 -31.03
CA TRP E 419 14.20 17.54 -31.60
C TRP E 419 15.34 17.55 -30.60
N LEU E 420 15.02 17.81 -29.33
CA LEU E 420 16.04 17.93 -28.29
C LEU E 420 16.52 16.56 -27.81
N LYS E 421 15.63 15.56 -27.82
CA LYS E 421 16.03 14.21 -27.43
C LYS E 421 17.10 13.65 -28.37
N ILE E 422 16.94 13.89 -29.67
CA ILE E 422 17.92 13.39 -30.64
C ILE E 422 19.25 14.11 -30.45
N ALA E 423 19.21 15.42 -30.22
CA ALA E 423 20.44 16.19 -30.04
C ALA E 423 21.22 15.67 -28.85
N ARG E 424 20.54 15.43 -27.73
CA ARG E 424 21.20 14.81 -26.59
C ARG E 424 21.75 13.44 -26.96
N MET E 425 20.98 12.68 -27.75
CA MET E 425 21.44 11.37 -28.21
C MET E 425 22.70 11.48 -29.05
N ALA E 426 22.87 12.57 -29.79
CA ALA E 426 24.07 12.76 -30.57
C ALA E 426 25.29 12.95 -29.66
N LEU E 427 25.14 13.75 -28.61
CA LEU E 427 26.25 13.99 -27.69
C LEU E 427 26.50 12.80 -26.78
N ASP E 428 25.44 12.05 -26.42
CA ASP E 428 25.62 10.96 -25.46
C ASP E 428 26.28 9.75 -26.11
N THR E 429 25.91 9.41 -27.35
CA THR E 429 26.40 8.23 -28.03
C THR E 429 27.70 8.46 -28.81
N THR E 430 28.27 9.67 -28.71
CA THR E 430 29.56 9.94 -29.34
C THR E 430 30.61 10.52 -28.39
N LYS E 431 30.22 10.98 -27.20
CA LYS E 431 31.20 11.33 -26.18
C LYS E 431 31.81 10.05 -25.60
N ASP E 432 33.04 10.18 -25.10
CA ASP E 432 33.77 9.04 -24.54
C ASP E 432 33.87 7.90 -25.55
N TRP E 433 34.10 8.26 -26.83
CA TRP E 433 34.22 7.31 -27.92
C TRP E 433 35.13 7.88 -28.99
N PRO E 434 35.99 7.06 -29.60
CA PRO E 434 36.83 7.55 -30.69
C PRO E 434 36.01 7.86 -31.93
N THR E 435 36.61 8.66 -32.82
CA THR E 435 35.92 9.09 -34.04
C THR E 435 35.48 7.89 -34.88
N ASP E 436 36.31 6.83 -34.92
CA ASP E 436 35.95 5.62 -35.65
C ASP E 436 34.86 4.83 -34.95
N GLN E 437 34.70 5.00 -33.63
CA GLN E 437 33.67 4.30 -32.88
C GLN E 437 32.54 5.23 -32.43
N LYS E 438 32.52 6.48 -32.92
CA LYS E 438 31.43 7.39 -32.57
C LYS E 438 30.10 6.91 -33.14
N PHE E 439 30.10 6.51 -34.40
CA PHE E 439 28.88 6.10 -35.09
C PHE E 439 29.03 4.68 -35.61
N VAL E 440 27.88 4.05 -35.85
CA VAL E 440 27.80 2.75 -36.49
C VAL E 440 27.68 2.95 -37.99
N MET E 441 28.35 2.09 -38.75
CA MET E 441 28.16 2.01 -40.20
C MET E 441 27.19 0.87 -40.50
N PHE E 442 26.09 1.19 -41.17
CA PHE E 442 25.04 0.24 -41.56
C PHE E 442 24.38 -0.38 -40.33
N THR E 443 23.61 0.47 -39.64
CA THR E 443 22.86 0.04 -38.47
C THR E 443 21.80 -1.01 -38.80
N GLY E 444 21.30 -1.01 -40.04
CA GLY E 444 20.35 -2.04 -40.44
C GLY E 444 20.96 -3.41 -40.64
N PHE E 445 22.21 -3.47 -41.08
CA PHE E 445 22.87 -4.75 -41.27
C PHE E 445 23.21 -5.37 -39.91
N ASP E 446 22.71 -6.58 -39.67
CA ASP E 446 23.08 -7.31 -38.47
C ASP E 446 24.57 -7.59 -38.41
N MET E 447 25.26 -7.59 -39.56
CA MET E 447 26.71 -7.78 -39.53
C MET E 447 27.44 -6.53 -39.04
N GLY E 448 26.86 -5.35 -39.23
CA GLY E 448 27.45 -4.13 -38.73
C GLY E 448 27.52 -4.05 -37.22
N TRP E 449 26.64 -4.77 -36.51
CA TRP E 449 26.65 -4.78 -35.05
C TRP E 449 27.41 -5.95 -34.46
N LYS E 450 27.58 -7.04 -35.21
CA LYS E 450 28.22 -8.23 -34.66
C LYS E 450 29.74 -8.05 -34.50
N ILE E 451 30.39 -7.38 -35.45
CA ILE E 451 31.84 -7.35 -35.44
C ILE E 451 32.39 -6.26 -34.52
N ARG E 452 31.61 -5.24 -34.17
CA ARG E 452 32.10 -4.17 -33.33
C ARG E 452 31.90 -4.52 -31.86
N PRO E 453 32.98 -4.59 -31.06
CA PRO E 453 32.79 -4.97 -29.65
C PRO E 453 32.09 -3.89 -28.84
N ASP E 454 32.43 -2.62 -29.07
CA ASP E 454 31.84 -1.53 -28.30
C ASP E 454 30.32 -1.50 -28.44
N LEU E 455 29.76 -2.12 -29.47
CA LEU E 455 28.32 -2.23 -29.63
C LEU E 455 27.82 -3.37 -28.76
N ALA E 456 27.25 -3.02 -27.61
CA ALA E 456 26.71 -4.02 -26.70
C ALA E 456 25.51 -3.45 -25.97
#